data_8B2H
# 
_entry.id   8B2H 
# 
_audit_conform.dict_name       mmcif_pdbx.dic 
_audit_conform.dict_version    5.398 
_audit_conform.dict_location   http://mmcif.pdb.org/dictionaries/ascii/mmcif_pdbx.dic 
# 
loop_
_database_2.database_id 
_database_2.database_code 
_database_2.pdbx_database_accession 
_database_2.pdbx_DOI 
PDB   8B2H         pdb_00008b2h 10.2210/pdb8b2h/pdb 
WWPDB D_1292124608 ?            ?                   
# 
loop_
_pdbx_audit_revision_history.ordinal 
_pdbx_audit_revision_history.data_content_type 
_pdbx_audit_revision_history.major_revision 
_pdbx_audit_revision_history.minor_revision 
_pdbx_audit_revision_history.revision_date 
1 'Structure model' 1 0 2023-07-19 
2 'Structure model' 1 1 2023-08-09 
3 'Structure model' 1 2 2024-02-07 
4 'Structure model' 1 3 2024-11-06 
# 
_pdbx_audit_revision_details.ordinal             1 
_pdbx_audit_revision_details.revision_ordinal    1 
_pdbx_audit_revision_details.data_content_type   'Structure model' 
_pdbx_audit_revision_details.provider            repository 
_pdbx_audit_revision_details.type                'Initial release' 
_pdbx_audit_revision_details.description         ? 
_pdbx_audit_revision_details.details             ? 
# 
loop_
_pdbx_audit_revision_group.ordinal 
_pdbx_audit_revision_group.revision_ordinal 
_pdbx_audit_revision_group.data_content_type 
_pdbx_audit_revision_group.group 
1 2 'Structure model' 'Data collection'        
2 2 'Structure model' 'Database references'    
3 3 'Structure model' 'Data collection'        
4 3 'Structure model' 'Refinement description' 
5 4 'Structure model' 'Structure summary'      
# 
loop_
_pdbx_audit_revision_category.ordinal 
_pdbx_audit_revision_category.revision_ordinal 
_pdbx_audit_revision_category.data_content_type 
_pdbx_audit_revision_category.category 
1 2 'Structure model' citation                      
2 2 'Structure model' diffrn_source                 
3 3 'Structure model' chem_comp_atom                
4 3 'Structure model' chem_comp_bond                
5 3 'Structure model' pdbx_initial_refinement_model 
6 4 'Structure model' pdbx_entry_details            
7 4 'Structure model' pdbx_modification_feature     
# 
loop_
_pdbx_audit_revision_item.ordinal 
_pdbx_audit_revision_item.revision_ordinal 
_pdbx_audit_revision_item.data_content_type 
_pdbx_audit_revision_item.item 
1 2 'Structure model' '_citation.journal_volume'                     
2 2 'Structure model' '_citation.page_first'                         
3 2 'Structure model' '_citation.page_last'                          
4 2 'Structure model' '_diffrn_source.pdbx_synchrotron_site'         
5 4 'Structure model' '_pdbx_entry_details.has_protein_modification' 
# 
_pdbx_database_status.status_code                     REL 
_pdbx_database_status.status_code_sf                  REL 
_pdbx_database_status.status_code_mr                  ? 
_pdbx_database_status.entry_id                        8B2H 
_pdbx_database_status.recvd_initial_deposition_date   2022-09-13 
_pdbx_database_status.SG_entry                        N 
_pdbx_database_status.deposit_site                    PDBE 
_pdbx_database_status.process_site                    PDBE 
_pdbx_database_status.status_code_cs                  ? 
_pdbx_database_status.status_code_nmr_data            ? 
_pdbx_database_status.methods_development_category    ? 
_pdbx_database_status.pdb_format_compatible           Y 
# 
_pdbx_contact_author.id                 3 
_pdbx_contact_author.email              keith.wilson@york.ac.uk 
_pdbx_contact_author.name_first         Keith 
_pdbx_contact_author.name_last          Wilson 
_pdbx_contact_author.name_mi            S 
_pdbx_contact_author.role               'principal investigator/group leader' 
_pdbx_contact_author.identifier_ORCID   0000-0002-3581-2194 
# 
loop_
_audit_author.name 
_audit_author.pdbx_ordinal 
_audit_author.identifier_ORCID 
'Moroz, O.V.'       1  ? 
'Blagova, E.'       2  ? 
'Lebedev, A.A.'     3  ? 
'Skov, L.K.'        4  ? 
'Pache, R.A.'       5  ? 
'Schnorr, K.M.'     6  ? 
'Kiemer, L.'        7  ? 
'Nymand-Grarup, S.' 8  ? 
'Ming, L.'          9  ? 
'Ye, L.'            10 ? 
'Klausen, M.'       11 ? 
'Cohn, M.T.'        12 ? 
'Schmidt, E.G.W.'   13 ? 
'Davies, G.J.'      14 ? 
'Wilson, K.S.'      15 ? 
# 
_citation.abstract                  ? 
_citation.abstract_id_CAS           ? 
_citation.book_id_ISBN              ? 
_citation.book_publisher            ? 
_citation.book_publisher_city       ? 
_citation.book_title                ? 
_citation.coordinate_linkage        ? 
_citation.country                   ? 
_citation.database_id_Medline       ? 
_citation.details                   ? 
_citation.id                        primary 
_citation.journal_abbrev            'Acta Crystallogr D Struct Biol' 
_citation.journal_id_ASTM           ? 
_citation.journal_id_CSD            ? 
_citation.journal_id_ISSN           2059-7983 
_citation.journal_full              ? 
_citation.journal_issue             ? 
_citation.journal_volume            79 
_citation.language                  ? 
_citation.page_first                706 
_citation.page_last                 720 
_citation.title                     
'Module walking using an SH3-like cell-wall-binding domain leads to a new GH184 family of muramidases.' 
_citation.year                      2023 
_citation.database_id_CSD           ? 
_citation.pdbx_database_id_DOI      10.1107/S2059798323005004 
_citation.pdbx_database_id_PubMed   37428847 
_citation.pdbx_database_id_patent   ? 
_citation.unpublished_flag          ? 
# 
loop_
_citation_author.citation_id 
_citation_author.name 
_citation_author.ordinal 
_citation_author.identifier_ORCID 
primary 'Moroz, O.V.'       1  0000-0002-0354-6119 
primary 'Blagova, E.'       2  0000-0002-2041-3043 
primary 'Lebedev, A.A.'     3  0000-0003-2261-0945 
primary 'Skov, L.K.'        4  ?                   
primary 'Pache, R.A.'       5  0000-0002-4723-6729 
primary 'Schnorr, K.M.'     6  0000-0002-2694-6772 
primary 'Kiemer, L.'        7  ?                   
primary 'Friis, E.P.'       8  ?                   
primary 'Nymand-Grarup, S.' 9  ?                   
primary 'Ming, L.'          10 ?                   
primary 'Ye, L.'            11 ?                   
primary 'Klausen, M.'       12 ?                   
primary 'Cohn, M.T.'        13 ?                   
primary 'Schmidt, E.G.W.'   14 ?                   
primary 'Davies, G.J.'      15 0000-0002-7343-776X 
primary 'Wilson, K.S.'      16 0000-0002-3581-2194 
# 
loop_
_entity.id 
_entity.type 
_entity.src_method 
_entity.pdbx_description 
_entity.formula_weight 
_entity.pdbx_number_of_molecules 
_entity.pdbx_ec 
_entity.pdbx_mutation 
_entity.pdbx_fragment 
_entity.details 
1 polymer     man 'SH3b domain-containing protein' 23861.832 1  ? ? ? ? 
2 non-polymer syn 1,2-ETHANEDIOL                   62.068    1  ? ? ? ? 
3 non-polymer syn 'ZINC ION'                       65.409    2  ? ? ? ? 
4 water       nat water                            18.015    40 ? ? ? ? 
# 
_entity_poly.entity_id                      1 
_entity_poly.type                           'polypeptide(L)' 
_entity_poly.nstd_linkage                   no 
_entity_poly.nstd_monomer                   no 
_entity_poly.pdbx_seq_one_letter_code       
;YPVKADTLNCRSGPGTSYKVIKTYKKGTDLKITCQTPGTSVNGDNLWDKTSDGCYVADYYVKTGTSGYVTAHCDAGSGSG
SSGGGNLPGLNSVQSSHARAIIGEAKKEGVGRHGCEAGIATALVESNILIYANKAVPASLKYPHDAVGSDHDSVGIFQQR
AKYYPNIAADMDPARSAAQFFAKMKGIKGWQSMAVGTLCQKVQGSAYPDRYAKRVSEATKICQAGGL
;
_entity_poly.pdbx_seq_one_letter_code_can   
;YPVKADTLNCRSGPGTSYKVIKTYKKGTDLKITCQTPGTSVNGDNLWDKTSDGCYVADYYVKTGTSGYVTAHCDAGSGSG
SSGGGNLPGLNSVQSSHARAIIGEAKKEGVGRHGCEAGIATALVESNILIYANKAVPASLKYPHDAVGSDHDSVGIFQQR
AKYYPNIAADMDPARSAAQFFAKMKGIKGWQSMAVGTLCQKVQGSAYPDRYAKRVSEATKICQAGGL
;
_entity_poly.pdbx_strand_id                 A 
_entity_poly.pdbx_target_identifier         ? 
# 
loop_
_pdbx_entity_nonpoly.entity_id 
_pdbx_entity_nonpoly.name 
_pdbx_entity_nonpoly.comp_id 
2 1,2-ETHANEDIOL EDO 
3 'ZINC ION'     ZN  
4 water          HOH 
# 
loop_
_entity_poly_seq.entity_id 
_entity_poly_seq.num 
_entity_poly_seq.mon_id 
_entity_poly_seq.hetero 
1 1   TYR n 
1 2   PRO n 
1 3   VAL n 
1 4   LYS n 
1 5   ALA n 
1 6   ASP n 
1 7   THR n 
1 8   LEU n 
1 9   ASN n 
1 10  CYS n 
1 11  ARG n 
1 12  SER n 
1 13  GLY n 
1 14  PRO n 
1 15  GLY n 
1 16  THR n 
1 17  SER n 
1 18  TYR n 
1 19  LYS n 
1 20  VAL n 
1 21  ILE n 
1 22  LYS n 
1 23  THR n 
1 24  TYR n 
1 25  LYS n 
1 26  LYS n 
1 27  GLY n 
1 28  THR n 
1 29  ASP n 
1 30  LEU n 
1 31  LYS n 
1 32  ILE n 
1 33  THR n 
1 34  CYS n 
1 35  GLN n 
1 36  THR n 
1 37  PRO n 
1 38  GLY n 
1 39  THR n 
1 40  SER n 
1 41  VAL n 
1 42  ASN n 
1 43  GLY n 
1 44  ASP n 
1 45  ASN n 
1 46  LEU n 
1 47  TRP n 
1 48  ASP n 
1 49  LYS n 
1 50  THR n 
1 51  SER n 
1 52  ASP n 
1 53  GLY n 
1 54  CYS n 
1 55  TYR n 
1 56  VAL n 
1 57  ALA n 
1 58  ASP n 
1 59  TYR n 
1 60  TYR n 
1 61  VAL n 
1 62  LYS n 
1 63  THR n 
1 64  GLY n 
1 65  THR n 
1 66  SER n 
1 67  GLY n 
1 68  TYR n 
1 69  VAL n 
1 70  THR n 
1 71  ALA n 
1 72  HIS n 
1 73  CYS n 
1 74  ASP n 
1 75  ALA n 
1 76  GLY n 
1 77  SER n 
1 78  GLY n 
1 79  SER n 
1 80  GLY n 
1 81  SER n 
1 82  SER n 
1 83  GLY n 
1 84  GLY n 
1 85  GLY n 
1 86  ASN n 
1 87  LEU n 
1 88  PRO n 
1 89  GLY n 
1 90  LEU n 
1 91  ASN n 
1 92  SER n 
1 93  VAL n 
1 94  GLN n 
1 95  SER n 
1 96  SER n 
1 97  HIS n 
1 98  ALA n 
1 99  ARG n 
1 100 ALA n 
1 101 ILE n 
1 102 ILE n 
1 103 GLY n 
1 104 GLU n 
1 105 ALA n 
1 106 LYS n 
1 107 LYS n 
1 108 GLU n 
1 109 GLY n 
1 110 VAL n 
1 111 GLY n 
1 112 ARG n 
1 113 HIS n 
1 114 GLY n 
1 115 CYS n 
1 116 GLU n 
1 117 ALA n 
1 118 GLY n 
1 119 ILE n 
1 120 ALA n 
1 121 THR n 
1 122 ALA n 
1 123 LEU n 
1 124 VAL n 
1 125 GLU n 
1 126 SER n 
1 127 ASN n 
1 128 ILE n 
1 129 LEU n 
1 130 ILE n 
1 131 TYR n 
1 132 ALA n 
1 133 ASN n 
1 134 LYS n 
1 135 ALA n 
1 136 VAL n 
1 137 PRO n 
1 138 ALA n 
1 139 SER n 
1 140 LEU n 
1 141 LYS n 
1 142 TYR n 
1 143 PRO n 
1 144 HIS n 
1 145 ASP n 
1 146 ALA n 
1 147 VAL n 
1 148 GLY n 
1 149 SER n 
1 150 ASP n 
1 151 HIS n 
1 152 ASP n 
1 153 SER n 
1 154 VAL n 
1 155 GLY n 
1 156 ILE n 
1 157 PHE n 
1 158 GLN n 
1 159 GLN n 
1 160 ARG n 
1 161 ALA n 
1 162 LYS n 
1 163 TYR n 
1 164 TYR n 
1 165 PRO n 
1 166 ASN n 
1 167 ILE n 
1 168 ALA n 
1 169 ALA n 
1 170 ASP n 
1 171 MET n 
1 172 ASP n 
1 173 PRO n 
1 174 ALA n 
1 175 ARG n 
1 176 SER n 
1 177 ALA n 
1 178 ALA n 
1 179 GLN n 
1 180 PHE n 
1 181 PHE n 
1 182 ALA n 
1 183 LYS n 
1 184 MET n 
1 185 LYS n 
1 186 GLY n 
1 187 ILE n 
1 188 LYS n 
1 189 GLY n 
1 190 TRP n 
1 191 GLN n 
1 192 SER n 
1 193 MET n 
1 194 ALA n 
1 195 VAL n 
1 196 GLY n 
1 197 THR n 
1 198 LEU n 
1 199 CYS n 
1 200 GLN n 
1 201 LYS n 
1 202 VAL n 
1 203 GLN n 
1 204 GLY n 
1 205 SER n 
1 206 ALA n 
1 207 TYR n 
1 208 PRO n 
1 209 ASP n 
1 210 ARG n 
1 211 TYR n 
1 212 ALA n 
1 213 LYS n 
1 214 ARG n 
1 215 VAL n 
1 216 SER n 
1 217 GLU n 
1 218 ALA n 
1 219 THR n 
1 220 LYS n 
1 221 ILE n 
1 222 CYS n 
1 223 GLN n 
1 224 ALA n 
1 225 GLY n 
1 226 GLY n 
1 227 LEU n 
# 
_entity_src_gen.entity_id                          1 
_entity_src_gen.pdbx_src_id                        1 
_entity_src_gen.pdbx_alt_source_flag               sample 
_entity_src_gen.pdbx_seq_type                      'Biological sequence' 
_entity_src_gen.pdbx_beg_seq_num                   1 
_entity_src_gen.pdbx_end_seq_num                   227 
_entity_src_gen.gene_src_common_name               ? 
_entity_src_gen.gene_src_genus                     ? 
_entity_src_gen.pdbx_gene_src_gene                 THITE_2110902 
_entity_src_gen.gene_src_species                   ? 
_entity_src_gen.gene_src_strain                    'ATCC 38088 / NRRL 8126' 
_entity_src_gen.gene_src_tissue                    ? 
_entity_src_gen.gene_src_tissue_fraction           ? 
_entity_src_gen.gene_src_details                   ? 
_entity_src_gen.pdbx_gene_src_fragment             ? 
_entity_src_gen.pdbx_gene_src_scientific_name      'Thermothielavioides terrestris' 
_entity_src_gen.pdbx_gene_src_ncbi_taxonomy_id     2587410 
_entity_src_gen.pdbx_gene_src_variant              ? 
_entity_src_gen.pdbx_gene_src_cell_line            ? 
_entity_src_gen.pdbx_gene_src_atcc                 ? 
_entity_src_gen.pdbx_gene_src_organ                ? 
_entity_src_gen.pdbx_gene_src_organelle            ? 
_entity_src_gen.pdbx_gene_src_cell                 ? 
_entity_src_gen.pdbx_gene_src_cellular_location    ? 
_entity_src_gen.host_org_common_name               ? 
_entity_src_gen.pdbx_host_org_scientific_name      'Aspergillus oryzae' 
_entity_src_gen.pdbx_host_org_ncbi_taxonomy_id     5062 
_entity_src_gen.host_org_genus                     ? 
_entity_src_gen.pdbx_host_org_gene                 ? 
_entity_src_gen.pdbx_host_org_organ                ? 
_entity_src_gen.host_org_species                   ? 
_entity_src_gen.pdbx_host_org_tissue               ? 
_entity_src_gen.pdbx_host_org_tissue_fraction      ? 
_entity_src_gen.pdbx_host_org_strain               ? 
_entity_src_gen.pdbx_host_org_variant              ? 
_entity_src_gen.pdbx_host_org_cell_line            ? 
_entity_src_gen.pdbx_host_org_atcc                 ? 
_entity_src_gen.pdbx_host_org_culture_collection   ? 
_entity_src_gen.pdbx_host_org_cell                 ? 
_entity_src_gen.pdbx_host_org_organelle            ? 
_entity_src_gen.pdbx_host_org_cellular_location    ? 
_entity_src_gen.pdbx_host_org_vector_type          ? 
_entity_src_gen.pdbx_host_org_vector               ? 
_entity_src_gen.host_org_details                   ? 
_entity_src_gen.expression_system_id               ? 
_entity_src_gen.plasmid_name                       ? 
_entity_src_gen.plasmid_details                    ? 
_entity_src_gen.pdbx_description                   ? 
# 
loop_
_chem_comp.id 
_chem_comp.type 
_chem_comp.mon_nstd_flag 
_chem_comp.name 
_chem_comp.pdbx_synonyms 
_chem_comp.formula 
_chem_comp.formula_weight 
ALA 'L-peptide linking' y ALANINE         ?                 'C3 H7 N O2'     89.093  
ARG 'L-peptide linking' y ARGININE        ?                 'C6 H15 N4 O2 1' 175.209 
ASN 'L-peptide linking' y ASPARAGINE      ?                 'C4 H8 N2 O3'    132.118 
ASP 'L-peptide linking' y 'ASPARTIC ACID' ?                 'C4 H7 N O4'     133.103 
CYS 'L-peptide linking' y CYSTEINE        ?                 'C3 H7 N O2 S'   121.158 
EDO non-polymer         . 1,2-ETHANEDIOL  'ETHYLENE GLYCOL' 'C2 H6 O2'       62.068  
GLN 'L-peptide linking' y GLUTAMINE       ?                 'C5 H10 N2 O3'   146.144 
GLU 'L-peptide linking' y 'GLUTAMIC ACID' ?                 'C5 H9 N O4'     147.129 
GLY 'peptide linking'   y GLYCINE         ?                 'C2 H5 N O2'     75.067  
HIS 'L-peptide linking' y HISTIDINE       ?                 'C6 H10 N3 O2 1' 156.162 
HOH non-polymer         . WATER           ?                 'H2 O'           18.015  
ILE 'L-peptide linking' y ISOLEUCINE      ?                 'C6 H13 N O2'    131.173 
LEU 'L-peptide linking' y LEUCINE         ?                 'C6 H13 N O2'    131.173 
LYS 'L-peptide linking' y LYSINE          ?                 'C6 H15 N2 O2 1' 147.195 
MET 'L-peptide linking' y METHIONINE      ?                 'C5 H11 N O2 S'  149.211 
PHE 'L-peptide linking' y PHENYLALANINE   ?                 'C9 H11 N O2'    165.189 
PRO 'L-peptide linking' y PROLINE         ?                 'C5 H9 N O2'     115.130 
SER 'L-peptide linking' y SERINE          ?                 'C3 H7 N O3'     105.093 
THR 'L-peptide linking' y THREONINE       ?                 'C4 H9 N O3'     119.119 
TRP 'L-peptide linking' y TRYPTOPHAN      ?                 'C11 H12 N2 O2'  204.225 
TYR 'L-peptide linking' y TYROSINE        ?                 'C9 H11 N O3'    181.189 
VAL 'L-peptide linking' y VALINE          ?                 'C5 H11 N O2'    117.146 
ZN  non-polymer         . 'ZINC ION'      ?                 'Zn 2'           65.409  
# 
loop_
_pdbx_poly_seq_scheme.asym_id 
_pdbx_poly_seq_scheme.entity_id 
_pdbx_poly_seq_scheme.seq_id 
_pdbx_poly_seq_scheme.mon_id 
_pdbx_poly_seq_scheme.ndb_seq_num 
_pdbx_poly_seq_scheme.pdb_seq_num 
_pdbx_poly_seq_scheme.auth_seq_num 
_pdbx_poly_seq_scheme.pdb_mon_id 
_pdbx_poly_seq_scheme.auth_mon_id 
_pdbx_poly_seq_scheme.pdb_strand_id 
_pdbx_poly_seq_scheme.pdb_ins_code 
_pdbx_poly_seq_scheme.hetero 
A 1 1   TYR 1   1   ?   ?   ?   A . n 
A 1 2   PRO 2   2   ?   ?   ?   A . n 
A 1 3   VAL 3   3   ?   ?   ?   A . n 
A 1 4   LYS 4   4   ?   ?   ?   A . n 
A 1 5   ALA 5   5   ?   ?   ?   A . n 
A 1 6   ASP 6   6   ?   ?   ?   A . n 
A 1 7   THR 7   7   ?   ?   ?   A . n 
A 1 8   LEU 8   8   ?   ?   ?   A . n 
A 1 9   ASN 9   9   ?   ?   ?   A . n 
A 1 10  CYS 10  10  ?   ?   ?   A . n 
A 1 11  ARG 11  11  ?   ?   ?   A . n 
A 1 12  SER 12  12  ?   ?   ?   A . n 
A 1 13  GLY 13  13  ?   ?   ?   A . n 
A 1 14  PRO 14  14  ?   ?   ?   A . n 
A 1 15  GLY 15  15  ?   ?   ?   A . n 
A 1 16  THR 16  16  ?   ?   ?   A . n 
A 1 17  SER 17  17  ?   ?   ?   A . n 
A 1 18  TYR 18  18  ?   ?   ?   A . n 
A 1 19  LYS 19  19  ?   ?   ?   A . n 
A 1 20  VAL 20  20  ?   ?   ?   A . n 
A 1 21  ILE 21  21  ?   ?   ?   A . n 
A 1 22  LYS 22  22  ?   ?   ?   A . n 
A 1 23  THR 23  23  ?   ?   ?   A . n 
A 1 24  TYR 24  24  ?   ?   ?   A . n 
A 1 25  LYS 25  25  ?   ?   ?   A . n 
A 1 26  LYS 26  26  ?   ?   ?   A . n 
A 1 27  GLY 27  27  ?   ?   ?   A . n 
A 1 28  THR 28  28  ?   ?   ?   A . n 
A 1 29  ASP 29  29  ?   ?   ?   A . n 
A 1 30  LEU 30  30  ?   ?   ?   A . n 
A 1 31  LYS 31  31  ?   ?   ?   A . n 
A 1 32  ILE 32  32  ?   ?   ?   A . n 
A 1 33  THR 33  33  ?   ?   ?   A . n 
A 1 34  CYS 34  34  ?   ?   ?   A . n 
A 1 35  GLN 35  35  ?   ?   ?   A . n 
A 1 36  THR 36  36  ?   ?   ?   A . n 
A 1 37  PRO 37  37  ?   ?   ?   A . n 
A 1 38  GLY 38  38  ?   ?   ?   A . n 
A 1 39  THR 39  39  ?   ?   ?   A . n 
A 1 40  SER 40  40  ?   ?   ?   A . n 
A 1 41  VAL 41  41  ?   ?   ?   A . n 
A 1 42  ASN 42  42  ?   ?   ?   A . n 
A 1 43  GLY 43  43  ?   ?   ?   A . n 
A 1 44  ASP 44  44  ?   ?   ?   A . n 
A 1 45  ASN 45  45  ?   ?   ?   A . n 
A 1 46  LEU 46  46  ?   ?   ?   A . n 
A 1 47  TRP 47  47  ?   ?   ?   A . n 
A 1 48  ASP 48  48  ?   ?   ?   A . n 
A 1 49  LYS 49  49  ?   ?   ?   A . n 
A 1 50  THR 50  50  ?   ?   ?   A . n 
A 1 51  SER 51  51  ?   ?   ?   A . n 
A 1 52  ASP 52  52  ?   ?   ?   A . n 
A 1 53  GLY 53  53  ?   ?   ?   A . n 
A 1 54  CYS 54  54  ?   ?   ?   A . n 
A 1 55  TYR 55  55  ?   ?   ?   A . n 
A 1 56  VAL 56  56  ?   ?   ?   A . n 
A 1 57  ALA 57  57  ?   ?   ?   A . n 
A 1 58  ASP 58  58  ?   ?   ?   A . n 
A 1 59  TYR 59  59  ?   ?   ?   A . n 
A 1 60  TYR 60  60  ?   ?   ?   A . n 
A 1 61  VAL 61  61  ?   ?   ?   A . n 
A 1 62  LYS 62  62  ?   ?   ?   A . n 
A 1 63  THR 63  63  ?   ?   ?   A . n 
A 1 64  GLY 64  64  ?   ?   ?   A . n 
A 1 65  THR 65  65  ?   ?   ?   A . n 
A 1 66  SER 66  66  ?   ?   ?   A . n 
A 1 67  GLY 67  67  ?   ?   ?   A . n 
A 1 68  TYR 68  68  ?   ?   ?   A . n 
A 1 69  VAL 69  69  ?   ?   ?   A . n 
A 1 70  THR 70  70  ?   ?   ?   A . n 
A 1 71  ALA 71  71  ?   ?   ?   A . n 
A 1 72  HIS 72  72  ?   ?   ?   A . n 
A 1 73  CYS 73  73  ?   ?   ?   A . n 
A 1 74  ASP 74  74  ?   ?   ?   A . n 
A 1 75  ALA 75  75  ?   ?   ?   A . n 
A 1 76  GLY 76  76  ?   ?   ?   A . n 
A 1 77  SER 77  77  ?   ?   ?   A . n 
A 1 78  GLY 78  78  ?   ?   ?   A . n 
A 1 79  SER 79  79  ?   ?   ?   A . n 
A 1 80  GLY 80  80  ?   ?   ?   A . n 
A 1 81  SER 81  81  ?   ?   ?   A . n 
A 1 82  SER 82  82  ?   ?   ?   A . n 
A 1 83  GLY 83  83  ?   ?   ?   A . n 
A 1 84  GLY 84  84  ?   ?   ?   A . n 
A 1 85  GLY 85  85  85  GLY GLY A . n 
A 1 86  ASN 86  86  86  ASN ASN A . n 
A 1 87  LEU 87  87  87  LEU LEU A . n 
A 1 88  PRO 88  88  88  PRO PRO A . n 
A 1 89  GLY 89  89  89  GLY GLY A . n 
A 1 90  LEU 90  90  90  LEU LEU A . n 
A 1 91  ASN 91  91  91  ASN ASN A . n 
A 1 92  SER 92  92  92  SER SER A . n 
A 1 93  VAL 93  93  93  VAL VAL A . n 
A 1 94  GLN 94  94  94  GLN GLN A . n 
A 1 95  SER 95  95  95  SER SER A . n 
A 1 96  SER 96  96  96  SER SER A . n 
A 1 97  HIS 97  97  97  HIS HIS A . n 
A 1 98  ALA 98  98  98  ALA ALA A . n 
A 1 99  ARG 99  99  99  ARG ARG A . n 
A 1 100 ALA 100 100 100 ALA ALA A . n 
A 1 101 ILE 101 101 101 ILE ILE A . n 
A 1 102 ILE 102 102 102 ILE ILE A . n 
A 1 103 GLY 103 103 103 GLY GLY A . n 
A 1 104 GLU 104 104 104 GLU GLU A . n 
A 1 105 ALA 105 105 105 ALA ALA A . n 
A 1 106 LYS 106 106 106 LYS LYS A . n 
A 1 107 LYS 107 107 107 LYS LYS A . n 
A 1 108 GLU 108 108 108 GLU GLU A . n 
A 1 109 GLY 109 109 109 GLY GLY A . n 
A 1 110 VAL 110 110 110 VAL VAL A . n 
A 1 111 GLY 111 111 111 GLY GLY A . n 
A 1 112 ARG 112 112 112 ARG ARG A . n 
A 1 113 HIS 113 113 113 HIS HIS A . n 
A 1 114 GLY 114 114 114 GLY GLY A . n 
A 1 115 CYS 115 115 115 CYS CYS A . n 
A 1 116 GLU 116 116 116 GLU GLU A . n 
A 1 117 ALA 117 117 117 ALA ALA A . n 
A 1 118 GLY 118 118 118 GLY GLY A . n 
A 1 119 ILE 119 119 119 ILE ILE A . n 
A 1 120 ALA 120 120 120 ALA ALA A . n 
A 1 121 THR 121 121 121 THR THR A . n 
A 1 122 ALA 122 122 122 ALA ALA A . n 
A 1 123 LEU 123 123 123 LEU LEU A . n 
A 1 124 VAL 124 124 124 VAL VAL A . n 
A 1 125 GLU 125 125 125 GLU GLU A . n 
A 1 126 SER 126 126 126 SER SER A . n 
A 1 127 ASN 127 127 127 ASN ASN A . n 
A 1 128 ILE 128 128 128 ILE ILE A . n 
A 1 129 LEU 129 129 129 LEU LEU A . n 
A 1 130 ILE 130 130 130 ILE ILE A . n 
A 1 131 TYR 131 131 131 TYR TYR A . n 
A 1 132 ALA 132 132 132 ALA ALA A . n 
A 1 133 ASN 133 133 133 ASN ASN A . n 
A 1 134 LYS 134 134 134 LYS LYS A . n 
A 1 135 ALA 135 135 135 ALA ALA A . n 
A 1 136 VAL 136 136 136 VAL VAL A . n 
A 1 137 PRO 137 137 137 PRO PRO A . n 
A 1 138 ALA 138 138 138 ALA ALA A . n 
A 1 139 SER 139 139 139 SER SER A . n 
A 1 140 LEU 140 140 140 LEU LEU A . n 
A 1 141 LYS 141 141 141 LYS LYS A . n 
A 1 142 TYR 142 142 142 TYR TYR A . n 
A 1 143 PRO 143 143 143 PRO PRO A . n 
A 1 144 HIS 144 144 144 HIS HIS A . n 
A 1 145 ASP 145 145 145 ASP ASP A . n 
A 1 146 ALA 146 146 146 ALA ALA A . n 
A 1 147 VAL 147 147 147 VAL VAL A . n 
A 1 148 GLY 148 148 148 GLY GLY A . n 
A 1 149 SER 149 149 149 SER SER A . n 
A 1 150 ASP 150 150 150 ASP ASP A . n 
A 1 151 HIS 151 151 151 HIS HIS A . n 
A 1 152 ASP 152 152 152 ASP ASP A . n 
A 1 153 SER 153 153 153 SER SER A . n 
A 1 154 VAL 154 154 154 VAL VAL A . n 
A 1 155 GLY 155 155 155 GLY GLY A . n 
A 1 156 ILE 156 156 156 ILE ILE A . n 
A 1 157 PHE 157 157 157 PHE PHE A . n 
A 1 158 GLN 158 158 158 GLN GLN A . n 
A 1 159 GLN 159 159 159 GLN GLN A . n 
A 1 160 ARG 160 160 160 ARG ARG A . n 
A 1 161 ALA 161 161 161 ALA ALA A . n 
A 1 162 LYS 162 162 162 LYS LYS A . n 
A 1 163 TYR 163 163 163 TYR TYR A . n 
A 1 164 TYR 164 164 164 TYR TYR A . n 
A 1 165 PRO 165 165 165 PRO PRO A . n 
A 1 166 ASN 166 166 166 ASN ASN A . n 
A 1 167 ILE 167 167 167 ILE ILE A . n 
A 1 168 ALA 168 168 168 ALA ALA A . n 
A 1 169 ALA 169 169 169 ALA ALA A . n 
A 1 170 ASP 170 170 170 ASP ASP A . n 
A 1 171 MET 171 171 171 MET MET A . n 
A 1 172 ASP 172 172 172 ASP ASP A . n 
A 1 173 PRO 173 173 173 PRO PRO A . n 
A 1 174 ALA 174 174 174 ALA ALA A . n 
A 1 175 ARG 175 175 175 ARG ARG A . n 
A 1 176 SER 176 176 176 SER SER A . n 
A 1 177 ALA 177 177 177 ALA ALA A . n 
A 1 178 ALA 178 178 178 ALA ALA A . n 
A 1 179 GLN 179 179 179 GLN GLN A . n 
A 1 180 PHE 180 180 180 PHE PHE A . n 
A 1 181 PHE 181 181 181 PHE PHE A . n 
A 1 182 ALA 182 182 182 ALA ALA A . n 
A 1 183 LYS 183 183 183 LYS LYS A . n 
A 1 184 MET 184 184 184 MET MET A . n 
A 1 185 LYS 185 185 185 LYS LYS A . n 
A 1 186 GLY 186 186 186 GLY GLY A . n 
A 1 187 ILE 187 187 187 ILE ILE A . n 
A 1 188 LYS 188 188 188 LYS LYS A . n 
A 1 189 GLY 189 189 189 GLY GLY A . n 
A 1 190 TRP 190 190 190 TRP TRP A . n 
A 1 191 GLN 191 191 191 GLN GLN A . n 
A 1 192 SER 192 192 192 SER SER A . n 
A 1 193 MET 193 193 193 MET MET A . n 
A 1 194 ALA 194 194 194 ALA ALA A . n 
A 1 195 VAL 195 195 195 VAL VAL A . n 
A 1 196 GLY 196 196 196 GLY GLY A . n 
A 1 197 THR 197 197 197 THR THR A . n 
A 1 198 LEU 198 198 198 LEU LEU A . n 
A 1 199 CYS 199 199 199 CYS CYS A . n 
A 1 200 GLN 200 200 200 GLN GLN A . n 
A 1 201 LYS 201 201 201 LYS LYS A . n 
A 1 202 VAL 202 202 202 VAL VAL A . n 
A 1 203 GLN 203 203 203 GLN GLN A . n 
A 1 204 GLY 204 204 204 GLY GLY A . n 
A 1 205 SER 205 205 205 SER SER A . n 
A 1 206 ALA 206 206 206 ALA ALA A . n 
A 1 207 TYR 207 207 207 TYR TYR A . n 
A 1 208 PRO 208 208 208 PRO PRO A . n 
A 1 209 ASP 209 209 209 ASP ASP A . n 
A 1 210 ARG 210 210 210 ARG ARG A . n 
A 1 211 TYR 211 211 211 TYR TYR A . n 
A 1 212 ALA 212 212 212 ALA ALA A . n 
A 1 213 LYS 213 213 213 LYS LYS A . n 
A 1 214 ARG 214 214 214 ARG ARG A . n 
A 1 215 VAL 215 215 215 VAL VAL A . n 
A 1 216 SER 216 216 216 SER SER A . n 
A 1 217 GLU 217 217 217 GLU GLU A . n 
A 1 218 ALA 218 218 218 ALA ALA A . n 
A 1 219 THR 219 219 219 THR THR A . n 
A 1 220 LYS 220 220 220 LYS LYS A . n 
A 1 221 ILE 221 221 221 ILE ILE A . n 
A 1 222 CYS 222 222 222 CYS CYS A . n 
A 1 223 GLN 223 223 223 GLN GLN A . n 
A 1 224 ALA 224 224 224 ALA ALA A . n 
A 1 225 GLY 225 225 225 GLY GLY A . n 
A 1 226 GLY 226 226 226 GLY GLY A . n 
A 1 227 LEU 227 227 227 LEU LEU A . n 
# 
loop_
_pdbx_nonpoly_scheme.asym_id 
_pdbx_nonpoly_scheme.entity_id 
_pdbx_nonpoly_scheme.mon_id 
_pdbx_nonpoly_scheme.ndb_seq_num 
_pdbx_nonpoly_scheme.pdb_seq_num 
_pdbx_nonpoly_scheme.auth_seq_num 
_pdbx_nonpoly_scheme.pdb_mon_id 
_pdbx_nonpoly_scheme.auth_mon_id 
_pdbx_nonpoly_scheme.pdb_strand_id 
_pdbx_nonpoly_scheme.pdb_ins_code 
B 2 EDO 1  301 282 EDO EDO A . 
C 3 ZN  1  302 1   ZN  ZN  A . 
D 3 ZN  1  303 2   ZN  ZN  A . 
E 4 HOH 1  401 21  HOH HOH A . 
E 4 HOH 2  402 30  HOH HOH A . 
E 4 HOH 3  403 19  HOH HOH A . 
E 4 HOH 4  404 48  HOH HOH A . 
E 4 HOH 5  405 12  HOH HOH A . 
E 4 HOH 6  406 32  HOH HOH A . 
E 4 HOH 7  407 34  HOH HOH A . 
E 4 HOH 8  408 9   HOH HOH A . 
E 4 HOH 9  409 10  HOH HOH A . 
E 4 HOH 10 410 42  HOH HOH A . 
E 4 HOH 11 411 37  HOH HOH A . 
E 4 HOH 12 412 5   HOH HOH A . 
E 4 HOH 13 413 4   HOH HOH A . 
E 4 HOH 14 414 17  HOH HOH A . 
E 4 HOH 15 415 39  HOH HOH A . 
E 4 HOH 16 416 28  HOH HOH A . 
E 4 HOH 17 417 14  HOH HOH A . 
E 4 HOH 18 418 33  HOH HOH A . 
E 4 HOH 19 419 11  HOH HOH A . 
E 4 HOH 20 420 18  HOH HOH A . 
E 4 HOH 21 421 44  HOH HOH A . 
E 4 HOH 22 422 35  HOH HOH A . 
E 4 HOH 23 423 36  HOH HOH A . 
E 4 HOH 24 424 27  HOH HOH A . 
E 4 HOH 25 425 16  HOH HOH A . 
E 4 HOH 26 426 41  HOH HOH A . 
E 4 HOH 27 427 15  HOH HOH A . 
E 4 HOH 28 428 6   HOH HOH A . 
E 4 HOH 29 429 2   HOH HOH A . 
E 4 HOH 30 430 40  HOH HOH A . 
E 4 HOH 31 431 43  HOH HOH A . 
E 4 HOH 32 432 45  HOH HOH A . 
E 4 HOH 33 433 23  HOH HOH A . 
E 4 HOH 34 434 26  HOH HOH A . 
E 4 HOH 35 435 29  HOH HOH A . 
E 4 HOH 36 436 24  HOH HOH A . 
E 4 HOH 37 437 47  HOH HOH A . 
E 4 HOH 38 438 25  HOH HOH A . 
E 4 HOH 39 439 8   HOH HOH A . 
E 4 HOH 40 440 31  HOH HOH A . 
# 
loop_
_pdbx_unobs_or_zero_occ_atoms.id 
_pdbx_unobs_or_zero_occ_atoms.PDB_model_num 
_pdbx_unobs_or_zero_occ_atoms.polymer_flag 
_pdbx_unobs_or_zero_occ_atoms.occupancy_flag 
_pdbx_unobs_or_zero_occ_atoms.auth_asym_id 
_pdbx_unobs_or_zero_occ_atoms.auth_comp_id 
_pdbx_unobs_or_zero_occ_atoms.auth_seq_id 
_pdbx_unobs_or_zero_occ_atoms.PDB_ins_code 
_pdbx_unobs_or_zero_occ_atoms.auth_atom_id 
_pdbx_unobs_or_zero_occ_atoms.label_alt_id 
_pdbx_unobs_or_zero_occ_atoms.label_asym_id 
_pdbx_unobs_or_zero_occ_atoms.label_comp_id 
_pdbx_unobs_or_zero_occ_atoms.label_seq_id 
_pdbx_unobs_or_zero_occ_atoms.label_atom_id 
1  1 Y 1 A LEU 129 ? CD2 ? A LEU 129 CD2 
2  1 Y 1 A LYS 134 ? CD  ? A LYS 134 CD  
3  1 Y 1 A LYS 134 ? CE  ? A LYS 134 CE  
4  1 Y 1 A LYS 134 ? NZ  ? A LYS 134 NZ  
5  1 Y 1 A LYS 188 ? CD  ? A LYS 188 CD  
6  1 Y 1 A LYS 188 ? CE  ? A LYS 188 CE  
7  1 Y 1 A LYS 188 ? NZ  ? A LYS 188 NZ  
8  1 Y 1 A LYS 213 ? CE  ? A LYS 213 CE  
9  1 Y 1 A LYS 213 ? NZ  ? A LYS 213 NZ  
10 1 Y 1 A LYS 220 ? NZ  ? A LYS 220 NZ  
# 
loop_
_software.citation_id 
_software.classification 
_software.compiler_name 
_software.compiler_version 
_software.contact_author 
_software.contact_author_email 
_software.date 
_software.description 
_software.dependencies 
_software.hardware 
_software.language 
_software.location 
_software.mods 
_software.name 
_software.os 
_software.os_version 
_software.type 
_software.version 
_software.pdbx_ordinal 
? 'data reduction' ? ? ? ? ? ? ? ? ? ? ? XDS     ? ? ? .        1 
? 'data scaling'   ? ? ? ? ? ? ? ? ? ? ? Aimless ? ? ? .        2 
? phasing          ? ? ? ? ? ? ? ? ? ? ? MOLREP  ? ? ? .        3 
? refinement       ? ? ? ? ? ? ? ? ? ? ? REFMAC  ? ? ? 5.8.0352 4 
# 
_cell.angle_alpha                  90.000 
_cell.angle_alpha_esd              ? 
_cell.angle_beta                   90.000 
_cell.angle_beta_esd               ? 
_cell.angle_gamma                  120.000 
_cell.angle_gamma_esd              ? 
_cell.entry_id                     8B2H 
_cell.details                      ? 
_cell.formula_units_Z              ? 
_cell.length_a                     84.616 
_cell.length_a_esd                 ? 
_cell.length_b                     84.616 
_cell.length_b_esd                 ? 
_cell.length_c                     62.882 
_cell.length_c_esd                 ? 
_cell.volume                       ? 
_cell.volume_esd                   ? 
_cell.Z_PDB                        6 
_cell.reciprocal_angle_alpha       ? 
_cell.reciprocal_angle_beta        ? 
_cell.reciprocal_angle_gamma       ? 
_cell.reciprocal_angle_alpha_esd   ? 
_cell.reciprocal_angle_beta_esd    ? 
_cell.reciprocal_angle_gamma_esd   ? 
_cell.reciprocal_length_a          ? 
_cell.reciprocal_length_b          ? 
_cell.reciprocal_length_c          ? 
_cell.reciprocal_length_a_esd      ? 
_cell.reciprocal_length_b_esd      ? 
_cell.reciprocal_length_c_esd      ? 
_cell.pdbx_unique_axis             ? 
_cell.pdbx_esd_method              ? 
# 
_symmetry.entry_id                         8B2H 
_symmetry.cell_setting                     ? 
_symmetry.Int_Tables_number                173 
_symmetry.space_group_name_Hall            ? 
_symmetry.space_group_name_H-M             'P 63' 
_symmetry.pdbx_full_space_group_name_H-M   ? 
# 
_exptl.absorpt_coefficient_mu     ? 
_exptl.absorpt_correction_T_max   ? 
_exptl.absorpt_correction_T_min   ? 
_exptl.absorpt_correction_type    ? 
_exptl.absorpt_process_details    ? 
_exptl.entry_id                   8B2H 
_exptl.crystals_number            1 
_exptl.details                    ? 
_exptl.method                     'X-RAY DIFFRACTION' 
_exptl.method_details             ? 
# 
_exptl_crystal.colour                       ? 
_exptl_crystal.density_diffrn               ? 
_exptl_crystal.density_Matthews             3.07 
_exptl_crystal.density_method               ? 
_exptl_crystal.density_percent_sol          59.95 
_exptl_crystal.description                  ? 
_exptl_crystal.F_000                        ? 
_exptl_crystal.id                           1 
_exptl_crystal.preparation                  ? 
_exptl_crystal.size_max                     ? 
_exptl_crystal.size_mid                     ? 
_exptl_crystal.size_min                     ? 
_exptl_crystal.size_rad                     ? 
_exptl_crystal.colour_lustre                ? 
_exptl_crystal.colour_modifier              ? 
_exptl_crystal.colour_primary               ? 
_exptl_crystal.density_meas                 ? 
_exptl_crystal.density_meas_esd             ? 
_exptl_crystal.density_meas_gt              ? 
_exptl_crystal.density_meas_lt              ? 
_exptl_crystal.density_meas_temp            ? 
_exptl_crystal.density_meas_temp_esd        ? 
_exptl_crystal.density_meas_temp_gt         ? 
_exptl_crystal.density_meas_temp_lt         ? 
_exptl_crystal.pdbx_crystal_image_url       ? 
_exptl_crystal.pdbx_crystal_image_format    ? 
_exptl_crystal.pdbx_mosaicity               ? 
_exptl_crystal.pdbx_mosaicity_esd           ? 
_exptl_crystal.pdbx_mosaic_method           ? 
_exptl_crystal.pdbx_mosaic_block_size       ? 
_exptl_crystal.pdbx_mosaic_block_size_esd   ? 
# 
_exptl_crystal_grow.apparatus       ? 
_exptl_crystal_grow.atmosphere      ? 
_exptl_crystal_grow.crystal_id      1 
_exptl_crystal_grow.details         ? 
_exptl_crystal_grow.method          'VAPOR DIFFUSION, SITTING DROP' 
_exptl_crystal_grow.method_ref      ? 
_exptl_crystal_grow.pH              ? 
_exptl_crystal_grow.pressure        ? 
_exptl_crystal_grow.pressure_esd    ? 
_exptl_crystal_grow.seeding         ? 
_exptl_crystal_grow.seeding_ref     ? 
_exptl_crystal_grow.temp            293 
_exptl_crystal_grow.temp_details    ? 
_exptl_crystal_grow.temp_esd        ? 
_exptl_crystal_grow.time            ? 
_exptl_crystal_grow.pdbx_details    'PACT screen condition D12 (0.01 M zinc chloride, 0.1 M Tris pH 8, 20% w/v PEG 6000)' 
_exptl_crystal_grow.pdbx_pH_range   ? 
# 
_diffrn.ambient_environment              ? 
_diffrn.ambient_temp                     100 
_diffrn.ambient_temp_details             ? 
_diffrn.ambient_temp_esd                 ? 
_diffrn.crystal_id                       1 
_diffrn.crystal_support                  ? 
_diffrn.crystal_treatment                ? 
_diffrn.details                          ? 
_diffrn.id                               1 
_diffrn.ambient_pressure                 ? 
_diffrn.ambient_pressure_esd             ? 
_diffrn.ambient_pressure_gt              ? 
_diffrn.ambient_pressure_lt              ? 
_diffrn.ambient_temp_gt                  ? 
_diffrn.ambient_temp_lt                  ? 
_diffrn.pdbx_serial_crystal_experiment   N 
# 
_diffrn_detector.details                      ? 
_diffrn_detector.detector                     CCD 
_diffrn_detector.diffrn_id                    1 
_diffrn_detector.type                         'ADSC QUANTUM 315' 
_diffrn_detector.area_resol_mean              ? 
_diffrn_detector.dtime                        ? 
_diffrn_detector.pdbx_frames_total            ? 
_diffrn_detector.pdbx_collection_time_total   ? 
_diffrn_detector.pdbx_collection_date         2018-04-16 
_diffrn_detector.pdbx_frequency               ? 
# 
_diffrn_radiation.collimation                      ? 
_diffrn_radiation.diffrn_id                        1 
_diffrn_radiation.filter_edge                      ? 
_diffrn_radiation.inhomogeneity                    ? 
_diffrn_radiation.monochromator                    ? 
_diffrn_radiation.polarisn_norm                    ? 
_diffrn_radiation.polarisn_ratio                   ? 
_diffrn_radiation.probe                            ? 
_diffrn_radiation.type                             ? 
_diffrn_radiation.xray_symbol                      ? 
_diffrn_radiation.wavelength_id                    1 
_diffrn_radiation.pdbx_monochromatic_or_laue_m_l   M 
_diffrn_radiation.pdbx_wavelength_list             ? 
_diffrn_radiation.pdbx_wavelength                  ? 
_diffrn_radiation.pdbx_diffrn_protocol             'SINGLE WAVELENGTH' 
_diffrn_radiation.pdbx_analyzer                    ? 
_diffrn_radiation.pdbx_scattering_type             x-ray 
# 
_diffrn_radiation_wavelength.id           1 
_diffrn_radiation_wavelength.wavelength   0.91587 
_diffrn_radiation_wavelength.wt           1.0 
# 
_diffrn_source.current                     ? 
_diffrn_source.details                     ? 
_diffrn_source.diffrn_id                   1 
_diffrn_source.power                       ? 
_diffrn_source.size                        ? 
_diffrn_source.source                      SYNCHROTRON 
_diffrn_source.target                      ? 
_diffrn_source.type                        'DIAMOND BEAMLINE I04-1' 
_diffrn_source.voltage                     ? 
_diffrn_source.take-off_angle              ? 
_diffrn_source.pdbx_wavelength_list        0.91587 
_diffrn_source.pdbx_wavelength             ? 
_diffrn_source.pdbx_synchrotron_beamline   I04-1 
_diffrn_source.pdbx_synchrotron_site       Diamond 
# 
_reflns.B_iso_Wilson_estimate                          47.4 
_reflns.entry_id                                       8B2H 
_reflns.data_reduction_details                         ? 
_reflns.data_reduction_method                          ? 
_reflns.d_resolution_high                              2.36 
_reflns.d_resolution_low                               36.64 
_reflns.details                                        ? 
_reflns.limit_h_max                                    ? 
_reflns.limit_h_min                                    ? 
_reflns.limit_k_max                                    ? 
_reflns.limit_k_min                                    ? 
_reflns.limit_l_max                                    ? 
_reflns.limit_l_min                                    ? 
_reflns.number_all                                     ? 
_reflns.number_obs                                     10659 
_reflns.observed_criterion                             ? 
_reflns.observed_criterion_F_max                       ? 
_reflns.observed_criterion_F_min                       ? 
_reflns.observed_criterion_I_max                       ? 
_reflns.observed_criterion_I_min                       ? 
_reflns.observed_criterion_sigma_F                     ? 
_reflns.observed_criterion_sigma_I                     ? 
_reflns.percent_possible_obs                           99.9 
_reflns.R_free_details                                 ? 
_reflns.Rmerge_F_all                                   ? 
_reflns.Rmerge_F_obs                                   ? 
_reflns.Friedel_coverage                               ? 
_reflns.number_gt                                      ? 
_reflns.threshold_expression                           ? 
_reflns.pdbx_redundancy                                12.5 
_reflns.pdbx_Rmerge_I_obs                              0.123 
_reflns.pdbx_Rmerge_I_all                              ? 
_reflns.pdbx_Rsym_value                                ? 
_reflns.pdbx_netI_over_av_sigmaI                       ? 
_reflns.pdbx_netI_over_sigmaI                          12.1 
_reflns.pdbx_res_netI_over_av_sigmaI_2                 ? 
_reflns.pdbx_res_netI_over_sigmaI_2                    ? 
_reflns.pdbx_chi_squared                               1.04 
_reflns.pdbx_scaling_rejects                           ? 
_reflns.pdbx_d_res_high_opt                            ? 
_reflns.pdbx_d_res_low_opt                             ? 
_reflns.pdbx_d_res_opt_method                          ? 
_reflns.phase_calculation_details                      ? 
_reflns.pdbx_Rrim_I_all                                0.133 
_reflns.pdbx_Rpim_I_all                                0.051 
_reflns.pdbx_d_opt                                     ? 
_reflns.pdbx_number_measured_all                       ? 
_reflns.pdbx_diffrn_id                                 1 
_reflns.pdbx_ordinal                                   1 
_reflns.pdbx_CC_half                                   0.999 
_reflns.pdbx_CC_star                                   ? 
_reflns.pdbx_R_split                                   ? 
_reflns.pdbx_aniso_diffraction_limit_axis_1_ortho[1]   ? 
_reflns.pdbx_aniso_diffraction_limit_axis_1_ortho[2]   ? 
_reflns.pdbx_aniso_diffraction_limit_axis_1_ortho[3]   ? 
_reflns.pdbx_aniso_diffraction_limit_axis_2_ortho[1]   ? 
_reflns.pdbx_aniso_diffraction_limit_axis_2_ortho[2]   ? 
_reflns.pdbx_aniso_diffraction_limit_axis_2_ortho[3]   ? 
_reflns.pdbx_aniso_diffraction_limit_axis_3_ortho[1]   ? 
_reflns.pdbx_aniso_diffraction_limit_axis_3_ortho[2]   ? 
_reflns.pdbx_aniso_diffraction_limit_axis_3_ortho[3]   ? 
_reflns.pdbx_aniso_diffraction_limit_1                 ? 
_reflns.pdbx_aniso_diffraction_limit_2                 ? 
_reflns.pdbx_aniso_diffraction_limit_3                 ? 
_reflns.pdbx_aniso_B_tensor_eigenvector_1_ortho[1]     ? 
_reflns.pdbx_aniso_B_tensor_eigenvector_1_ortho[2]     ? 
_reflns.pdbx_aniso_B_tensor_eigenvector_1_ortho[3]     ? 
_reflns.pdbx_aniso_B_tensor_eigenvector_2_ortho[1]     ? 
_reflns.pdbx_aniso_B_tensor_eigenvector_2_ortho[2]     ? 
_reflns.pdbx_aniso_B_tensor_eigenvector_2_ortho[3]     ? 
_reflns.pdbx_aniso_B_tensor_eigenvector_3_ortho[1]     ? 
_reflns.pdbx_aniso_B_tensor_eigenvector_3_ortho[2]     ? 
_reflns.pdbx_aniso_B_tensor_eigenvector_3_ortho[3]     ? 
_reflns.pdbx_aniso_B_tensor_eigenvalue_1               ? 
_reflns.pdbx_aniso_B_tensor_eigenvalue_2               ? 
_reflns.pdbx_aniso_B_tensor_eigenvalue_3               ? 
_reflns.pdbx_orthogonalization_convention              ? 
_reflns.pdbx_percent_possible_ellipsoidal              ? 
_reflns.pdbx_percent_possible_spherical                ? 
_reflns.pdbx_percent_possible_ellipsoidal_anomalous    ? 
_reflns.pdbx_percent_possible_spherical_anomalous      ? 
_reflns.pdbx_redundancy_anomalous                      ? 
_reflns.pdbx_CC_half_anomalous                         ? 
_reflns.pdbx_absDiff_over_sigma_anomalous              ? 
_reflns.pdbx_percent_possible_anomalous                ? 
_reflns.pdbx_observed_signal_threshold                 ? 
_reflns.pdbx_signal_type                               ? 
_reflns.pdbx_signal_details                            ? 
_reflns.pdbx_signal_software_id                        ? 
_reflns.pdbx_CC_split_method                           ? 
# 
loop_
_reflns_shell.d_res_high 
_reflns_shell.d_res_low 
_reflns_shell.meanI_over_sigI_all 
_reflns_shell.meanI_over_sigI_obs 
_reflns_shell.number_measured_all 
_reflns_shell.number_measured_obs 
_reflns_shell.number_possible 
_reflns_shell.number_unique_all 
_reflns_shell.number_unique_obs 
_reflns_shell.percent_possible_all 
_reflns_shell.percent_possible_obs 
_reflns_shell.Rmerge_F_all 
_reflns_shell.Rmerge_F_obs 
_reflns_shell.Rmerge_I_all 
_reflns_shell.Rmerge_I_obs 
_reflns_shell.meanI_over_sigI_gt 
_reflns_shell.meanI_over_uI_all 
_reflns_shell.meanI_over_uI_gt 
_reflns_shell.number_measured_gt 
_reflns_shell.number_unique_gt 
_reflns_shell.percent_possible_gt 
_reflns_shell.Rmerge_F_gt 
_reflns_shell.Rmerge_I_gt 
_reflns_shell.pdbx_redundancy 
_reflns_shell.pdbx_Rsym_value 
_reflns_shell.pdbx_chi_squared 
_reflns_shell.pdbx_netI_over_sigmaI_all 
_reflns_shell.pdbx_netI_over_sigmaI_obs 
_reflns_shell.pdbx_Rrim_I_all 
_reflns_shell.pdbx_Rpim_I_all 
_reflns_shell.pdbx_rejects 
_reflns_shell.pdbx_ordinal 
_reflns_shell.pdbx_diffrn_id 
_reflns_shell.pdbx_CC_half 
_reflns_shell.pdbx_CC_star 
_reflns_shell.pdbx_R_split 
_reflns_shell.pdbx_percent_possible_ellipsoidal 
_reflns_shell.pdbx_percent_possible_spherical 
_reflns_shell.pdbx_percent_possible_ellipsoidal_anomalous 
_reflns_shell.pdbx_percent_possible_spherical_anomalous 
_reflns_shell.pdbx_redundancy_anomalous 
_reflns_shell.pdbx_CC_half_anomalous 
_reflns_shell.pdbx_absDiff_over_sigma_anomalous 
_reflns_shell.pdbx_percent_possible_anomalous 
8.83 36.64 ? 33.5 ? ? ? ? 219  98.9 ? ? ? ? 0.069 ? ? ? ? ? ? ? ? 11.5 ? 1.13 ? ? 0.077 0.032 ? 1 1 0.999 ? ? ? ? ? ? ? ? ? ? 
2.36 2.45  ? 1.6  ? ? ? ? 1106 99.7 ? ? ? ? 1.215 ? ? ? ? ? ? ? ? 12.9 ? 0.88 ? ? 1.319 0.505 ? 2 1 0.870 ? ? ? ? ? ? ? ? ? ? 
# 
_refine.aniso_B[1][1]                            2.569 
_refine.aniso_B[1][2]                            1.285 
_refine.aniso_B[1][3]                            0.000 
_refine.aniso_B[2][2]                            2.569 
_refine.aniso_B[2][3]                            -0.000 
_refine.aniso_B[3][3]                            -8.335 
_refine.B_iso_max                                ? 
_refine.B_iso_mean                               63.097 
_refine.B_iso_min                                ? 
_refine.correlation_coeff_Fo_to_Fc               0.969 
_refine.correlation_coeff_Fo_to_Fc_free          0.953 
_refine.details                                  'Hydrogens have been added in their riding positions' 
_refine.diff_density_max                         ? 
_refine.diff_density_max_esd                     ? 
_refine.diff_density_min                         ? 
_refine.diff_density_min_esd                     ? 
_refine.diff_density_rms                         ? 
_refine.diff_density_rms_esd                     ? 
_refine.entry_id                                 8B2H 
_refine.pdbx_refine_id                           'X-RAY DIFFRACTION' 
_refine.ls_abs_structure_details                 ? 
_refine.ls_abs_structure_Flack                   ? 
_refine.ls_abs_structure_Flack_esd               ? 
_refine.ls_abs_structure_Rogers                  ? 
_refine.ls_abs_structure_Rogers_esd              ? 
_refine.ls_d_res_high                            2.360 
_refine.ls_d_res_low                             36.640 
_refine.ls_extinction_coef                       ? 
_refine.ls_extinction_coef_esd                   ? 
_refine.ls_extinction_expression                 ? 
_refine.ls_extinction_method                     ? 
_refine.ls_goodness_of_fit_all                   ? 
_refine.ls_goodness_of_fit_all_esd               ? 
_refine.ls_goodness_of_fit_obs                   ? 
_refine.ls_goodness_of_fit_obs_esd               ? 
_refine.ls_hydrogen_treatment                    ? 
_refine.ls_matrix_type                           ? 
_refine.ls_number_constraints                    ? 
_refine.ls_number_parameters                     ? 
_refine.ls_number_reflns_all                     ? 
_refine.ls_number_reflns_obs                     10645 
_refine.ls_number_reflns_R_free                  492 
_refine.ls_number_reflns_R_work                  10153 
_refine.ls_number_restraints                     ? 
_refine.ls_percent_reflns_obs                    99.906 
_refine.ls_percent_reflns_R_free                 4.622 
_refine.ls_R_factor_all                          0.198 
_refine.ls_R_factor_obs                          ? 
_refine.ls_R_factor_R_free                       0.2207 
_refine.ls_R_factor_R_free_error                 ? 
_refine.ls_R_factor_R_free_error_details         ? 
_refine.ls_R_factor_R_work                       0.1971 
_refine.ls_R_Fsqd_factor_obs                     ? 
_refine.ls_R_I_factor_obs                        ? 
_refine.ls_redundancy_reflns_all                 ? 
_refine.ls_redundancy_reflns_obs                 ? 
_refine.ls_restrained_S_all                      ? 
_refine.ls_restrained_S_obs                      ? 
_refine.ls_shift_over_esd_max                    ? 
_refine.ls_shift_over_esd_mean                   ? 
_refine.ls_structure_factor_coef                 ? 
_refine.ls_weighting_details                     ? 
_refine.ls_weighting_scheme                      ? 
_refine.ls_wR_factor_all                         ? 
_refine.ls_wR_factor_obs                         ? 
_refine.ls_wR_factor_R_free                      ? 
_refine.ls_wR_factor_R_work                      ? 
_refine.occupancy_max                            ? 
_refine.occupancy_min                            ? 
_refine.solvent_model_details                    'MASK BULK SOLVENT' 
_refine.solvent_model_param_bsol                 ? 
_refine.solvent_model_param_ksol                 ? 
_refine.pdbx_R_complete                          ? 
_refine.ls_R_factor_gt                           ? 
_refine.ls_goodness_of_fit_gt                    ? 
_refine.ls_goodness_of_fit_ref                   ? 
_refine.ls_shift_over_su_max                     ? 
_refine.ls_shift_over_su_max_lt                  ? 
_refine.ls_shift_over_su_mean                    ? 
_refine.ls_shift_over_su_mean_lt                 ? 
_refine.pdbx_ls_sigma_I                          ? 
_refine.pdbx_ls_sigma_F                          ? 
_refine.pdbx_ls_sigma_Fsqd                       ? 
_refine.pdbx_data_cutoff_high_absF               ? 
_refine.pdbx_data_cutoff_high_rms_absF           ? 
_refine.pdbx_data_cutoff_low_absF                ? 
_refine.pdbx_isotropic_thermal_model             ? 
_refine.pdbx_ls_cross_valid_method               'FREE R-VALUE' 
_refine.pdbx_method_to_determine_struct          'MOLECULAR REPLACEMENT' 
_refine.pdbx_starting_model                      8B2E 
_refine.pdbx_stereochemistry_target_values       ? 
_refine.pdbx_R_Free_selection_details            ? 
_refine.pdbx_stereochem_target_val_spec_case     ? 
_refine.pdbx_overall_ESU_R                       0.206 
_refine.pdbx_overall_ESU_R_Free                  0.174 
_refine.pdbx_solvent_vdw_probe_radii             1.200 
_refine.pdbx_solvent_ion_probe_radii             0.800 
_refine.pdbx_solvent_shrinkage_radii             0.800 
_refine.pdbx_real_space_R                        ? 
_refine.pdbx_density_correlation                 ? 
_refine.pdbx_pd_number_of_powder_patterns        ? 
_refine.pdbx_pd_number_of_points                 ? 
_refine.pdbx_pd_meas_number_of_points            ? 
_refine.pdbx_pd_proc_ls_prof_R_factor            ? 
_refine.pdbx_pd_proc_ls_prof_wR_factor           ? 
_refine.pdbx_pd_Marquardt_correlation_coeff      ? 
_refine.pdbx_pd_Fsqrd_R_factor                   ? 
_refine.pdbx_pd_ls_matrix_band_width             ? 
_refine.pdbx_overall_phase_error                 ? 
_refine.pdbx_overall_SU_R_free_Cruickshank_DPI   ? 
_refine.pdbx_overall_SU_R_free_Blow_DPI          ? 
_refine.pdbx_overall_SU_R_Blow_DPI               ? 
_refine.pdbx_TLS_residual_ADP_flag               ? 
_refine.pdbx_diffrn_id                           1 
_refine.overall_SU_B                             8.739 
_refine.overall_SU_ML                            0.173 
_refine.overall_SU_R_Cruickshank_DPI             ? 
_refine.overall_SU_R_free                        ? 
_refine.overall_FOM_free_R_set                   ? 
_refine.overall_FOM_work_R_set                   ? 
_refine.pdbx_average_fsc_overall                 ? 
_refine.pdbx_average_fsc_work                    ? 
_refine.pdbx_average_fsc_free                    ? 
# 
_refine_hist.pdbx_refine_id                   'X-RAY DIFFRACTION' 
_refine_hist.cycle_id                         LAST 
_refine_hist.details                          ? 
_refine_hist.d_res_high                       2.360 
_refine_hist.d_res_low                        36.640 
_refine_hist.number_atoms_solvent             40 
_refine_hist.number_atoms_total               1098 
_refine_hist.number_reflns_all                ? 
_refine_hist.number_reflns_obs                ? 
_refine_hist.number_reflns_R_free             ? 
_refine_hist.number_reflns_R_work             ? 
_refine_hist.R_factor_all                     ? 
_refine_hist.R_factor_obs                     ? 
_refine_hist.R_factor_R_free                  ? 
_refine_hist.R_factor_R_work                  ? 
_refine_hist.pdbx_number_residues_total       ? 
_refine_hist.pdbx_B_iso_mean_ligand           ? 
_refine_hist.pdbx_B_iso_mean_solvent          ? 
_refine_hist.pdbx_number_atoms_protein        1052 
_refine_hist.pdbx_number_atoms_nucleic_acid   0 
_refine_hist.pdbx_number_atoms_ligand         6 
_refine_hist.pdbx_number_atoms_lipid          ? 
_refine_hist.pdbx_number_atoms_carb           ? 
_refine_hist.pdbx_pseudo_atom_details         ? 
# 
loop_
_refine_ls_restr.pdbx_refine_id 
_refine_ls_restr.criterion 
_refine_ls_restr.dev_ideal 
_refine_ls_restr.dev_ideal_target 
_refine_ls_restr.number 
_refine_ls_restr.rejects 
_refine_ls_restr.type 
_refine_ls_restr.weight 
_refine_ls_restr.pdbx_restraint_function 
'X-RAY DIFFRACTION' ? 0.007  0.012  1080 ? r_bond_refined_d             ? ? 
'X-RAY DIFFRACTION' ? 0.001  0.016  973  ? r_bond_other_d               ? ? 
'X-RAY DIFFRACTION' ? 0.972  1.644  1454 ? r_angle_refined_deg          ? ? 
'X-RAY DIFFRACTION' ? 0.307  1.565  2265 ? r_angle_other_deg            ? ? 
'X-RAY DIFFRACTION' ? 5.295  5.000  142  ? r_dihedral_angle_1_deg       ? ? 
'X-RAY DIFFRACTION' ? 5.422  5.000  6    ? r_dihedral_angle_2_deg       ? ? 
'X-RAY DIFFRACTION' ? 14.175 10.000 162  ? r_dihedral_angle_3_deg       ? ? 
'X-RAY DIFFRACTION' ? 14.665 10.000 44   ? r_dihedral_angle_6_deg       ? ? 
'X-RAY DIFFRACTION' ? 0.044  0.200  155  ? r_chiral_restr               ? ? 
'X-RAY DIFFRACTION' ? 0.004  0.020  1257 ? r_gen_planes_refined         ? ? 
'X-RAY DIFFRACTION' ? 0.001  0.020  207  ? r_gen_planes_other           ? ? 
'X-RAY DIFFRACTION' ? 0.223  0.200  234  ? r_nbd_refined                ? ? 
'X-RAY DIFFRACTION' ? 0.184  0.200  888  ? r_symmetry_nbd_other         ? ? 
'X-RAY DIFFRACTION' ? 0.173  0.200  546  ? r_nbtor_refined              ? ? 
'X-RAY DIFFRACTION' ? 0.071  0.200  557  ? r_symmetry_nbtor_other       ? ? 
'X-RAY DIFFRACTION' ? 0.119  0.200  33   ? r_xyhbond_nbd_refined        ? ? 
'X-RAY DIFFRACTION' ? 0.038  0.200  1    ? r_symmetry_xyhbond_nbd_other ? ? 
'X-RAY DIFFRACTION' ? 0.048  0.200  2    ? r_metal_ion_refined          ? ? 
'X-RAY DIFFRACTION' ? 0.124  0.200  9    ? r_symmetry_nbd_refined       ? ? 
'X-RAY DIFFRACTION' ? 0.175  0.200  13   ? r_nbd_other                  ? ? 
'X-RAY DIFFRACTION' ? 0.048  0.200  4    ? r_symmetry_metal_ion_refined ? ? 
'X-RAY DIFFRACTION' ? 2.869  6.730  571  ? r_mcbond_it                  ? ? 
'X-RAY DIFFRACTION' ? 2.865  6.729  571  ? r_mcbond_other               ? ? 
'X-RAY DIFFRACTION' ? 4.284  10.094 712  ? r_mcangle_it                 ? ? 
'X-RAY DIFFRACTION' ? 4.281  10.096 713  ? r_mcangle_other              ? ? 
'X-RAY DIFFRACTION' ? 3.383  6.966  509  ? r_scbond_it                  ? ? 
'X-RAY DIFFRACTION' ? 3.231  6.966  508  ? r_scbond_other               ? ? 
'X-RAY DIFFRACTION' ? 4.861  10.344 742  ? r_scangle_it                 ? ? 
'X-RAY DIFFRACTION' ? 4.858  10.346 743  ? r_scangle_other              ? ? 
'X-RAY DIFFRACTION' ? 6.365  80.957 1202 ? r_lrange_it                  ? ? 
'X-RAY DIFFRACTION' ? 6.352  80.948 1201 ? r_lrange_other               ? ? 
# 
loop_
_refine_ls_shell.pdbx_refine_id 
_refine_ls_shell.d_res_high 
_refine_ls_shell.d_res_low 
_refine_ls_shell.number_reflns_all 
_refine_ls_shell.number_reflns_obs 
_refine_ls_shell.number_reflns_R_free 
_refine_ls_shell.number_reflns_R_work 
_refine_ls_shell.percent_reflns_obs 
_refine_ls_shell.percent_reflns_R_free 
_refine_ls_shell.R_factor_all 
_refine_ls_shell.R_factor_obs 
_refine_ls_shell.R_factor_R_free 
_refine_ls_shell.R_factor_R_free_error 
_refine_ls_shell.R_factor_R_work 
_refine_ls_shell.redundancy_reflns_all 
_refine_ls_shell.redundancy_reflns_obs 
_refine_ls_shell.wR_factor_all 
_refine_ls_shell.wR_factor_obs 
_refine_ls_shell.wR_factor_R_free 
_refine_ls_shell.wR_factor_R_work 
_refine_ls_shell.pdbx_R_complete 
_refine_ls_shell.pdbx_total_number_of_bins_used 
_refine_ls_shell.pdbx_phase_error 
_refine_ls_shell.pdbx_fsc_work 
_refine_ls_shell.pdbx_fsc_free 
'X-RAY DIFFRACTION' 2.360  2.421  . . 36 750 99.7462  . . . 0.466 . 0.345 . . . . . . . . . . . 
'X-RAY DIFFRACTION' 2.421  2.487  . . 38 715 99.7351  . . . 0.379 . 0.371 . . . . . . . . . . . 
'X-RAY DIFFRACTION' 2.487  2.559  . . 29 699 100.0000 . . . 0.426 . 0.326 . . . . . . . . . . . 
'X-RAY DIFFRACTION' 2.559  2.637  . . 30 704 99.8639  . . . 0.282 . 0.320 . . . . . . . . . . . 
'X-RAY DIFFRACTION' 2.637  2.723  . . 23 661 99.7085  . . . 0.299 . 0.284 . . . . . . . . . . . 
'X-RAY DIFFRACTION' 2.723  2.818  . . 34 643 100.0000 . . . 0.390 . 0.282 . . . . . . . . . . . 
'X-RAY DIFFRACTION' 2.818  2.924  . . 20 633 100.0000 . . . 0.280 . 0.242 . . . . . . . . . . . 
'X-RAY DIFFRACTION' 2.924  3.043  . . 19 598 100.0000 . . . 0.244 . 0.231 . . . . . . . . . . . 
'X-RAY DIFFRACTION' 3.043  3.177  . . 36 572 100.0000 . . . 0.224 . 0.249 . . . . . . . . . . . 
'X-RAY DIFFRACTION' 3.177  3.331  . . 29 542 100.0000 . . . 0.251 . 0.227 . . . . . . . . . . . 
'X-RAY DIFFRACTION' 3.331  3.509  . . 28 535 100.0000 . . . 0.308 . 0.213 . . . . . . . . . . . 
'X-RAY DIFFRACTION' 3.509  3.720  . . 34 470 100.0000 . . . 0.211 . 0.195 . . . . . . . . . . . 
'X-RAY DIFFRACTION' 3.720  3.974  . . 21 467 100.0000 . . . 0.178 . 0.180 . . . . . . . . . . . 
'X-RAY DIFFRACTION' 3.974  4.288  . . 32 435 100.0000 . . . 0.165 . 0.158 . . . . . . . . . . . 
'X-RAY DIFFRACTION' 4.288  4.691  . . 22 398 100.0000 . . . 0.192 . 0.145 . . . . . . . . . . . 
'X-RAY DIFFRACTION' 4.691  5.234  . . 20 366 100.0000 . . . 0.232 . 0.157 . . . . . . . . . . . 
'X-RAY DIFFRACTION' 5.234  6.024  . . 12 328 100.0000 . . . 0.208 . 0.182 . . . . . . . . . . . 
'X-RAY DIFFRACTION' 6.024  7.328  . . 16 273 100.0000 . . . 0.159 . 0.134 . . . . . . . . . . . 
'X-RAY DIFFRACTION' 7.328  10.163 . . 10 224 100.0000 . . . 0.085 . 0.110 . . . . . . . . . . . 
'X-RAY DIFFRACTION' 10.163 36.640 . . 3  141 100.0000 . . . 0.129 . 0.171 . . . . . . . . . . . 
# 
_struct.entry_id                     8B2H 
_struct.title                        'Muramidase from Thermothielavioides terrestris, catalytic domain' 
_struct.pdbx_model_details           ? 
_struct.pdbx_formula_weight          ? 
_struct.pdbx_formula_weight_method   ? 
_struct.pdbx_model_type_details      ? 
_struct.pdbx_CASP_flag               N 
# 
_struct_keywords.entry_id        8B2H 
_struct_keywords.text            'SH3-like, muramidase, peptidoglycan, cell wall binding domain, HYDROLASE' 
_struct_keywords.pdbx_keywords   HYDROLASE 
# 
loop_
_struct_asym.id 
_struct_asym.pdbx_blank_PDB_chainid_flag 
_struct_asym.pdbx_modified 
_struct_asym.entity_id 
_struct_asym.details 
A N N 1 ? 
B N N 2 ? 
C N N 3 ? 
D N N 3 ? 
E N N 4 ? 
# 
_struct_ref.id                         1 
_struct_ref.db_name                    UNP 
_struct_ref.db_code                    G2QV10_THETT 
_struct_ref.pdbx_db_accession          G2QV10 
_struct_ref.pdbx_db_isoform            ? 
_struct_ref.entity_id                  1 
_struct_ref.pdbx_seq_one_letter_code   
;YPVKADTLNCRSGPGTSYKVIKTYKKGTDLKITCQTPGTSVNGDNLWDKTSDGCYVADYYVKTGTSGYVTAHCDAGSGSG
SSGGGNLPGLNSVQSSHARAIIGEAKKEGVGRHGCEAGIATALVESNILIYANKAVPASLKYPHDAVGSDHDSVGIFQQR
AKYYPNIAADMDPARSAAQFFAKMKGIKGWQSMAVGTLCQKVQGSAYPDRYAKRVSEATKICQAGGL
;
_struct_ref.pdbx_align_begin           20 
# 
_struct_ref_seq.align_id                      1 
_struct_ref_seq.ref_id                        1 
_struct_ref_seq.pdbx_PDB_id_code              8B2H 
_struct_ref_seq.pdbx_strand_id                A 
_struct_ref_seq.seq_align_beg                 1 
_struct_ref_seq.pdbx_seq_align_beg_ins_code   ? 
_struct_ref_seq.seq_align_end                 227 
_struct_ref_seq.pdbx_seq_align_end_ins_code   ? 
_struct_ref_seq.pdbx_db_accession             G2QV10 
_struct_ref_seq.db_align_beg                  20 
_struct_ref_seq.pdbx_db_align_beg_ins_code    ? 
_struct_ref_seq.db_align_end                  246 
_struct_ref_seq.pdbx_db_align_end_ins_code    ? 
_struct_ref_seq.pdbx_auth_seq_align_beg       1 
_struct_ref_seq.pdbx_auth_seq_align_end       227 
# 
_pdbx_struct_assembly.id                   1 
_pdbx_struct_assembly.details              author_defined_assembly 
_pdbx_struct_assembly.method_details       ? 
_pdbx_struct_assembly.oligomeric_details   monomeric 
_pdbx_struct_assembly.oligomeric_count     1 
# 
_pdbx_struct_assembly_gen.assembly_id       1 
_pdbx_struct_assembly_gen.oper_expression   1 
_pdbx_struct_assembly_gen.asym_id_list      A,B,C,D,E 
# 
_pdbx_struct_assembly_auth_evidence.id                     1 
_pdbx_struct_assembly_auth_evidence.assembly_id            1 
_pdbx_struct_assembly_auth_evidence.experimental_support   none 
_pdbx_struct_assembly_auth_evidence.details                ? 
# 
_pdbx_struct_oper_list.id                   1 
_pdbx_struct_oper_list.type                 'identity operation' 
_pdbx_struct_oper_list.name                 1_555 
_pdbx_struct_oper_list.symmetry_operation   x,y,z 
_pdbx_struct_oper_list.matrix[1][1]         1.0000000000 
_pdbx_struct_oper_list.matrix[1][2]         0.0000000000 
_pdbx_struct_oper_list.matrix[1][3]         0.0000000000 
_pdbx_struct_oper_list.vector[1]            0.0000000000 
_pdbx_struct_oper_list.matrix[2][1]         0.0000000000 
_pdbx_struct_oper_list.matrix[2][2]         1.0000000000 
_pdbx_struct_oper_list.matrix[2][3]         0.0000000000 
_pdbx_struct_oper_list.vector[2]            0.0000000000 
_pdbx_struct_oper_list.matrix[3][1]         0.0000000000 
_pdbx_struct_oper_list.matrix[3][2]         0.0000000000 
_pdbx_struct_oper_list.matrix[3][3]         1.0000000000 
_pdbx_struct_oper_list.vector[3]            0.0000000000 
# 
loop_
_struct_conf.conf_type_id 
_struct_conf.id 
_struct_conf.pdbx_PDB_helix_id 
_struct_conf.beg_label_comp_id 
_struct_conf.beg_label_asym_id 
_struct_conf.beg_label_seq_id 
_struct_conf.pdbx_beg_PDB_ins_code 
_struct_conf.end_label_comp_id 
_struct_conf.end_label_asym_id 
_struct_conf.end_label_seq_id 
_struct_conf.pdbx_end_PDB_ins_code 
_struct_conf.beg_auth_comp_id 
_struct_conf.beg_auth_asym_id 
_struct_conf.beg_auth_seq_id 
_struct_conf.end_auth_comp_id 
_struct_conf.end_auth_asym_id 
_struct_conf.end_auth_seq_id 
_struct_conf.pdbx_PDB_helix_class 
_struct_conf.details 
_struct_conf.pdbx_PDB_helix_length 
HELX_P HELX_P1 AA1 ASN A 91  ? GLY A 109 ? ASN A 91  GLY A 109 1 ? 19 
HELX_P HELX_P2 AA2 VAL A 110 ? ASN A 127 ? VAL A 110 ASN A 127 1 ? 18 
HELX_P HELX_P3 AA3 VAL A 136 ? TYR A 142 ? VAL A 136 TYR A 142 5 ? 7  
HELX_P HELX_P4 AA4 ASN A 166 ? ASP A 172 ? ASN A 166 ASP A 172 1 ? 7  
HELX_P HELX_P5 AA5 ASP A 172 ? GLY A 186 ? ASP A 172 GLY A 186 1 ? 15 
HELX_P HELX_P6 AA6 GLY A 189 ? MET A 193 ? GLY A 189 MET A 193 5 ? 5  
HELX_P HELX_P7 AA7 ALA A 194 ? GLY A 204 ? ALA A 194 GLY A 204 1 ? 11 
HELX_P HELX_P8 AA8 PRO A 208 ? LYS A 213 ? PRO A 208 LYS A 213 1 ? 6  
HELX_P HELX_P9 AA9 ARG A 214 ? GLY A 225 ? ARG A 214 GLY A 225 1 ? 12 
# 
_struct_conf_type.id          HELX_P 
_struct_conf_type.criteria    ? 
_struct_conf_type.reference   ? 
# 
loop_
_struct_conn.id 
_struct_conn.conn_type_id 
_struct_conn.pdbx_leaving_atom_flag 
_struct_conn.pdbx_PDB_id 
_struct_conn.ptnr1_label_asym_id 
_struct_conn.ptnr1_label_comp_id 
_struct_conn.ptnr1_label_seq_id 
_struct_conn.ptnr1_label_atom_id 
_struct_conn.pdbx_ptnr1_label_alt_id 
_struct_conn.pdbx_ptnr1_PDB_ins_code 
_struct_conn.pdbx_ptnr1_standard_comp_id 
_struct_conn.ptnr1_symmetry 
_struct_conn.ptnr2_label_asym_id 
_struct_conn.ptnr2_label_comp_id 
_struct_conn.ptnr2_label_seq_id 
_struct_conn.ptnr2_label_atom_id 
_struct_conn.pdbx_ptnr2_label_alt_id 
_struct_conn.pdbx_ptnr2_PDB_ins_code 
_struct_conn.ptnr1_auth_asym_id 
_struct_conn.ptnr1_auth_comp_id 
_struct_conn.ptnr1_auth_seq_id 
_struct_conn.ptnr2_auth_asym_id 
_struct_conn.ptnr2_auth_comp_id 
_struct_conn.ptnr2_auth_seq_id 
_struct_conn.ptnr2_symmetry 
_struct_conn.pdbx_ptnr3_label_atom_id 
_struct_conn.pdbx_ptnr3_label_seq_id 
_struct_conn.pdbx_ptnr3_label_comp_id 
_struct_conn.pdbx_ptnr3_label_asym_id 
_struct_conn.pdbx_ptnr3_label_alt_id 
_struct_conn.pdbx_ptnr3_PDB_ins_code 
_struct_conn.details 
_struct_conn.pdbx_dist_value 
_struct_conn.pdbx_value_order 
_struct_conn.pdbx_role 
disulf1 disulf ? ? A CYS 115 SG  ? ? ? 1_555 A CYS 222 SG ? ? A CYS 115 A CYS 222 1_555 ? ? ? ? ? ? ? 2.094 ? ? 
metalc1 metalc ? ? A HIS 113 ND1 ? ? ? 1_555 C ZN  .   ZN ? ? A HIS 113 A ZN  302 1_555 ? ? ? ? ? ? ? 2.258 ? ? 
metalc2 metalc ? ? A GLU 116 OE1 ? ? ? 1_555 C ZN  .   ZN ? ? A GLU 116 A ZN  302 1_555 ? ? ? ? ? ? ? 2.042 ? ? 
metalc3 metalc ? ? A HIS 151 NE2 ? ? ? 1_555 D ZN  .   ZN ? ? A HIS 151 A ZN  303 1_555 ? ? ? ? ? ? ? 2.012 ? ? 
metalc4 metalc ? ? A HIS 151 NE2 ? ? ? 1_555 D ZN  .   ZN ? ? A HIS 151 A ZN  303 2_565 ? ? ? ? ? ? ? 2.012 ? ? 
metalc5 metalc ? ? C ZN  .   ZN  ? ? ? 1_555 E HOH .   O  ? ? A ZN  302 A HOH 424 1_555 ? ? ? ? ? ? ? 2.031 ? ? 
metalc6 metalc ? ? C ZN  .   ZN  ? ? ? 1_555 E HOH .   O  ? ? A ZN  302 A HOH 429 1_555 ? ? ? ? ? ? ? 2.035 ? ? 
metalc7 metalc ? ? D ZN  .   ZN  ? ? ? 1_555 E HOH .   O  ? ? A ZN  303 A HOH 438 1_555 ? ? ? ? ? ? ? 2.614 ? ? 
metalc8 metalc ? ? D ZN  .   ZN  ? ? ? 1_555 E HOH .   O  ? ? A ZN  303 A HOH 438 2_565 ? ? ? ? ? ? ? 2.614 ? ? 
# 
loop_
_struct_conn_type.id 
_struct_conn_type.criteria 
_struct_conn_type.reference 
disulf ? ? 
metalc ? ? 
# 
loop_
_pdbx_struct_conn_angle.id 
_pdbx_struct_conn_angle.ptnr1_label_atom_id 
_pdbx_struct_conn_angle.ptnr1_label_alt_id 
_pdbx_struct_conn_angle.ptnr1_label_asym_id 
_pdbx_struct_conn_angle.ptnr1_label_comp_id 
_pdbx_struct_conn_angle.ptnr1_label_seq_id 
_pdbx_struct_conn_angle.ptnr1_auth_atom_id 
_pdbx_struct_conn_angle.ptnr1_auth_asym_id 
_pdbx_struct_conn_angle.ptnr1_auth_comp_id 
_pdbx_struct_conn_angle.ptnr1_auth_seq_id 
_pdbx_struct_conn_angle.ptnr1_PDB_ins_code 
_pdbx_struct_conn_angle.ptnr1_symmetry 
_pdbx_struct_conn_angle.ptnr2_label_atom_id 
_pdbx_struct_conn_angle.ptnr2_label_alt_id 
_pdbx_struct_conn_angle.ptnr2_label_asym_id 
_pdbx_struct_conn_angle.ptnr2_label_comp_id 
_pdbx_struct_conn_angle.ptnr2_label_seq_id 
_pdbx_struct_conn_angle.ptnr2_auth_atom_id 
_pdbx_struct_conn_angle.ptnr2_auth_asym_id 
_pdbx_struct_conn_angle.ptnr2_auth_comp_id 
_pdbx_struct_conn_angle.ptnr2_auth_seq_id 
_pdbx_struct_conn_angle.ptnr2_PDB_ins_code 
_pdbx_struct_conn_angle.ptnr2_symmetry 
_pdbx_struct_conn_angle.ptnr3_label_atom_id 
_pdbx_struct_conn_angle.ptnr3_label_alt_id 
_pdbx_struct_conn_angle.ptnr3_label_asym_id 
_pdbx_struct_conn_angle.ptnr3_label_comp_id 
_pdbx_struct_conn_angle.ptnr3_label_seq_id 
_pdbx_struct_conn_angle.ptnr3_auth_atom_id 
_pdbx_struct_conn_angle.ptnr3_auth_asym_id 
_pdbx_struct_conn_angle.ptnr3_auth_comp_id 
_pdbx_struct_conn_angle.ptnr3_auth_seq_id 
_pdbx_struct_conn_angle.ptnr3_PDB_ins_code 
_pdbx_struct_conn_angle.ptnr3_symmetry 
_pdbx_struct_conn_angle.value 
_pdbx_struct_conn_angle.value_esd 
1  ND1 ? A HIS 113 ? A HIS 113 ? 1_555 ZN ? C ZN . ? A ZN 302 ? 1_555 OE1 ? A GLU 116 ? A GLU 116 ? 1_555 117.7 ? 
2  ND1 ? A HIS 113 ? A HIS 113 ? 1_555 ZN ? C ZN . ? A ZN 302 ? 1_555 O   ? E HOH .   ? A HOH 424 ? 1_555 103.0 ? 
3  OE1 ? A GLU 116 ? A GLU 116 ? 1_555 ZN ? C ZN . ? A ZN 302 ? 1_555 O   ? E HOH .   ? A HOH 424 ? 1_555 92.0  ? 
4  ND1 ? A HIS 113 ? A HIS 113 ? 1_555 ZN ? C ZN . ? A ZN 302 ? 1_555 O   ? E HOH .   ? A HOH 429 ? 1_555 108.2 ? 
5  OE1 ? A GLU 116 ? A GLU 116 ? 1_555 ZN ? C ZN . ? A ZN 302 ? 1_555 O   ? E HOH .   ? A HOH 429 ? 1_555 102.4 ? 
6  O   ? E HOH .   ? A HOH 424 ? 1_555 ZN ? C ZN . ? A ZN 302 ? 1_555 O   ? E HOH .   ? A HOH 429 ? 1_555 133.7 ? 
7  NE2 ? A HIS 151 ? A HIS 151 ? 1_555 ZN ? D ZN . ? A ZN 303 ? 1_555 NE2 ? A HIS 151 ? A HIS 151 ? 1_555 0.0   ? 
8  NE2 ? A HIS 151 ? A HIS 151 ? 1_555 ZN ? D ZN . ? A ZN 303 ? 1_555 O   ? E HOH .   ? A HOH 438 ? 1_555 114.1 ? 
9  NE2 ? A HIS 151 ? A HIS 151 ? 1_555 ZN ? D ZN . ? A ZN 303 ? 1_555 O   ? E HOH .   ? A HOH 438 ? 1_555 114.1 ? 
10 NE2 ? A HIS 151 ? A HIS 151 ? 1_555 ZN ? D ZN . ? A ZN 303 ? 1_555 O   ? E HOH .   ? A HOH 438 ? 2_565 114.1 ? 
11 NE2 ? A HIS 151 ? A HIS 151 ? 1_555 ZN ? D ZN . ? A ZN 303 ? 1_555 O   ? E HOH .   ? A HOH 438 ? 2_565 114.1 ? 
12 O   ? E HOH .   ? A HOH 438 ? 1_555 ZN ? D ZN . ? A ZN 303 ? 1_555 O   ? E HOH .   ? A HOH 438 ? 2_565 0.0   ? 
# 
_pdbx_modification_feature.ordinal                            1 
_pdbx_modification_feature.label_comp_id                      CYS 
_pdbx_modification_feature.label_asym_id                      A 
_pdbx_modification_feature.label_seq_id                       115 
_pdbx_modification_feature.label_alt_id                       ? 
_pdbx_modification_feature.modified_residue_label_comp_id     CYS 
_pdbx_modification_feature.modified_residue_label_asym_id     A 
_pdbx_modification_feature.modified_residue_label_seq_id      222 
_pdbx_modification_feature.modified_residue_label_alt_id      ? 
_pdbx_modification_feature.auth_comp_id                       CYS 
_pdbx_modification_feature.auth_asym_id                       A 
_pdbx_modification_feature.auth_seq_id                        115 
_pdbx_modification_feature.PDB_ins_code                       ? 
_pdbx_modification_feature.symmetry                           1_555 
_pdbx_modification_feature.modified_residue_auth_comp_id      CYS 
_pdbx_modification_feature.modified_residue_auth_asym_id      A 
_pdbx_modification_feature.modified_residue_auth_seq_id       222 
_pdbx_modification_feature.modified_residue_PDB_ins_code      ? 
_pdbx_modification_feature.modified_residue_symmetry          1_555 
_pdbx_modification_feature.comp_id_linking_atom               SG 
_pdbx_modification_feature.modified_residue_id_linking_atom   SG 
_pdbx_modification_feature.modified_residue_id                . 
_pdbx_modification_feature.ref_pcm_id                         . 
_pdbx_modification_feature.ref_comp_id                        . 
_pdbx_modification_feature.type                               None 
_pdbx_modification_feature.category                           'Disulfide bridge' 
# 
loop_
_struct_sheet.id 
_struct_sheet.type 
_struct_sheet.number_strands 
_struct_sheet.details 
AA1 ? 2 ? 
AA2 ? 2 ? 
# 
loop_
_struct_sheet_order.sheet_id 
_struct_sheet_order.range_id_1 
_struct_sheet_order.range_id_2 
_struct_sheet_order.offset 
_struct_sheet_order.sense 
AA1 1 2 ? parallel      
AA2 1 2 ? anti-parallel 
# 
loop_
_struct_sheet_range.sheet_id 
_struct_sheet_range.id 
_struct_sheet_range.beg_label_comp_id 
_struct_sheet_range.beg_label_asym_id 
_struct_sheet_range.beg_label_seq_id 
_struct_sheet_range.pdbx_beg_PDB_ins_code 
_struct_sheet_range.end_label_comp_id 
_struct_sheet_range.end_label_asym_id 
_struct_sheet_range.end_label_seq_id 
_struct_sheet_range.pdbx_end_PDB_ins_code 
_struct_sheet_range.beg_auth_comp_id 
_struct_sheet_range.beg_auth_asym_id 
_struct_sheet_range.beg_auth_seq_id 
_struct_sheet_range.end_auth_comp_id 
_struct_sheet_range.end_auth_asym_id 
_struct_sheet_range.end_auth_seq_id 
AA1 1 TYR A 131 ? ASN A 133 ? TYR A 131 ASN A 133 
AA1 2 ALA A 146 ? GLY A 148 ? ALA A 146 GLY A 148 
AA2 1 SER A 153 ? VAL A 154 ? SER A 153 VAL A 154 
AA2 2 GLN A 159 ? ARG A 160 ? GLN A 159 ARG A 160 
# 
loop_
_pdbx_struct_sheet_hbond.sheet_id 
_pdbx_struct_sheet_hbond.range_id_1 
_pdbx_struct_sheet_hbond.range_id_2 
_pdbx_struct_sheet_hbond.range_1_label_atom_id 
_pdbx_struct_sheet_hbond.range_1_label_comp_id 
_pdbx_struct_sheet_hbond.range_1_label_asym_id 
_pdbx_struct_sheet_hbond.range_1_label_seq_id 
_pdbx_struct_sheet_hbond.range_1_PDB_ins_code 
_pdbx_struct_sheet_hbond.range_1_auth_atom_id 
_pdbx_struct_sheet_hbond.range_1_auth_comp_id 
_pdbx_struct_sheet_hbond.range_1_auth_asym_id 
_pdbx_struct_sheet_hbond.range_1_auth_seq_id 
_pdbx_struct_sheet_hbond.range_2_label_atom_id 
_pdbx_struct_sheet_hbond.range_2_label_comp_id 
_pdbx_struct_sheet_hbond.range_2_label_asym_id 
_pdbx_struct_sheet_hbond.range_2_label_seq_id 
_pdbx_struct_sheet_hbond.range_2_PDB_ins_code 
_pdbx_struct_sheet_hbond.range_2_auth_atom_id 
_pdbx_struct_sheet_hbond.range_2_auth_comp_id 
_pdbx_struct_sheet_hbond.range_2_auth_asym_id 
_pdbx_struct_sheet_hbond.range_2_auth_seq_id 
AA1 1 2 N ALA A 132 ? N ALA A 132 O GLY A 148 ? O GLY A 148 
AA2 1 2 N VAL A 154 ? N VAL A 154 O GLN A 159 ? O GLN A 159 
# 
_pdbx_entry_details.entry_id                   8B2H 
_pdbx_entry_details.has_ligand_of_interest     N 
_pdbx_entry_details.compound_details           ? 
_pdbx_entry_details.source_details             ? 
_pdbx_entry_details.nonpolymer_details         ? 
_pdbx_entry_details.sequence_details           ? 
_pdbx_entry_details.has_protein_modification   Y 
# 
loop_
_pdbx_validate_torsion.id 
_pdbx_validate_torsion.PDB_model_num 
_pdbx_validate_torsion.auth_comp_id 
_pdbx_validate_torsion.auth_asym_id 
_pdbx_validate_torsion.auth_seq_id 
_pdbx_validate_torsion.PDB_ins_code 
_pdbx_validate_torsion.label_alt_id 
_pdbx_validate_torsion.phi 
_pdbx_validate_torsion.psi 
1 1 PRO A 88  ? ? -49.29  106.12  
2 1 SER A 126 ? ? -145.24 -6.97   
3 1 SER A 149 ? ? -140.53 38.48   
4 1 HIS A 151 ? ? 48.43   -134.94 
# 
loop_
_pdbx_struct_special_symmetry.id 
_pdbx_struct_special_symmetry.PDB_model_num 
_pdbx_struct_special_symmetry.auth_asym_id 
_pdbx_struct_special_symmetry.auth_comp_id 
_pdbx_struct_special_symmetry.auth_seq_id 
_pdbx_struct_special_symmetry.PDB_ins_code 
_pdbx_struct_special_symmetry.label_asym_id 
_pdbx_struct_special_symmetry.label_comp_id 
_pdbx_struct_special_symmetry.label_seq_id 
1 1 A ZN  303 ? D ZN  . 
2 1 A HOH 438 ? E HOH . 
3 1 A HOH 440 ? E HOH . 
# 
loop_
_pdbx_unobs_or_zero_occ_residues.id 
_pdbx_unobs_or_zero_occ_residues.PDB_model_num 
_pdbx_unobs_or_zero_occ_residues.polymer_flag 
_pdbx_unobs_or_zero_occ_residues.occupancy_flag 
_pdbx_unobs_or_zero_occ_residues.auth_asym_id 
_pdbx_unobs_or_zero_occ_residues.auth_comp_id 
_pdbx_unobs_or_zero_occ_residues.auth_seq_id 
_pdbx_unobs_or_zero_occ_residues.PDB_ins_code 
_pdbx_unobs_or_zero_occ_residues.label_asym_id 
_pdbx_unobs_or_zero_occ_residues.label_comp_id 
_pdbx_unobs_or_zero_occ_residues.label_seq_id 
1  1 Y 1 A TYR 1  ? A TYR 1  
2  1 Y 1 A PRO 2  ? A PRO 2  
3  1 Y 1 A VAL 3  ? A VAL 3  
4  1 Y 1 A LYS 4  ? A LYS 4  
5  1 Y 1 A ALA 5  ? A ALA 5  
6  1 Y 1 A ASP 6  ? A ASP 6  
7  1 Y 1 A THR 7  ? A THR 7  
8  1 Y 1 A LEU 8  ? A LEU 8  
9  1 Y 1 A ASN 9  ? A ASN 9  
10 1 Y 1 A CYS 10 ? A CYS 10 
11 1 Y 1 A ARG 11 ? A ARG 11 
12 1 Y 1 A SER 12 ? A SER 12 
13 1 Y 1 A GLY 13 ? A GLY 13 
14 1 Y 1 A PRO 14 ? A PRO 14 
15 1 Y 1 A GLY 15 ? A GLY 15 
16 1 Y 1 A THR 16 ? A THR 16 
17 1 Y 1 A SER 17 ? A SER 17 
18 1 Y 1 A TYR 18 ? A TYR 18 
19 1 Y 1 A LYS 19 ? A LYS 19 
20 1 Y 1 A VAL 20 ? A VAL 20 
21 1 Y 1 A ILE 21 ? A ILE 21 
22 1 Y 1 A LYS 22 ? A LYS 22 
23 1 Y 1 A THR 23 ? A THR 23 
24 1 Y 1 A TYR 24 ? A TYR 24 
25 1 Y 1 A LYS 25 ? A LYS 25 
26 1 Y 1 A LYS 26 ? A LYS 26 
27 1 Y 1 A GLY 27 ? A GLY 27 
28 1 Y 1 A THR 28 ? A THR 28 
29 1 Y 1 A ASP 29 ? A ASP 29 
30 1 Y 1 A LEU 30 ? A LEU 30 
31 1 Y 1 A LYS 31 ? A LYS 31 
32 1 Y 1 A ILE 32 ? A ILE 32 
33 1 Y 1 A THR 33 ? A THR 33 
34 1 Y 1 A CYS 34 ? A CYS 34 
35 1 Y 1 A GLN 35 ? A GLN 35 
36 1 Y 1 A THR 36 ? A THR 36 
37 1 Y 1 A PRO 37 ? A PRO 37 
38 1 Y 1 A GLY 38 ? A GLY 38 
39 1 Y 1 A THR 39 ? A THR 39 
40 1 Y 1 A SER 40 ? A SER 40 
41 1 Y 1 A VAL 41 ? A VAL 41 
42 1 Y 1 A ASN 42 ? A ASN 42 
43 1 Y 1 A GLY 43 ? A GLY 43 
44 1 Y 1 A ASP 44 ? A ASP 44 
45 1 Y 1 A ASN 45 ? A ASN 45 
46 1 Y 1 A LEU 46 ? A LEU 46 
47 1 Y 1 A TRP 47 ? A TRP 47 
48 1 Y 1 A ASP 48 ? A ASP 48 
49 1 Y 1 A LYS 49 ? A LYS 49 
50 1 Y 1 A THR 50 ? A THR 50 
51 1 Y 1 A SER 51 ? A SER 51 
52 1 Y 1 A ASP 52 ? A ASP 52 
53 1 Y 1 A GLY 53 ? A GLY 53 
54 1 Y 1 A CYS 54 ? A CYS 54 
55 1 Y 1 A TYR 55 ? A TYR 55 
56 1 Y 1 A VAL 56 ? A VAL 56 
57 1 Y 1 A ALA 57 ? A ALA 57 
58 1 Y 1 A ASP 58 ? A ASP 58 
59 1 Y 1 A TYR 59 ? A TYR 59 
60 1 Y 1 A TYR 60 ? A TYR 60 
61 1 Y 1 A VAL 61 ? A VAL 61 
62 1 Y 1 A LYS 62 ? A LYS 62 
63 1 Y 1 A THR 63 ? A THR 63 
64 1 Y 1 A GLY 64 ? A GLY 64 
65 1 Y 1 A THR 65 ? A THR 65 
66 1 Y 1 A SER 66 ? A SER 66 
67 1 Y 1 A GLY 67 ? A GLY 67 
68 1 Y 1 A TYR 68 ? A TYR 68 
69 1 Y 1 A VAL 69 ? A VAL 69 
70 1 Y 1 A THR 70 ? A THR 70 
71 1 Y 1 A ALA 71 ? A ALA 71 
72 1 Y 1 A HIS 72 ? A HIS 72 
73 1 Y 1 A CYS 73 ? A CYS 73 
74 1 Y 1 A ASP 74 ? A ASP 74 
75 1 Y 1 A ALA 75 ? A ALA 75 
76 1 Y 1 A GLY 76 ? A GLY 76 
77 1 Y 1 A SER 77 ? A SER 77 
78 1 Y 1 A GLY 78 ? A GLY 78 
79 1 Y 1 A SER 79 ? A SER 79 
80 1 Y 1 A GLY 80 ? A GLY 80 
81 1 Y 1 A SER 81 ? A SER 81 
82 1 Y 1 A SER 82 ? A SER 82 
83 1 Y 1 A GLY 83 ? A GLY 83 
84 1 Y 1 A GLY 84 ? A GLY 84 
# 
loop_
_chem_comp_atom.comp_id 
_chem_comp_atom.atom_id 
_chem_comp_atom.type_symbol 
_chem_comp_atom.pdbx_aromatic_flag 
_chem_comp_atom.pdbx_stereo_config 
_chem_comp_atom.pdbx_ordinal 
ALA N    N  N N 1   
ALA CA   C  N S 2   
ALA C    C  N N 3   
ALA O    O  N N 4   
ALA CB   C  N N 5   
ALA OXT  O  N N 6   
ALA H    H  N N 7   
ALA H2   H  N N 8   
ALA HA   H  N N 9   
ALA HB1  H  N N 10  
ALA HB2  H  N N 11  
ALA HB3  H  N N 12  
ALA HXT  H  N N 13  
ARG N    N  N N 14  
ARG CA   C  N S 15  
ARG C    C  N N 16  
ARG O    O  N N 17  
ARG CB   C  N N 18  
ARG CG   C  N N 19  
ARG CD   C  N N 20  
ARG NE   N  N N 21  
ARG CZ   C  N N 22  
ARG NH1  N  N N 23  
ARG NH2  N  N N 24  
ARG OXT  O  N N 25  
ARG H    H  N N 26  
ARG H2   H  N N 27  
ARG HA   H  N N 28  
ARG HB2  H  N N 29  
ARG HB3  H  N N 30  
ARG HG2  H  N N 31  
ARG HG3  H  N N 32  
ARG HD2  H  N N 33  
ARG HD3  H  N N 34  
ARG HE   H  N N 35  
ARG HH11 H  N N 36  
ARG HH12 H  N N 37  
ARG HH21 H  N N 38  
ARG HH22 H  N N 39  
ARG HXT  H  N N 40  
ASN N    N  N N 41  
ASN CA   C  N S 42  
ASN C    C  N N 43  
ASN O    O  N N 44  
ASN CB   C  N N 45  
ASN CG   C  N N 46  
ASN OD1  O  N N 47  
ASN ND2  N  N N 48  
ASN OXT  O  N N 49  
ASN H    H  N N 50  
ASN H2   H  N N 51  
ASN HA   H  N N 52  
ASN HB2  H  N N 53  
ASN HB3  H  N N 54  
ASN HD21 H  N N 55  
ASN HD22 H  N N 56  
ASN HXT  H  N N 57  
ASP N    N  N N 58  
ASP CA   C  N S 59  
ASP C    C  N N 60  
ASP O    O  N N 61  
ASP CB   C  N N 62  
ASP CG   C  N N 63  
ASP OD1  O  N N 64  
ASP OD2  O  N N 65  
ASP OXT  O  N N 66  
ASP H    H  N N 67  
ASP H2   H  N N 68  
ASP HA   H  N N 69  
ASP HB2  H  N N 70  
ASP HB3  H  N N 71  
ASP HD2  H  N N 72  
ASP HXT  H  N N 73  
CYS N    N  N N 74  
CYS CA   C  N R 75  
CYS C    C  N N 76  
CYS O    O  N N 77  
CYS CB   C  N N 78  
CYS SG   S  N N 79  
CYS OXT  O  N N 80  
CYS H    H  N N 81  
CYS H2   H  N N 82  
CYS HA   H  N N 83  
CYS HB2  H  N N 84  
CYS HB3  H  N N 85  
CYS HG   H  N N 86  
CYS HXT  H  N N 87  
EDO C1   C  N N 88  
EDO O1   O  N N 89  
EDO C2   C  N N 90  
EDO O2   O  N N 91  
EDO H11  H  N N 92  
EDO H12  H  N N 93  
EDO HO1  H  N N 94  
EDO H21  H  N N 95  
EDO H22  H  N N 96  
EDO HO2  H  N N 97  
GLN N    N  N N 98  
GLN CA   C  N S 99  
GLN C    C  N N 100 
GLN O    O  N N 101 
GLN CB   C  N N 102 
GLN CG   C  N N 103 
GLN CD   C  N N 104 
GLN OE1  O  N N 105 
GLN NE2  N  N N 106 
GLN OXT  O  N N 107 
GLN H    H  N N 108 
GLN H2   H  N N 109 
GLN HA   H  N N 110 
GLN HB2  H  N N 111 
GLN HB3  H  N N 112 
GLN HG2  H  N N 113 
GLN HG3  H  N N 114 
GLN HE21 H  N N 115 
GLN HE22 H  N N 116 
GLN HXT  H  N N 117 
GLU N    N  N N 118 
GLU CA   C  N S 119 
GLU C    C  N N 120 
GLU O    O  N N 121 
GLU CB   C  N N 122 
GLU CG   C  N N 123 
GLU CD   C  N N 124 
GLU OE1  O  N N 125 
GLU OE2  O  N N 126 
GLU OXT  O  N N 127 
GLU H    H  N N 128 
GLU H2   H  N N 129 
GLU HA   H  N N 130 
GLU HB2  H  N N 131 
GLU HB3  H  N N 132 
GLU HG2  H  N N 133 
GLU HG3  H  N N 134 
GLU HE2  H  N N 135 
GLU HXT  H  N N 136 
GLY N    N  N N 137 
GLY CA   C  N N 138 
GLY C    C  N N 139 
GLY O    O  N N 140 
GLY OXT  O  N N 141 
GLY H    H  N N 142 
GLY H2   H  N N 143 
GLY HA2  H  N N 144 
GLY HA3  H  N N 145 
GLY HXT  H  N N 146 
HIS N    N  N N 147 
HIS CA   C  N S 148 
HIS C    C  N N 149 
HIS O    O  N N 150 
HIS CB   C  N N 151 
HIS CG   C  Y N 152 
HIS ND1  N  Y N 153 
HIS CD2  C  Y N 154 
HIS CE1  C  Y N 155 
HIS NE2  N  Y N 156 
HIS OXT  O  N N 157 
HIS H    H  N N 158 
HIS H2   H  N N 159 
HIS HA   H  N N 160 
HIS HB2  H  N N 161 
HIS HB3  H  N N 162 
HIS HD1  H  N N 163 
HIS HD2  H  N N 164 
HIS HE1  H  N N 165 
HIS HE2  H  N N 166 
HIS HXT  H  N N 167 
HOH O    O  N N 168 
HOH H1   H  N N 169 
HOH H2   H  N N 170 
ILE N    N  N N 171 
ILE CA   C  N S 172 
ILE C    C  N N 173 
ILE O    O  N N 174 
ILE CB   C  N S 175 
ILE CG1  C  N N 176 
ILE CG2  C  N N 177 
ILE CD1  C  N N 178 
ILE OXT  O  N N 179 
ILE H    H  N N 180 
ILE H2   H  N N 181 
ILE HA   H  N N 182 
ILE HB   H  N N 183 
ILE HG12 H  N N 184 
ILE HG13 H  N N 185 
ILE HG21 H  N N 186 
ILE HG22 H  N N 187 
ILE HG23 H  N N 188 
ILE HD11 H  N N 189 
ILE HD12 H  N N 190 
ILE HD13 H  N N 191 
ILE HXT  H  N N 192 
LEU N    N  N N 193 
LEU CA   C  N S 194 
LEU C    C  N N 195 
LEU O    O  N N 196 
LEU CB   C  N N 197 
LEU CG   C  N N 198 
LEU CD1  C  N N 199 
LEU CD2  C  N N 200 
LEU OXT  O  N N 201 
LEU H    H  N N 202 
LEU H2   H  N N 203 
LEU HA   H  N N 204 
LEU HB2  H  N N 205 
LEU HB3  H  N N 206 
LEU HG   H  N N 207 
LEU HD11 H  N N 208 
LEU HD12 H  N N 209 
LEU HD13 H  N N 210 
LEU HD21 H  N N 211 
LEU HD22 H  N N 212 
LEU HD23 H  N N 213 
LEU HXT  H  N N 214 
LYS N    N  N N 215 
LYS CA   C  N S 216 
LYS C    C  N N 217 
LYS O    O  N N 218 
LYS CB   C  N N 219 
LYS CG   C  N N 220 
LYS CD   C  N N 221 
LYS CE   C  N N 222 
LYS NZ   N  N N 223 
LYS OXT  O  N N 224 
LYS H    H  N N 225 
LYS H2   H  N N 226 
LYS HA   H  N N 227 
LYS HB2  H  N N 228 
LYS HB3  H  N N 229 
LYS HG2  H  N N 230 
LYS HG3  H  N N 231 
LYS HD2  H  N N 232 
LYS HD3  H  N N 233 
LYS HE2  H  N N 234 
LYS HE3  H  N N 235 
LYS HZ1  H  N N 236 
LYS HZ2  H  N N 237 
LYS HZ3  H  N N 238 
LYS HXT  H  N N 239 
MET N    N  N N 240 
MET CA   C  N S 241 
MET C    C  N N 242 
MET O    O  N N 243 
MET CB   C  N N 244 
MET CG   C  N N 245 
MET SD   S  N N 246 
MET CE   C  N N 247 
MET OXT  O  N N 248 
MET H    H  N N 249 
MET H2   H  N N 250 
MET HA   H  N N 251 
MET HB2  H  N N 252 
MET HB3  H  N N 253 
MET HG2  H  N N 254 
MET HG3  H  N N 255 
MET HE1  H  N N 256 
MET HE2  H  N N 257 
MET HE3  H  N N 258 
MET HXT  H  N N 259 
PHE N    N  N N 260 
PHE CA   C  N S 261 
PHE C    C  N N 262 
PHE O    O  N N 263 
PHE CB   C  N N 264 
PHE CG   C  Y N 265 
PHE CD1  C  Y N 266 
PHE CD2  C  Y N 267 
PHE CE1  C  Y N 268 
PHE CE2  C  Y N 269 
PHE CZ   C  Y N 270 
PHE OXT  O  N N 271 
PHE H    H  N N 272 
PHE H2   H  N N 273 
PHE HA   H  N N 274 
PHE HB2  H  N N 275 
PHE HB3  H  N N 276 
PHE HD1  H  N N 277 
PHE HD2  H  N N 278 
PHE HE1  H  N N 279 
PHE HE2  H  N N 280 
PHE HZ   H  N N 281 
PHE HXT  H  N N 282 
PRO N    N  N N 283 
PRO CA   C  N S 284 
PRO C    C  N N 285 
PRO O    O  N N 286 
PRO CB   C  N N 287 
PRO CG   C  N N 288 
PRO CD   C  N N 289 
PRO OXT  O  N N 290 
PRO H    H  N N 291 
PRO HA   H  N N 292 
PRO HB2  H  N N 293 
PRO HB3  H  N N 294 
PRO HG2  H  N N 295 
PRO HG3  H  N N 296 
PRO HD2  H  N N 297 
PRO HD3  H  N N 298 
PRO HXT  H  N N 299 
SER N    N  N N 300 
SER CA   C  N S 301 
SER C    C  N N 302 
SER O    O  N N 303 
SER CB   C  N N 304 
SER OG   O  N N 305 
SER OXT  O  N N 306 
SER H    H  N N 307 
SER H2   H  N N 308 
SER HA   H  N N 309 
SER HB2  H  N N 310 
SER HB3  H  N N 311 
SER HG   H  N N 312 
SER HXT  H  N N 313 
THR N    N  N N 314 
THR CA   C  N S 315 
THR C    C  N N 316 
THR O    O  N N 317 
THR CB   C  N R 318 
THR OG1  O  N N 319 
THR CG2  C  N N 320 
THR OXT  O  N N 321 
THR H    H  N N 322 
THR H2   H  N N 323 
THR HA   H  N N 324 
THR HB   H  N N 325 
THR HG1  H  N N 326 
THR HG21 H  N N 327 
THR HG22 H  N N 328 
THR HG23 H  N N 329 
THR HXT  H  N N 330 
TRP N    N  N N 331 
TRP CA   C  N S 332 
TRP C    C  N N 333 
TRP O    O  N N 334 
TRP CB   C  N N 335 
TRP CG   C  Y N 336 
TRP CD1  C  Y N 337 
TRP CD2  C  Y N 338 
TRP NE1  N  Y N 339 
TRP CE2  C  Y N 340 
TRP CE3  C  Y N 341 
TRP CZ2  C  Y N 342 
TRP CZ3  C  Y N 343 
TRP CH2  C  Y N 344 
TRP OXT  O  N N 345 
TRP H    H  N N 346 
TRP H2   H  N N 347 
TRP HA   H  N N 348 
TRP HB2  H  N N 349 
TRP HB3  H  N N 350 
TRP HD1  H  N N 351 
TRP HE1  H  N N 352 
TRP HE3  H  N N 353 
TRP HZ2  H  N N 354 
TRP HZ3  H  N N 355 
TRP HH2  H  N N 356 
TRP HXT  H  N N 357 
TYR N    N  N N 358 
TYR CA   C  N S 359 
TYR C    C  N N 360 
TYR O    O  N N 361 
TYR CB   C  N N 362 
TYR CG   C  Y N 363 
TYR CD1  C  Y N 364 
TYR CD2  C  Y N 365 
TYR CE1  C  Y N 366 
TYR CE2  C  Y N 367 
TYR CZ   C  Y N 368 
TYR OH   O  N N 369 
TYR OXT  O  N N 370 
TYR H    H  N N 371 
TYR H2   H  N N 372 
TYR HA   H  N N 373 
TYR HB2  H  N N 374 
TYR HB3  H  N N 375 
TYR HD1  H  N N 376 
TYR HD2  H  N N 377 
TYR HE1  H  N N 378 
TYR HE2  H  N N 379 
TYR HH   H  N N 380 
TYR HXT  H  N N 381 
VAL N    N  N N 382 
VAL CA   C  N S 383 
VAL C    C  N N 384 
VAL O    O  N N 385 
VAL CB   C  N N 386 
VAL CG1  C  N N 387 
VAL CG2  C  N N 388 
VAL OXT  O  N N 389 
VAL H    H  N N 390 
VAL H2   H  N N 391 
VAL HA   H  N N 392 
VAL HB   H  N N 393 
VAL HG11 H  N N 394 
VAL HG12 H  N N 395 
VAL HG13 H  N N 396 
VAL HG21 H  N N 397 
VAL HG22 H  N N 398 
VAL HG23 H  N N 399 
VAL HXT  H  N N 400 
ZN  ZN   ZN N N 401 
# 
loop_
_chem_comp_bond.comp_id 
_chem_comp_bond.atom_id_1 
_chem_comp_bond.atom_id_2 
_chem_comp_bond.value_order 
_chem_comp_bond.pdbx_aromatic_flag 
_chem_comp_bond.pdbx_stereo_config 
_chem_comp_bond.pdbx_ordinal 
ALA N   CA   sing N N 1   
ALA N   H    sing N N 2   
ALA N   H2   sing N N 3   
ALA CA  C    sing N N 4   
ALA CA  CB   sing N N 5   
ALA CA  HA   sing N N 6   
ALA C   O    doub N N 7   
ALA C   OXT  sing N N 8   
ALA CB  HB1  sing N N 9   
ALA CB  HB2  sing N N 10  
ALA CB  HB3  sing N N 11  
ALA OXT HXT  sing N N 12  
ARG N   CA   sing N N 13  
ARG N   H    sing N N 14  
ARG N   H2   sing N N 15  
ARG CA  C    sing N N 16  
ARG CA  CB   sing N N 17  
ARG CA  HA   sing N N 18  
ARG C   O    doub N N 19  
ARG C   OXT  sing N N 20  
ARG CB  CG   sing N N 21  
ARG CB  HB2  sing N N 22  
ARG CB  HB3  sing N N 23  
ARG CG  CD   sing N N 24  
ARG CG  HG2  sing N N 25  
ARG CG  HG3  sing N N 26  
ARG CD  NE   sing N N 27  
ARG CD  HD2  sing N N 28  
ARG CD  HD3  sing N N 29  
ARG NE  CZ   sing N N 30  
ARG NE  HE   sing N N 31  
ARG CZ  NH1  sing N N 32  
ARG CZ  NH2  doub N N 33  
ARG NH1 HH11 sing N N 34  
ARG NH1 HH12 sing N N 35  
ARG NH2 HH21 sing N N 36  
ARG NH2 HH22 sing N N 37  
ARG OXT HXT  sing N N 38  
ASN N   CA   sing N N 39  
ASN N   H    sing N N 40  
ASN N   H2   sing N N 41  
ASN CA  C    sing N N 42  
ASN CA  CB   sing N N 43  
ASN CA  HA   sing N N 44  
ASN C   O    doub N N 45  
ASN C   OXT  sing N N 46  
ASN CB  CG   sing N N 47  
ASN CB  HB2  sing N N 48  
ASN CB  HB3  sing N N 49  
ASN CG  OD1  doub N N 50  
ASN CG  ND2  sing N N 51  
ASN ND2 HD21 sing N N 52  
ASN ND2 HD22 sing N N 53  
ASN OXT HXT  sing N N 54  
ASP N   CA   sing N N 55  
ASP N   H    sing N N 56  
ASP N   H2   sing N N 57  
ASP CA  C    sing N N 58  
ASP CA  CB   sing N N 59  
ASP CA  HA   sing N N 60  
ASP C   O    doub N N 61  
ASP C   OXT  sing N N 62  
ASP CB  CG   sing N N 63  
ASP CB  HB2  sing N N 64  
ASP CB  HB3  sing N N 65  
ASP CG  OD1  doub N N 66  
ASP CG  OD2  sing N N 67  
ASP OD2 HD2  sing N N 68  
ASP OXT HXT  sing N N 69  
CYS N   CA   sing N N 70  
CYS N   H    sing N N 71  
CYS N   H2   sing N N 72  
CYS CA  C    sing N N 73  
CYS CA  CB   sing N N 74  
CYS CA  HA   sing N N 75  
CYS C   O    doub N N 76  
CYS C   OXT  sing N N 77  
CYS CB  SG   sing N N 78  
CYS CB  HB2  sing N N 79  
CYS CB  HB3  sing N N 80  
CYS SG  HG   sing N N 81  
CYS OXT HXT  sing N N 82  
EDO C1  O1   sing N N 83  
EDO C1  C2   sing N N 84  
EDO C1  H11  sing N N 85  
EDO C1  H12  sing N N 86  
EDO O1  HO1  sing N N 87  
EDO C2  O2   sing N N 88  
EDO C2  H21  sing N N 89  
EDO C2  H22  sing N N 90  
EDO O2  HO2  sing N N 91  
GLN N   CA   sing N N 92  
GLN N   H    sing N N 93  
GLN N   H2   sing N N 94  
GLN CA  C    sing N N 95  
GLN CA  CB   sing N N 96  
GLN CA  HA   sing N N 97  
GLN C   O    doub N N 98  
GLN C   OXT  sing N N 99  
GLN CB  CG   sing N N 100 
GLN CB  HB2  sing N N 101 
GLN CB  HB3  sing N N 102 
GLN CG  CD   sing N N 103 
GLN CG  HG2  sing N N 104 
GLN CG  HG3  sing N N 105 
GLN CD  OE1  doub N N 106 
GLN CD  NE2  sing N N 107 
GLN NE2 HE21 sing N N 108 
GLN NE2 HE22 sing N N 109 
GLN OXT HXT  sing N N 110 
GLU N   CA   sing N N 111 
GLU N   H    sing N N 112 
GLU N   H2   sing N N 113 
GLU CA  C    sing N N 114 
GLU CA  CB   sing N N 115 
GLU CA  HA   sing N N 116 
GLU C   O    doub N N 117 
GLU C   OXT  sing N N 118 
GLU CB  CG   sing N N 119 
GLU CB  HB2  sing N N 120 
GLU CB  HB3  sing N N 121 
GLU CG  CD   sing N N 122 
GLU CG  HG2  sing N N 123 
GLU CG  HG3  sing N N 124 
GLU CD  OE1  doub N N 125 
GLU CD  OE2  sing N N 126 
GLU OE2 HE2  sing N N 127 
GLU OXT HXT  sing N N 128 
GLY N   CA   sing N N 129 
GLY N   H    sing N N 130 
GLY N   H2   sing N N 131 
GLY CA  C    sing N N 132 
GLY CA  HA2  sing N N 133 
GLY CA  HA3  sing N N 134 
GLY C   O    doub N N 135 
GLY C   OXT  sing N N 136 
GLY OXT HXT  sing N N 137 
HIS N   CA   sing N N 138 
HIS N   H    sing N N 139 
HIS N   H2   sing N N 140 
HIS CA  C    sing N N 141 
HIS CA  CB   sing N N 142 
HIS CA  HA   sing N N 143 
HIS C   O    doub N N 144 
HIS C   OXT  sing N N 145 
HIS CB  CG   sing N N 146 
HIS CB  HB2  sing N N 147 
HIS CB  HB3  sing N N 148 
HIS CG  ND1  sing Y N 149 
HIS CG  CD2  doub Y N 150 
HIS ND1 CE1  doub Y N 151 
HIS ND1 HD1  sing N N 152 
HIS CD2 NE2  sing Y N 153 
HIS CD2 HD2  sing N N 154 
HIS CE1 NE2  sing Y N 155 
HIS CE1 HE1  sing N N 156 
HIS NE2 HE2  sing N N 157 
HIS OXT HXT  sing N N 158 
HOH O   H1   sing N N 159 
HOH O   H2   sing N N 160 
ILE N   CA   sing N N 161 
ILE N   H    sing N N 162 
ILE N   H2   sing N N 163 
ILE CA  C    sing N N 164 
ILE CA  CB   sing N N 165 
ILE CA  HA   sing N N 166 
ILE C   O    doub N N 167 
ILE C   OXT  sing N N 168 
ILE CB  CG1  sing N N 169 
ILE CB  CG2  sing N N 170 
ILE CB  HB   sing N N 171 
ILE CG1 CD1  sing N N 172 
ILE CG1 HG12 sing N N 173 
ILE CG1 HG13 sing N N 174 
ILE CG2 HG21 sing N N 175 
ILE CG2 HG22 sing N N 176 
ILE CG2 HG23 sing N N 177 
ILE CD1 HD11 sing N N 178 
ILE CD1 HD12 sing N N 179 
ILE CD1 HD13 sing N N 180 
ILE OXT HXT  sing N N 181 
LEU N   CA   sing N N 182 
LEU N   H    sing N N 183 
LEU N   H2   sing N N 184 
LEU CA  C    sing N N 185 
LEU CA  CB   sing N N 186 
LEU CA  HA   sing N N 187 
LEU C   O    doub N N 188 
LEU C   OXT  sing N N 189 
LEU CB  CG   sing N N 190 
LEU CB  HB2  sing N N 191 
LEU CB  HB3  sing N N 192 
LEU CG  CD1  sing N N 193 
LEU CG  CD2  sing N N 194 
LEU CG  HG   sing N N 195 
LEU CD1 HD11 sing N N 196 
LEU CD1 HD12 sing N N 197 
LEU CD1 HD13 sing N N 198 
LEU CD2 HD21 sing N N 199 
LEU CD2 HD22 sing N N 200 
LEU CD2 HD23 sing N N 201 
LEU OXT HXT  sing N N 202 
LYS N   CA   sing N N 203 
LYS N   H    sing N N 204 
LYS N   H2   sing N N 205 
LYS CA  C    sing N N 206 
LYS CA  CB   sing N N 207 
LYS CA  HA   sing N N 208 
LYS C   O    doub N N 209 
LYS C   OXT  sing N N 210 
LYS CB  CG   sing N N 211 
LYS CB  HB2  sing N N 212 
LYS CB  HB3  sing N N 213 
LYS CG  CD   sing N N 214 
LYS CG  HG2  sing N N 215 
LYS CG  HG3  sing N N 216 
LYS CD  CE   sing N N 217 
LYS CD  HD2  sing N N 218 
LYS CD  HD3  sing N N 219 
LYS CE  NZ   sing N N 220 
LYS CE  HE2  sing N N 221 
LYS CE  HE3  sing N N 222 
LYS NZ  HZ1  sing N N 223 
LYS NZ  HZ2  sing N N 224 
LYS NZ  HZ3  sing N N 225 
LYS OXT HXT  sing N N 226 
MET N   CA   sing N N 227 
MET N   H    sing N N 228 
MET N   H2   sing N N 229 
MET CA  C    sing N N 230 
MET CA  CB   sing N N 231 
MET CA  HA   sing N N 232 
MET C   O    doub N N 233 
MET C   OXT  sing N N 234 
MET CB  CG   sing N N 235 
MET CB  HB2  sing N N 236 
MET CB  HB3  sing N N 237 
MET CG  SD   sing N N 238 
MET CG  HG2  sing N N 239 
MET CG  HG3  sing N N 240 
MET SD  CE   sing N N 241 
MET CE  HE1  sing N N 242 
MET CE  HE2  sing N N 243 
MET CE  HE3  sing N N 244 
MET OXT HXT  sing N N 245 
PHE N   CA   sing N N 246 
PHE N   H    sing N N 247 
PHE N   H2   sing N N 248 
PHE CA  C    sing N N 249 
PHE CA  CB   sing N N 250 
PHE CA  HA   sing N N 251 
PHE C   O    doub N N 252 
PHE C   OXT  sing N N 253 
PHE CB  CG   sing N N 254 
PHE CB  HB2  sing N N 255 
PHE CB  HB3  sing N N 256 
PHE CG  CD1  doub Y N 257 
PHE CG  CD2  sing Y N 258 
PHE CD1 CE1  sing Y N 259 
PHE CD1 HD1  sing N N 260 
PHE CD2 CE2  doub Y N 261 
PHE CD2 HD2  sing N N 262 
PHE CE1 CZ   doub Y N 263 
PHE CE1 HE1  sing N N 264 
PHE CE2 CZ   sing Y N 265 
PHE CE2 HE2  sing N N 266 
PHE CZ  HZ   sing N N 267 
PHE OXT HXT  sing N N 268 
PRO N   CA   sing N N 269 
PRO N   CD   sing N N 270 
PRO N   H    sing N N 271 
PRO CA  C    sing N N 272 
PRO CA  CB   sing N N 273 
PRO CA  HA   sing N N 274 
PRO C   O    doub N N 275 
PRO C   OXT  sing N N 276 
PRO CB  CG   sing N N 277 
PRO CB  HB2  sing N N 278 
PRO CB  HB3  sing N N 279 
PRO CG  CD   sing N N 280 
PRO CG  HG2  sing N N 281 
PRO CG  HG3  sing N N 282 
PRO CD  HD2  sing N N 283 
PRO CD  HD3  sing N N 284 
PRO OXT HXT  sing N N 285 
SER N   CA   sing N N 286 
SER N   H    sing N N 287 
SER N   H2   sing N N 288 
SER CA  C    sing N N 289 
SER CA  CB   sing N N 290 
SER CA  HA   sing N N 291 
SER C   O    doub N N 292 
SER C   OXT  sing N N 293 
SER CB  OG   sing N N 294 
SER CB  HB2  sing N N 295 
SER CB  HB3  sing N N 296 
SER OG  HG   sing N N 297 
SER OXT HXT  sing N N 298 
THR N   CA   sing N N 299 
THR N   H    sing N N 300 
THR N   H2   sing N N 301 
THR CA  C    sing N N 302 
THR CA  CB   sing N N 303 
THR CA  HA   sing N N 304 
THR C   O    doub N N 305 
THR C   OXT  sing N N 306 
THR CB  OG1  sing N N 307 
THR CB  CG2  sing N N 308 
THR CB  HB   sing N N 309 
THR OG1 HG1  sing N N 310 
THR CG2 HG21 sing N N 311 
THR CG2 HG22 sing N N 312 
THR CG2 HG23 sing N N 313 
THR OXT HXT  sing N N 314 
TRP N   CA   sing N N 315 
TRP N   H    sing N N 316 
TRP N   H2   sing N N 317 
TRP CA  C    sing N N 318 
TRP CA  CB   sing N N 319 
TRP CA  HA   sing N N 320 
TRP C   O    doub N N 321 
TRP C   OXT  sing N N 322 
TRP CB  CG   sing N N 323 
TRP CB  HB2  sing N N 324 
TRP CB  HB3  sing N N 325 
TRP CG  CD1  doub Y N 326 
TRP CG  CD2  sing Y N 327 
TRP CD1 NE1  sing Y N 328 
TRP CD1 HD1  sing N N 329 
TRP CD2 CE2  doub Y N 330 
TRP CD2 CE3  sing Y N 331 
TRP NE1 CE2  sing Y N 332 
TRP NE1 HE1  sing N N 333 
TRP CE2 CZ2  sing Y N 334 
TRP CE3 CZ3  doub Y N 335 
TRP CE3 HE3  sing N N 336 
TRP CZ2 CH2  doub Y N 337 
TRP CZ2 HZ2  sing N N 338 
TRP CZ3 CH2  sing Y N 339 
TRP CZ3 HZ3  sing N N 340 
TRP CH2 HH2  sing N N 341 
TRP OXT HXT  sing N N 342 
TYR N   CA   sing N N 343 
TYR N   H    sing N N 344 
TYR N   H2   sing N N 345 
TYR CA  C    sing N N 346 
TYR CA  CB   sing N N 347 
TYR CA  HA   sing N N 348 
TYR C   O    doub N N 349 
TYR C   OXT  sing N N 350 
TYR CB  CG   sing N N 351 
TYR CB  HB2  sing N N 352 
TYR CB  HB3  sing N N 353 
TYR CG  CD1  doub Y N 354 
TYR CG  CD2  sing Y N 355 
TYR CD1 CE1  sing Y N 356 
TYR CD1 HD1  sing N N 357 
TYR CD2 CE2  doub Y N 358 
TYR CD2 HD2  sing N N 359 
TYR CE1 CZ   doub Y N 360 
TYR CE1 HE1  sing N N 361 
TYR CE2 CZ   sing Y N 362 
TYR CE2 HE2  sing N N 363 
TYR CZ  OH   sing N N 364 
TYR OH  HH   sing N N 365 
TYR OXT HXT  sing N N 366 
VAL N   CA   sing N N 367 
VAL N   H    sing N N 368 
VAL N   H2   sing N N 369 
VAL CA  C    sing N N 370 
VAL CA  CB   sing N N 371 
VAL CA  HA   sing N N 372 
VAL C   O    doub N N 373 
VAL C   OXT  sing N N 374 
VAL CB  CG1  sing N N 375 
VAL CB  CG2  sing N N 376 
VAL CB  HB   sing N N 377 
VAL CG1 HG11 sing N N 378 
VAL CG1 HG12 sing N N 379 
VAL CG1 HG13 sing N N 380 
VAL CG2 HG21 sing N N 381 
VAL CG2 HG22 sing N N 382 
VAL CG2 HG23 sing N N 383 
VAL OXT HXT  sing N N 384 
# 
_pdbx_audit_support.funding_organization   'Not funded' 
_pdbx_audit_support.country                ? 
_pdbx_audit_support.grant_number           ? 
_pdbx_audit_support.ordinal                1 
# 
_pdbx_initial_refinement_model.id               1 
_pdbx_initial_refinement_model.entity_id_list   ? 
_pdbx_initial_refinement_model.type             'experimental model' 
_pdbx_initial_refinement_model.source_name      PDB 
_pdbx_initial_refinement_model.accession_code   8B2E 
_pdbx_initial_refinement_model.details          ? 
# 
_atom_sites.entry_id                    8B2H 
_atom_sites.Cartn_transf_matrix[1][1]   ? 
_atom_sites.Cartn_transf_matrix[1][2]   ? 
_atom_sites.Cartn_transf_matrix[1][3]   ? 
_atom_sites.Cartn_transf_matrix[2][1]   ? 
_atom_sites.Cartn_transf_matrix[2][2]   ? 
_atom_sites.Cartn_transf_matrix[2][3]   ? 
_atom_sites.Cartn_transf_matrix[3][1]   ? 
_atom_sites.Cartn_transf_matrix[3][2]   ? 
_atom_sites.Cartn_transf_matrix[3][3]   ? 
_atom_sites.Cartn_transf_vector[1]      ? 
_atom_sites.Cartn_transf_vector[2]      ? 
_atom_sites.Cartn_transf_vector[3]      ? 
_atom_sites.fract_transf_matrix[1][1]   -0.00261838 
_atom_sites.fract_transf_matrix[1][2]   0.00885280 
_atom_sites.fract_transf_matrix[1][3]   -0.01004940 
_atom_sites.fract_transf_matrix[2][1]   0.00659851 
_atom_sites.fract_transf_matrix[2][2]   0.01193533 
_atom_sites.fract_transf_matrix[2][3]   -0.00046997 
_atom_sites.fract_transf_matrix[3][1]   0.01141752 
_atom_sites.fract_transf_matrix[3][2]   -0.00666041 
_atom_sites.fract_transf_matrix[3][3]   -0.00884220 
_atom_sites.fract_transf_vector[1]      -0.078152 
_atom_sites.fract_transf_vector[2]      0.419503 
_atom_sites.fract_transf_vector[3]      -0.006739 
_atom_sites.solution_primary            ? 
_atom_sites.solution_secondary          ? 
_atom_sites.solution_hydrogens          ? 
_atom_sites.special_details             ? 
# 
loop_
_atom_type.symbol 
_atom_type.pdbx_scat_Z 
_atom_type.pdbx_N_electrons 
_atom_type.scat_Cromer_Mann_a1 
_atom_type.scat_Cromer_Mann_b1 
_atom_type.scat_Cromer_Mann_a2 
_atom_type.scat_Cromer_Mann_b2 
_atom_type.scat_Cromer_Mann_a3 
_atom_type.scat_Cromer_Mann_b3 
_atom_type.scat_Cromer_Mann_a4 
_atom_type.scat_Cromer_Mann_b4 
_atom_type.scat_Cromer_Mann_c 
C  6  6  2.310  20.844 1.020 10.208 1.589 0.569  0.865 51.651 0.216   
CD ?  ?  ?      ?      ?     ?      ?     ?      ?     ?      ?       
H  1  1  0.493  10.511 0.323 26.126 0.140 3.142  0.041 57.800 0.003   
N  7  7  12.222 0.006  3.135 9.893  2.014 28.997 1.167 0.583  -11.538 
O  8  8  3.049  13.277 2.287 5.701  1.546 0.324  0.867 32.909 0.251   
S  16 16 6.905  1.468  5.203 22.215 1.438 0.254  1.586 56.172 1.031   
ZN 30 30 14.081 3.266  7.035 0.233  5.168 10.316 2.411 58.710 1.188   
# 
loop_
_atom_site.group_PDB 
_atom_site.id 
_atom_site.type_symbol 
_atom_site.label_atom_id 
_atom_site.label_alt_id 
_atom_site.label_comp_id 
_atom_site.label_asym_id 
_atom_site.label_entity_id 
_atom_site.label_seq_id 
_atom_site.pdbx_PDB_ins_code 
_atom_site.Cartn_x 
_atom_site.Cartn_y 
_atom_site.Cartn_z 
_atom_site.occupancy 
_atom_site.B_iso_or_equiv 
_atom_site.pdbx_formal_charge 
_atom_site.auth_seq_id 
_atom_site.auth_comp_id 
_atom_site.auth_asym_id 
_atom_site.auth_atom_id 
_atom_site.pdbx_PDB_model_num 
_atom_site.calc_flag 
ATOM   1    N  N   . GLY A 1 85  ? -14.513 7.377   -14.396 1.000 92.136  0 85  GLY A N   1 ? 
ATOM   2    C  CA  . GLY A 1 85  ? -15.166 7.126   -13.098 1.000 90.562  0 85  GLY A CA  1 ? 
ATOM   3    C  C   . GLY A 1 85  ? -14.215 6.447   -12.116 1.000 93.215  0 85  GLY A C   1 ? 
ATOM   4    O  O   . GLY A 1 85  ? -13.199 7.021   -11.725 1.000 88.379  0 85  GLY A O   1 ? 
ATOM   5    N  N   . ASN A 1 86  ? -14.560 5.211   -11.735 1.000 89.060  0 86  ASN A N   1 ? 
ATOM   6    C  CA  . ASN A 1 86  ? -13.863 4.481   -10.690 1.000 86.571  0 86  ASN A CA  1 ? 
ATOM   7    C  C   . ASN A 1 86  ? -13.049 3.353   -11.313 1.000 86.726  0 86  ASN A C   1 ? 
ATOM   8    O  O   . ASN A 1 86  ? -13.344 2.923   -12.425 1.000 90.084  0 86  ASN A O   1 ? 
ATOM   9    C  CB  . ASN A 1 86  ? -14.842 3.893   -9.668  1.000 85.235  0 86  ASN A CB  1 ? 
ATOM   10   C  CG  . ASN A 1 86  ? -15.557 4.927   -8.820  1.000 84.383  0 86  ASN A CG  1 ? 
ATOM   11   O  OD1 . ASN A 1 86  ? -15.251 6.118   -8.859  1.000 85.176  0 86  ASN A OD1 1 ? 
ATOM   12   N  ND2 . ASN A 1 86  ? -16.509 4.468   -8.027  1.000 74.769  0 86  ASN A ND2 1 ? 
ATOM   13   N  N   . LEU A 1 87  ? -12.048 2.858   -10.569 1.000 82.344  0 87  LEU A N   1 ? 
ATOM   14   C  CA  . LEU A 1 87  ? -11.182 1.782   -11.031 1.000 78.174  0 87  LEU A CA  1 ? 
ATOM   15   C  C   . LEU A 1 87  ? -11.850 0.435   -10.749 1.000 77.769  0 87  LEU A C   1 ? 
ATOM   16   O  O   . LEU A 1 87  ? -12.741 0.353   -9.907  1.000 76.246  0 87  LEU A O   1 ? 
ATOM   17   C  CB  . LEU A 1 87  ? -9.819  1.901   -10.339 1.000 75.840  0 87  LEU A CB  1 ? 
ATOM   18   C  CG  . LEU A 1 87  ? -9.040  3.188   -10.622 1.000 76.652  0 87  LEU A CG  1 ? 
ATOM   19   C  CD1 . LEU A 1 87  ? -7.737  3.243   -9.836  1.000 75.393  0 87  LEU A CD1 1 ? 
ATOM   20   C  CD2 . LEU A 1 87  ? -8.747  3.333   -12.104 1.000 80.039  0 87  LEU A CD2 1 ? 
ATOM   21   N  N   . PRO A 1 88  ? -11.462 -0.651  -11.463 1.000 80.861  0 88  PRO A N   1 ? 
ATOM   22   C  CA  . PRO A 1 88  ? -12.108 -1.963  -11.320 1.000 81.342  0 88  PRO A CA  1 ? 
ATOM   23   C  C   . PRO A 1 88  ? -12.286 -2.485  -9.893  1.000 83.497  0 88  PRO A C   1 ? 
ATOM   24   O  O   . PRO A 1 88  ? -11.332 -2.935  -9.252  1.000 83.008  0 88  PRO A O   1 ? 
ATOM   25   C  CB  . PRO A 1 88  ? -11.168 -2.900  -12.105 1.000 81.992  0 88  PRO A CB  1 ? 
ATOM   26   C  CG  . PRO A 1 88  ? -10.574 -2.009  -13.174 1.000 81.633  0 88  PRO A CG  1 ? 
ATOM   27   C  CD  . PRO A 1 88  ? -10.415 -0.660  -12.501 1.000 80.180  0 88  PRO A CD  1 ? 
ATOM   28   N  N   . GLY A 1 89  ? -13.539 -2.441  -9.420  1.000 80.534  0 89  GLY A N   1 ? 
ATOM   29   C  CA  . GLY A 1 89  ? -13.929 -3.050  -8.159  1.000 77.835  0 89  GLY A CA  1 ? 
ATOM   30   C  C   . GLY A 1 89  ? -13.713 -2.118  -6.967  1.000 75.970  0 89  GLY A C   1 ? 
ATOM   31   O  O   . GLY A 1 89  ? -13.839 -2.550  -5.828  1.000 73.648  0 89  GLY A O   1 ? 
ATOM   32   N  N   . LEU A 1 90  ? -13.403 -0.844  -7.242  1.000 70.698  0 90  LEU A N   1 ? 
ATOM   33   C  CA  . LEU A 1 90  ? -13.099 0.131   -6.207  1.000 69.861  0 90  LEU A CA  1 ? 
ATOM   34   C  C   . LEU A 1 90  ? -14.160 1.225   -6.212  1.000 70.685  0 90  LEU A C   1 ? 
ATOM   35   O  O   . LEU A 1 90  ? -14.514 1.718   -7.278  1.000 79.571  0 90  LEU A O   1 ? 
ATOM   36   C  CB  . LEU A 1 90  ? -11.730 0.759   -6.488  1.000 71.271  0 90  LEU A CB  1 ? 
ATOM   37   C  CG  . LEU A 1 90  ? -10.522 -0.177  -6.483  1.000 70.125  0 90  LEU A CG  1 ? 
ATOM   38   C  CD1 . LEU A 1 90  ? -9.231  0.628   -6.532  1.000 68.750  0 90  LEU A CD1 1 ? 
ATOM   39   C  CD2 . LEU A 1 90  ? -10.529 -1.094  -5.270  1.000 69.160  0 90  LEU A CD2 1 ? 
ATOM   40   N  N   . ASN A 1 91  ? -14.612 1.641   -5.023  1.000 68.672  0 91  ASN A N   1 ? 
ATOM   41   C  CA  . ASN A 1 91  ? -15.453 2.824   -4.900  1.000 70.859  0 91  ASN A CA  1 ? 
ATOM   42   C  C   . ASN A 1 91  ? -14.583 4.069   -5.084  1.000 71.051  0 91  ASN A C   1 ? 
ATOM   43   O  O   . ASN A 1 91  ? -13.386 3.954   -5.336  1.000 72.815  0 91  ASN A O   1 ? 
ATOM   44   C  CB  . ASN A 1 91  ? -16.242 2.838   -3.588  1.000 73.226  0 91  ASN A CB  1 ? 
ATOM   45   C  CG  . ASN A 1 91  ? -15.372 2.923   -2.353  1.000 71.811  0 91  ASN A CG  1 ? 
ATOM   46   O  OD1 . ASN A 1 91  ? -14.417 3.694   -2.297  1.000 74.254  0 91  ASN A OD1 1 ? 
ATOM   47   N  ND2 . ASN A 1 91  ? -15.703 2.128   -1.352  1.000 65.261  0 91  ASN A ND2 1 ? 
ATOM   48   N  N   . SER A 1 92  ? -15.188 5.258   -4.953  1.000 73.054  0 92  SER A N   1 ? 
ATOM   49   C  CA  . SER A 1 92  ? -14.535 6.499   -5.347  1.000 78.833  0 92  SER A CA  1 ? 
ATOM   50   C  C   . SER A 1 92  ? -13.404 6.862   -4.382  1.000 77.252  0 92  SER A C   1 ? 
ATOM   51   O  O   . SER A 1 92  ? -12.494 7.601   -4.757  1.000 76.915  0 92  SER A O   1 ? 
ATOM   52   C  CB  . SER A 1 92  ? -15.533 7.633   -5.475  1.000 75.740  0 92  SER A CB  1 ? 
ATOM   53   O  OG  . SER A 1 92  ? -16.025 8.022   -4.204  1.000 70.429  0 92  SER A OG  1 ? 
ATOM   54   N  N   . VAL A 1 93  ? -13.479 6.343   -3.147  1.000 75.478  0 93  VAL A N   1 ? 
ATOM   55   C  CA  . VAL A 1 93  ? -12.478 6.605   -2.124  1.000 73.707  0 93  VAL A CA  1 ? 
ATOM   56   C  C   . VAL A 1 93  ? -11.258 5.721   -2.377  1.000 70.662  0 93  VAL A C   1 ? 
ATOM   57   O  O   . VAL A 1 93  ? -10.132 6.218   -2.452  1.000 63.721  0 93  VAL A O   1 ? 
ATOM   58   C  CB  . VAL A 1 93  ? -13.053 6.381   -0.711  1.000 77.843  0 93  VAL A CB  1 ? 
ATOM   59   C  CG1 . VAL A 1 93  ? -11.983 6.514   0.366   1.000 78.842  0 93  VAL A CG1 1 ? 
ATOM   60   C  CG2 . VAL A 1 93  ? -14.221 7.318   -0.427  1.000 77.692  0 93  VAL A CG2 1 ? 
ATOM   61   N  N   . GLN A 1 94  ? -11.503 4.410   -2.491  1.000 65.929  0 94  GLN A N   1 ? 
ATOM   62   C  CA  . GLN A 1 94  ? -10.472 3.454   -2.861  1.000 65.856  0 94  GLN A CA  1 ? 
ATOM   63   C  C   . GLN A 1 94  ? -9.785  3.897   -4.153  1.000 67.135  0 94  GLN A C   1 ? 
ATOM   64   O  O   . GLN A 1 94  ? -8.560  3.870   -4.233  1.000 69.059  0 94  GLN A O   1 ? 
ATOM   65   C  CB  . GLN A 1 94  ? -11.075 2.060   -3.033  1.000 63.610  0 94  GLN A CB  1 ? 
ATOM   66   C  CG  . GLN A 1 94  ? -11.513 1.403   -1.735  1.000 62.325  0 94  GLN A CG  1 ? 
ATOM   67   C  CD  . GLN A 1 94  ? -12.209 0.091   -2.007  1.000 65.391  0 94  GLN A CD  1 ? 
ATOM   68   O  OE1 . GLN A 1 94  ? -13.197 0.035   -2.733  1.000 68.639  0 94  GLN A OE1 1 ? 
ATOM   69   N  NE2 . GLN A 1 94  ? -11.689 -0.987  -1.442  1.000 63.895  0 94  GLN A NE2 1 ? 
ATOM   70   N  N   . SER A 1 95  ? -10.587 4.296   -5.154  1.000 66.885  0 95  SER A N   1 ? 
ATOM   71   C  CA  . SER A 1 95  ? -10.090 4.738   -6.451  1.000 65.040  0 95  SER A CA  1 ? 
ATOM   72   C  C   . SER A 1 95  ? -9.143  5.923   -6.283  1.000 64.840  0 95  SER A C   1 ? 
ATOM   73   O  O   . SER A 1 95  ? -8.065  5.945   -6.875  1.000 71.365  0 95  SER A O   1 ? 
ATOM   74   C  CB  . SER A 1 95  ? -11.221 5.101   -7.393  1.000 64.910  0 95  SER A CB  1 ? 
ATOM   75   O  OG  . SER A 1 95  ? -11.980 3.957   -7.753  1.000 66.334  0 95  SER A OG  1 ? 
ATOM   76   N  N   . SER A 1 96  ? -9.569  6.914   -5.497  1.000 61.912  0 96  SER A N   1 ? 
ATOM   77   C  CA  . SER A 1 96  ? -8.746  8.085   -5.236  1.000 62.778  0 96  SER A CA  1 ? 
ATOM   78   C  C   . SER A 1 96  ? -7.390  7.676   -4.652  1.000 64.769  0 96  SER A C   1 ? 
ATOM   79   O  O   . SER A 1 96  ? -6.347  8.141   -5.111  1.000 64.846  0 96  SER A O   1 ? 
ATOM   80   C  CB  . SER A 1 96  ? -9.472  9.046   -4.336  1.000 58.466  0 96  SER A CB  1 ? 
ATOM   81   O  OG  . SER A 1 96  ? -8.641  10.146  -4.007  1.000 59.509  0 96  SER A OG  1 ? 
ATOM   82   N  N   . HIS A 1 97  ? -7.430  6.794   -3.643  1.000 62.906  0 97  HIS A N   1 ? 
ATOM   83   C  CA  . HIS A 1 97  ? -6.249  6.313   -2.944  1.000 62.995  0 97  HIS A CA  1 ? 
ATOM   84   C  C   . HIS A 1 97  ? -5.319  5.561   -3.900  1.000 60.860  0 97  HIS A C   1 ? 
ATOM   85   O  O   . HIS A 1 97  ? -4.113  5.808   -3.906  1.000 57.679  0 97  HIS A O   1 ? 
ATOM   86   C  CB  . HIS A 1 97  ? -6.666  5.422   -1.765  1.000 63.167  0 97  HIS A CB  1 ? 
ATOM   87   C  CG  . HIS A 1 97  ? -7.397  6.136   -0.672  1.000 62.134  0 97  HIS A CG  1 ? 
ATOM   88   N  ND1 . HIS A 1 97  ? -7.318  7.499   -0.470  1.000 60.579  0 97  HIS A ND1 1 ? 
ATOM   89   C  CD2 . HIS A 1 97  ? -8.199  5.666   0.297   1.000 60.392  0 97  HIS A CD2 1 ? 
ATOM   90   C  CE1 . HIS A 1 97  ? -8.062  7.830   0.575   1.000 59.839  0 97  HIS A CE1 1 ? 
ATOM   91   N  NE2 . HIS A 1 97  ? -8.609  6.735   1.054   1.000 59.909  0 97  HIS A NE2 1 ? 
ATOM   92   N  N   . ALA A 1 98  ? -5.891  4.640   -4.690  1.000 57.247  0 98  ALA A N   1 ? 
ATOM   93   C  CA  . ALA A 1 98  ? -5.142  3.855   -5.660  1.000 58.136  0 98  ALA A CA  1 ? 
ATOM   94   C  C   . ALA A 1 98  ? -4.488  4.750   -6.714  1.000 61.799  0 98  ALA A C   1 ? 
ATOM   95   O  O   . ALA A 1 98  ? -3.332  4.527   -7.064  1.000 63.840  0 98  ALA A O   1 ? 
ATOM   96   C  CB  . ALA A 1 98  ? -6.040  2.827   -6.301  1.000 58.176  0 98  ALA A CB  1 ? 
ATOM   97   N  N   . ARG A 1 99  ? -5.210  5.769   -7.204  1.000 65.463  0 99  ARG A N   1 ? 
ATOM   98   C  CA  . ARG A 1 99  ? -4.653  6.703   -8.175  1.000 67.891  0 99  ARG A CA  1 ? 
ATOM   99   C  C   . ARG A 1 99  ? -3.398  7.376   -7.610  1.000 64.207  0 99  ARG A C   1 ? 
ATOM   100  O  O   . ARG A 1 99  ? -2.442  7.623   -8.348  1.000 60.409  0 99  ARG A O   1 ? 
ATOM   101  C  CB  . ARG A 1 99  ? -5.703  7.731   -8.621  1.000 70.364  0 99  ARG A CB  1 ? 
ATOM   102  C  CG  . ARG A 1 99  ? -6.705  7.182   -9.628  1.000 75.230  0 99  ARG A CG  1 ? 
ATOM   103  C  CD  . ARG A 1 99  ? -7.584  8.220   -10.306 1.000 78.229  0 99  ARG A CD  1 ? 
ATOM   104  N  NE  . ARG A 1 99  ? -8.473  7.556   -11.256 1.000 85.401  0 99  ARG A NE  1 ? 
ATOM   105  C  CZ  . ARG A 1 99  ? -9.749  7.252   -11.025 1.000 91.707  0 99  ARG A CZ  1 ? 
ATOM   106  N  NH1 . ARG A 1 99  ? -10.351 7.673   -9.926  1.000 92.215  0 99  ARG A NH1 1 ? 
ATOM   107  N  NH2 . ARG A 1 99  ? -10.426 6.527   -11.900 1.000 91.136  0 99  ARG A NH2 1 ? 
ATOM   108  N  N   . ALA A 1 100 ? -3.406  7.662   -6.301  1.000 60.216  0 100 ALA A N   1 ? 
ATOM   109  C  CA  . ALA A 1 100 ? -2.285  8.317   -5.641  1.000 62.980  0 100 ALA A CA  1 ? 
ATOM   110  C  C   . ALA A 1 100 ? -1.092  7.364   -5.553  1.000 62.497  0 100 ALA A C   1 ? 
ATOM   111  O  O   . ALA A 1 100 ? 0.056   7.777   -5.715  1.000 57.497  0 100 ALA A O   1 ? 
ATOM   112  C  CB  . ALA A 1 100 ? -2.705  8.802   -4.275  1.000 62.849  0 100 ALA A CB  1 ? 
ATOM   113  N  N   . ILE A 1 101 ? -1.384  6.083   -5.302  1.000 59.622  0 101 ILE A N   1 ? 
ATOM   114  C  CA  . ILE A 1 101 ? -0.363  5.050   -5.241  1.000 61.655  0 101 ILE A CA  1 ? 
ATOM   115  C  C   . ILE A 1 101 ? 0.247   4.852   -6.628  1.000 62.901  0 101 ILE A C   1 ? 
ATOM   116  O  O   . ILE A 1 101 ? 1.468   4.893   -6.781  1.000 62.610  0 101 ILE A O   1 ? 
ATOM   117  C  CB  . ILE A 1 101 ? -0.958  3.743   -4.680  1.000 57.687  0 101 ILE A CB  1 ? 
ATOM   118  C  CG1 . ILE A 1 101 ? -1.380  3.910   -3.218  1.000 57.191  0 101 ILE A CG1 1 ? 
ATOM   119  C  CG2 . ILE A 1 101 ? 0.009   2.581   -4.861  1.000 57.948  0 101 ILE A CG2 1 ? 
ATOM   120  C  CD1 . ILE A 1 101 ? -2.235  2.783   -2.690  1.000 58.723  0 101 ILE A CD1 1 ? 
ATOM   121  N  N   . ILE A 1 102 ? -0.625  4.626   -7.621  1.000 63.058  0 102 ILE A N   1 ? 
ATOM   122  C  CA  . ILE A 1 102 ? -0.232  4.451   -9.012  1.000 61.116  0 102 ILE A CA  1 ? 
ATOM   123  C  C   . ILE A 1 102 ? 0.610   5.639   -9.479  1.000 59.254  0 102 ILE A C   1 ? 
ATOM   124  O  O   . ILE A 1 102 ? 1.626   5.449   -10.141 1.000 60.557  0 102 ILE A O   1 ? 
ATOM   125  C  CB  . ILE A 1 102 ? -1.477  4.257   -9.898  1.000 62.090  0 102 ILE A CB  1 ? 
ATOM   126  C  CG1 . ILE A 1 102 ? -2.164  2.918   -9.619  1.000 64.114  0 102 ILE A CG1 1 ? 
ATOM   127  C  CG2 . ILE A 1 102 ? -1.117  4.407   -11.368 1.000 66.769  0 102 ILE A CG2 1 ? 
ATOM   128  C  CD1 . ILE A 1 102 ? -3.518  2.763   -10.281 1.000 66.534  0 102 ILE A CD1 1 ? 
ATOM   129  N  N   . GLY A 1 103 ? 0.172   6.858   -9.148  1.000 59.040  0 103 GLY A N   1 ? 
ATOM   130  C  CA  . GLY A 1 103 ? 0.902   8.070   -9.484  1.000 59.644  0 103 GLY A CA  1 ? 
ATOM   131  C  C   . GLY A 1 103 ? 2.324   8.072   -8.927  1.000 62.133  0 103 GLY A C   1 ? 
ATOM   132  O  O   . GLY A 1 103 ? 3.248   8.533   -9.591  1.000 67.500  0 103 GLY A O   1 ? 
ATOM   133  N  N   . GLU A 1 104 ? 2.489   7.557   -7.703  1.000 67.217  0 104 GLU A N   1 ? 
ATOM   134  C  CA  . GLU A 1 104 ? 3.790   7.508   -7.053  1.000 67.020  0 104 GLU A CA  1 ? 
ATOM   135  C  C   . GLU A 1 104 ? 4.627   6.373   -7.656  1.000 62.217  0 104 GLU A C   1 ? 
ATOM   136  O  O   . GLU A 1 104 ? 5.852   6.455   -7.678  1.000 63.686  0 104 GLU A O   1 ? 
ATOM   137  C  CB  . GLU A 1 104 ? 3.591   7.396   -5.539  1.000 69.108  0 104 GLU A CB  1 ? 
ATOM   138  C  CG  . GLU A 1 104 ? 4.827   7.739   -4.719  1.000 79.144  0 104 GLU A CG  1 ? 
ATOM   139  C  CD  . GLU A 1 104 ? 5.344   9.169   -4.800  1.000 83.283  0 104 GLU A CD  1 ? 
ATOM   140  O  OE1 . GLU A 1 104 ? 4.514   10.105  -4.908  1.000 82.414  0 104 GLU A OE1 1 ? 
ATOM   141  O  OE2 . GLU A 1 104 ? 6.587   9.347   -4.709  1.000 87.932  0 104 GLU A OE2 1 ? 
ATOM   142  N  N   . ALA A 1 105 ? 3.964   5.324   -8.163  1.000 58.786  0 105 ALA A N   1 ? 
ATOM   143  C  CA  . ALA A 1 105 ? 4.629   4.243   -8.880  1.000 57.623  0 105 ALA A CA  1 ? 
ATOM   144  C  C   . ALA A 1 105 ? 5.269   4.769   -10.165 1.000 58.171  0 105 ALA A C   1 ? 
ATOM   145  O  O   . ALA A 1 105 ? 6.374   4.371   -10.525 1.000 58.245  0 105 ALA A O   1 ? 
ATOM   146  C  CB  . ALA A 1 105 ? 3.647   3.131   -9.179  1.000 55.535  0 105 ALA A CB  1 ? 
ATOM   147  N  N   . LYS A 1 106 ? 4.554   5.663   -10.857 1.000 59.344  0 106 LYS A N   1 ? 
ATOM   148  C  CA  . LYS A 1 106 ? 5.055   6.284   -12.073 1.000 59.409  0 106 LYS A CA  1 ? 
ATOM   149  C  C   . LYS A 1 106 ? 6.271   7.128   -11.728 1.000 58.096  0 106 LYS A C   1 ? 
ATOM   150  O  O   . LYS A 1 106 ? 7.325   6.973   -12.336 1.000 57.757  0 106 LYS A O   1 ? 
ATOM   151  C  CB  . LYS A 1 106 ? 3.964   7.131   -12.739 1.000 59.972  0 106 LYS A CB  1 ? 
ATOM   152  C  CG  . LYS A 1 106 ? 2.836   6.321   -13.367 1.000 60.927  0 106 LYS A CG  1 ? 
ATOM   153  C  CD  . LYS A 1 106 ? 1.610   7.121   -13.736 1.000 62.030  0 106 LYS A CD  1 ? 
ATOM   154  C  CE  . LYS A 1 106 ? 0.629   6.322   -14.569 1.000 64.964  0 106 LYS A CE  1 ? 
ATOM   155  N  NZ  . LYS A 1 106 ? -0.707  6.957   -14.608 1.000 68.545  0 106 LYS A NZ  1 ? 
ATOM   156  N  N   . LYS A 1 107 ? 6.107   7.989   -10.719 1.000 58.690  0 107 LYS A N   1 ? 
ATOM   157  C  CA  . LYS A 1 107 ? 7.152   8.904   -10.299 1.000 62.938  0 107 LYS A CA  1 ? 
ATOM   158  C  C   . LYS A 1 107 ? 8.421   8.118   -9.958  1.000 65.528  0 107 LYS A C   1 ? 
ATOM   159  O  O   . LYS A 1 107 ? 9.513   8.505   -10.369 1.000 67.569  0 107 LYS A O   1 ? 
ATOM   160  C  CB  . LYS A 1 107 ? 6.620   9.755   -9.143  1.000 70.402  0 107 LYS A CB  1 ? 
ATOM   161  C  CG  . LYS A 1 107 ? 7.507   10.922  -8.727  1.000 80.842  0 107 LYS A CG  1 ? 
ATOM   162  C  CD  . LYS A 1 107 ? 6.996   11.681  -7.516  1.000 85.892  0 107 LYS A CD  1 ? 
ATOM   163  C  CE  . LYS A 1 107 ? 8.061   12.554  -6.884  1.000 88.687  0 107 LYS A CE  1 ? 
ATOM   164  N  NZ  . LYS A 1 107 ? 7.590   13.152  -5.611  1.000 90.440  0 107 LYS A NZ  1 ? 
ATOM   165  N  N   . GLU A 1 108 ? 8.273   6.987   -9.249  1.000 69.110  0 108 GLU A N   1 ? 
ATOM   166  C  CA  . GLU A 1 108 ? 9.415   6.236   -8.743  1.000 68.259  0 108 GLU A CA  1 ? 
ATOM   167  C  C   . GLU A 1 108 ? 9.887   5.200   -9.765  1.000 63.058  0 108 GLU A C   1 ? 
ATOM   168  O  O   . GLU A 1 108 ? 10.934  4.589   -9.592  1.000 57.662  0 108 GLU A O   1 ? 
ATOM   169  C  CB  . GLU A 1 108 ? 9.087   5.616   -7.379  1.000 73.959  0 108 GLU A CB  1 ? 
ATOM   170  C  CG  . GLU A 1 108 ? 9.048   6.650   -6.259  1.000 81.200  0 108 GLU A CG  1 ? 
ATOM   171  C  CD  . GLU A 1 108 ? 9.727   6.249   -4.961  1.000 88.433  0 108 GLU A CD  1 ? 
ATOM   172  O  OE1 . GLU A 1 108 ? 10.877  5.764   -5.019  1.000 96.101  0 108 GLU A OE1 1 ? 
ATOM   173  O  OE2 . GLU A 1 108 ? 9.127   6.455   -3.890  1.000 92.692  0 108 GLU A OE2 1 ? 
ATOM   174  N  N   . GLY A 1 109 ? 9.117   5.003   -10.837 1.000 64.596  0 109 GLY A N   1 ? 
ATOM   175  C  CA  . GLY A 1 109 ? 9.592   4.243   -11.983 1.000 61.314  0 109 GLY A CA  1 ? 
ATOM   176  C  C   . GLY A 1 109 ? 9.694   2.746   -11.705 1.000 59.680  0 109 GLY A C   1 ? 
ATOM   177  O  O   . GLY A 1 109 ? 10.598  2.081   -12.208 1.000 59.667  0 109 GLY A O   1 ? 
ATOM   178  N  N   . VAL A 1 110 ? 8.733   2.218   -10.940 1.000 58.585  0 110 VAL A N   1 ? 
ATOM   179  C  CA  . VAL A 1 110 ? 8.747   0.822   -10.533 1.000 58.075  0 110 VAL A CA  1 ? 
ATOM   180  C  C   . VAL A 1 110 ? 7.945   -0.033  -11.515 1.000 56.364  0 110 VAL A C   1 ? 
ATOM   181  O  O   . VAL A 1 110 ? 7.907   -1.251  -11.370 1.000 53.281  0 110 VAL A O   1 ? 
ATOM   182  C  CB  . VAL A 1 110 ? 8.238   0.652   -9.088  1.000 58.888  0 110 VAL A CB  1 ? 
ATOM   183  C  CG1 . VAL A 1 110 ? 9.203   1.277   -8.086  1.000 61.039  0 110 VAL A CG1 1 ? 
ATOM   184  C  CG2 . VAL A 1 110 ? 6.827   1.196   -8.900  1.000 58.685  0 110 VAL A CG2 1 ? 
ATOM   185  N  N   . GLY A 1 111 ? 7.321   0.597   -12.518 1.000 59.389  0 111 GLY A N   1 ? 
ATOM   186  C  CA  . GLY A 1 111 ? 6.617   -0.132  -13.562 1.000 61.613  0 111 GLY A CA  1 ? 
ATOM   187  C  C   . GLY A 1 111 ? 5.349   -0.806  -13.043 1.000 63.596  0 111 GLY A C   1 ? 
ATOM   188  O  O   . GLY A 1 111 ? 4.908   -0.525  -11.930 1.000 67.415  0 111 GLY A O   1 ? 
ATOM   189  N  N   . ARG A 1 112 ? 4.771   -1.692  -13.863 1.000 63.112  0 112 ARG A N   1 ? 
ATOM   190  C  CA  . ARG A 1 112 ? 3.571   -2.411  -13.474 1.000 66.303  0 112 ARG A CA  1 ? 
ATOM   191  C  C   . ARG A 1 112 ? 3.893   -3.343  -12.314 1.000 64.707  0 112 ARG A C   1 ? 
ATOM   192  O  O   . ARG A 1 112 ? 3.089   -3.497  -11.402 1.000 67.155  0 112 ARG A O   1 ? 
ATOM   193  C  CB  . ARG A 1 112 ? 2.978   -3.229  -14.627 1.000 69.397  0 112 ARG A CB  1 ? 
ATOM   194  C  CG  . ARG A 1 112 ? 1.853   -4.161  -14.187 1.000 73.406  0 112 ARG A CG  1 ? 
ATOM   195  C  CD  . ARG A 1 112 ? 1.076   -4.763  -15.337 1.000 78.605  0 112 ARG A CD  1 ? 
ATOM   196  N  NE  . ARG A 1 112 ? 0.307   -3.756  -16.054 1.000 82.217  0 112 ARG A NE  1 ? 
ATOM   197  C  CZ  . ARG A 1 112 ? -0.209  -3.925  -17.266 1.000 86.984  0 112 ARG A CZ  1 ? 
ATOM   198  N  NH1 . ARG A 1 112 ? -0.145  -5.105  -17.861 1.000 84.921  0 112 ARG A NH1 1 ? 
ATOM   199  N  NH2 . ARG A 1 112 ? -0.796  -2.913  -17.880 1.000 89.556  0 112 ARG A NH2 1 ? 
ATOM   200  N  N   . HIS A 1 113 ? 5.064   -3.981  -12.370 1.000 64.197  0 113 HIS A N   1 ? 
ATOM   201  C  CA  . HIS A 1 113 ? 5.419   -4.985  -11.384 1.000 64.247  0 113 HIS A CA  1 ? 
ATOM   202  C  C   . HIS A 1 113 ? 5.428   -4.343  -9.997  1.000 61.478  0 113 HIS A C   1 ? 
ATOM   203  O  O   . HIS A 1 113 ? 4.847   -4.888  -9.064  1.000 56.576  0 113 HIS A O   1 ? 
ATOM   204  C  CB  . HIS A 1 113 ? 6.733   -5.668  -11.763 1.000 60.938  0 113 HIS A CB  1 ? 
ATOM   205  C  CG  . HIS A 1 113 ? 6.965   -6.931  -11.012 1.000 63.973  0 113 HIS A CG  1 ? 
ATOM   206  N  ND1 . HIS A 1 113 ? 6.220   -8.087  -11.146 1.000 68.954  0 113 HIS A ND1 1 ? 
ATOM   207  C  CD2 . HIS A 1 113 ? 7.910   -7.196  -10.104 1.000 63.952  0 113 HIS A CD2 1 ? 
ATOM   208  C  CE1 . HIS A 1 113 ? 6.718   -9.009  -10.334 1.000 70.673  0 113 HIS A CE1 1 ? 
ATOM   209  N  NE2 . HIS A 1 113 ? 7.735   -8.484  -9.686  1.000 68.546  0 113 HIS A NE2 1 ? 
ATOM   210  N  N   . GLY A 1 114 ? 6.068   -3.175  -9.884  1.000 60.676  0 114 GLY A N   1 ? 
ATOM   211  C  CA  . GLY A 1 114 ? 6.055   -2.396  -8.656  1.000 62.541  0 114 GLY A CA  1 ? 
ATOM   212  C  C   . GLY A 1 114 ? 4.639   -2.002  -8.247  1.000 62.575  0 114 GLY A C   1 ? 
ATOM   213  O  O   . GLY A 1 114 ? 4.242   -2.201  -7.105  1.000 68.455  0 114 GLY A O   1 ? 
ATOM   214  N  N   . CYS A 1 115 ? 3.876   -1.462  -9.199  1.000 67.182  0 115 CYS A N   1 ? 
ATOM   215  C  CA  . CYS A 1 115 ? 2.497   -1.060  -8.962  1.000 68.380  0 115 CYS A CA  1 ? 
ATOM   216  C  C   . CYS A 1 115 ? 1.660   -2.246  -8.471  1.000 61.971  0 115 CYS A C   1 ? 
ATOM   217  O  O   . CYS A 1 115 ? 0.850   -2.086  -7.564  1.000 58.201  0 115 CYS A O   1 ? 
ATOM   218  C  CB  . CYS A 1 115 ? 1.904   -0.435  -10.224 1.000 73.947  0 115 CYS A CB  1 ? 
ATOM   219  S  SG  . CYS A 1 115 ? 0.169   0.070   -10.068 1.000 84.914  0 115 CYS A SG  1 ? 
ATOM   220  N  N   . GLU A 1 116 ? 1.837   -3.429  -9.074  1.000 60.928  0 116 GLU A N   1 ? 
ATOM   221  C  CA  . GLU A 1 116 ? 1.125   -4.626  -8.647  1.000 62.811  0 116 GLU A CA  1 ? 
ATOM   222  C  C   . GLU A 1 116 ? 1.408   -4.901  -7.168  1.000 62.620  0 116 GLU A C   1 ? 
ATOM   223  O  O   . GLU A 1 116 ? 0.505   -5.259  -6.416  1.000 63.428  0 116 GLU A O   1 ? 
ATOM   224  C  CB  . GLU A 1 116 ? 1.528   -5.853  -9.476  1.000 66.628  0 116 GLU A CB  1 ? 
ATOM   225  C  CG  . GLU A 1 116 ? 1.082   -5.811  -10.929 1.000 69.969  0 116 GLU A CG  1 ? 
ATOM   226  C  CD  . GLU A 1 116 ? 1.457   -7.032  -11.758 1.000 71.411  0 116 GLU A CD  1 ? 
ATOM   227  O  OE1 . GLU A 1 116 ? 2.636   -7.461  -11.715 1.000 73.446  0 116 GLU A OE1 1 ? 
ATOM   228  O  OE2 . GLU A 1 116 ? 0.570   -7.547  -12.463 1.000 75.948  0 116 GLU A OE2 1 ? 
ATOM   229  N  N   . ALA A 1 117 ? 2.670   -4.737  -6.756  1.000 59.771  0 117 ALA A N   1 ? 
ATOM   230  C  CA  . ALA A 1 117 ? 3.072   -5.005  -5.385  1.000 60.136  0 117 ALA A CA  1 ? 
ATOM   231  C  C   . ALA A 1 117 ? 2.400   -4.012  -4.437  1.000 61.815  0 117 ALA A C   1 ? 
ATOM   232  O  O   . ALA A 1 117 ? 1.904   -4.396  -3.380  1.000 63.546  0 117 ALA A O   1 ? 
ATOM   233  C  CB  . ALA A 1 117 ? 4.578   -4.960  -5.270  1.000 59.538  0 117 ALA A CB  1 ? 
ATOM   234  N  N   . GLY A 1 118 ? 2.368   -2.735  -4.832  1.000 59.831  0 118 GLY A N   1 ? 
ATOM   235  C  CA  . GLY A 1 118 ? 1.788   -1.689  -4.009  1.000 58.089  0 118 GLY A CA  1 ? 
ATOM   236  C  C   . GLY A 1 118 ? 0.289   -1.878  -3.800  1.000 58.633  0 118 GLY A C   1 ? 
ATOM   237  O  O   . GLY A 1 118 ? -0.201  -1.795  -2.677  1.000 61.041  0 118 GLY A O   1 ? 
ATOM   238  N  N   . ILE A 1 119 ? -0.435  -2.121  -4.894  1.000 61.710  0 119 ILE A N   1 ? 
ATOM   239  C  CA  . ILE A 1 119 ? -1.884  -2.240  -4.854  1.000 59.248  0 119 ILE A CA  1 ? 
ATOM   240  C  C   . ILE A 1 119 ? -2.258  -3.535  -4.142  1.000 57.465  0 119 ILE A C   1 ? 
ATOM   241  O  O   . ILE A 1 119 ? -3.161  -3.539  -3.315  1.000 60.095  0 119 ILE A O   1 ? 
ATOM   242  C  CB  . ILE A 1 119 ? -2.485  -2.166  -6.275  1.000 62.213  0 119 ILE A CB  1 ? 
ATOM   243  C  CG1 . ILE A 1 119 ? -2.200  -0.820  -6.951  1.000 63.161  0 119 ILE A CG1 1 ? 
ATOM   244  C  CG2 . ILE A 1 119 ? -3.976  -2.482  -6.265  1.000 62.773  0 119 ILE A CG2 1 ? 
ATOM   245  C  CD1 . ILE A 1 119 ? -2.715  0.389   -6.198  1.000 62.884  0 119 ILE A CD1 1 ? 
ATOM   246  N  N   . ALA A 1 120 ? -1.563  -4.629  -4.468  1.000 56.585  0 120 ALA A N   1 ? 
ATOM   247  C  CA  . ALA A 1 120 ? -1.846  -5.912  -3.844  1.000 61.561  0 120 ALA A CA  1 ? 
ATOM   248  C  C   . ALA A 1 120 ? -1.662  -5.820  -2.329  1.000 58.937  0 120 ALA A C   1 ? 
ATOM   249  O  O   . ALA A 1 120 ? -2.446  -6.394  -1.579  1.000 59.094  0 120 ALA A O   1 ? 
ATOM   250  C  CB  . ALA A 1 120 ? -0.970  -6.992  -4.432  1.000 64.170  0 120 ALA A CB  1 ? 
ATOM   251  N  N   . THR A 1 121 ? -0.614  -5.111  -1.895  1.000 57.832  0 121 THR A N   1 ? 
ATOM   252  C  CA  . THR A 1 121 ? -0.332  -4.926  -0.480  1.000 58.508  0 121 THR A CA  1 ? 
ATOM   253  C  C   . THR A 1 121 ? -1.435  -4.087  0.167   1.000 61.482  0 121 THR A C   1 ? 
ATOM   254  O  O   . THR A 1 121 ? -1.912  -4.416  1.251   1.000 62.390  0 121 THR A O   1 ? 
ATOM   255  C  CB  . THR A 1 121 ? 1.045   -4.284  -0.270  1.000 56.702  0 121 THR A CB  1 ? 
ATOM   256  O  OG1 . THR A 1 121 ? 2.039   -5.146  -0.822  1.000 55.106  0 121 THR A OG1 1 ? 
ATOM   257  C  CG2 . THR A 1 121 ? 1.355   -4.028  1.188   1.000 58.390  0 121 THR A CG2 1 ? 
ATOM   258  N  N   . ALA A 1 122 ? -1.832  -3.006  -0.518  1.000 59.871  0 122 ALA A N   1 ? 
ATOM   259  C  CA  . ALA A 1 122 ? -2.878  -2.115  -0.047  1.000 58.739  0 122 ALA A CA  1 ? 
ATOM   260  C  C   . ALA A 1 122 ? -4.193  -2.869  0.141   1.000 60.220  0 122 ALA A C   1 ? 
ATOM   261  O  O   . ALA A 1 122 ? -4.887  -2.634  1.126   1.000 67.673  0 122 ALA A O   1 ? 
ATOM   262  C  CB  . ALA A 1 122 ? -3.038  -0.964  -1.007  1.000 59.540  0 122 ALA A CB  1 ? 
ATOM   263  N  N   . LEU A 1 123 ? -4.532  -3.767  -0.796  1.000 61.435  0 123 LEU A N   1 ? 
ATOM   264  C  CA  . LEU A 1 123 ? -5.776  -4.526  -0.728  1.000 62.457  0 123 LEU A CA  1 ? 
ATOM   265  C  C   . LEU A 1 123 ? -5.788  -5.428  0.508   1.000 62.624  0 123 LEU A C   1 ? 
ATOM   266  O  O   . LEU A 1 123 ? -6.785  -5.485  1.220   1.000 63.772  0 123 LEU A O   1 ? 
ATOM   267  C  CB  . LEU A 1 123 ? -5.951  -5.341  -2.015  1.000 62.601  0 123 LEU A CB  1 ? 
ATOM   268  C  CG  . LEU A 1 123 ? -6.390  -4.547  -3.248  1.000 63.443  0 123 LEU A CG  1 ? 
ATOM   269  C  CD1 . LEU A 1 123 ? -6.197  -5.358  -4.520  1.000 63.788  0 123 LEU A CD1 1 ? 
ATOM   270  C  CD2 . LEU A 1 123 ? -7.840  -4.102  -3.134  1.000 62.726  0 123 LEU A CD2 1 ? 
ATOM   271  N  N   . VAL A 1 124 ? -4.667  -6.114  0.761   1.000 64.009  0 124 VAL A N   1 ? 
ATOM   272  C  CA  . VAL A 1 124 ? -4.553  -7.056  1.865   1.000 63.091  0 124 VAL A CA  1 ? 
ATOM   273  C  C   . VAL A 1 124 ? -4.638  -6.321  3.199   1.000 63.196  0 124 VAL A C   1 ? 
ATOM   274  O  O   . VAL A 1 124 ? -5.439  -6.697  4.049   1.000 63.670  0 124 VAL A O   1 ? 
ATOM   275  C  CB  . VAL A 1 124 ? -3.249  -7.870  1.762   1.000 62.009  0 124 VAL A CB  1 ? 
ATOM   276  C  CG1 . VAL A 1 124 ? -2.930  -8.618  3.049   1.000 63.124  0 124 VAL A CG1 1 ? 
ATOM   277  C  CG2 . VAL A 1 124 ? -3.296  -8.824  0.579   1.000 60.908  0 124 VAL A CG2 1 ? 
ATOM   278  N  N   . GLU A 1 125 ? -3.812  -5.282  3.366   1.000 65.330  0 125 GLU A N   1 ? 
ATOM   279  C  CA  . GLU A 1 125 ? -3.608  -4.645  4.658   1.000 65.291  0 125 GLU A CA  1 ? 
ATOM   280  C  C   . GLU A 1 125 ? -4.828  -3.830  5.084   1.000 65.449  0 125 GLU A C   1 ? 
ATOM   281  O  O   . GLU A 1 125 ? -5.130  -3.782  6.274   1.000 71.177  0 125 GLU A O   1 ? 
ATOM   282  C  CB  . GLU A 1 125 ? -2.378  -3.732  4.634   1.000 65.068  0 125 GLU A CB  1 ? 
ATOM   283  C  CG  . GLU A 1 125 ? -1.061  -4.461  4.431   1.000 66.098  0 125 GLU A CG  1 ? 
ATOM   284  C  CD  . GLU A 1 125 ? -0.636  -5.446  5.508   1.000 68.944  0 125 GLU A CD  1 ? 
ATOM   285  O  OE1 . GLU A 1 125 ? -1.271  -5.491  6.587   1.000 76.267  0 125 GLU A OE1 1 ? 
ATOM   286  O  OE2 . GLU A 1 125 ? 0.332   -6.180  5.255   1.000 69.665  0 125 GLU A OE2 1 ? 
ATOM   287  N  N   . SER A 1 126 ? -5.508  -3.178  4.126   1.000 67.141  0 126 SER A N   1 ? 
ATOM   288  C  CA  . SER A 1 126 ? -6.517  -2.177  4.457   1.000 63.655  0 126 SER A CA  1 ? 
ATOM   289  C  C   . SER A 1 126 ? -7.707  -2.140  3.492   1.000 61.645  0 126 SER A C   1 ? 
ATOM   290  O  O   . SER A 1 126 ? -8.671  -1.429  3.756   1.000 62.764  0 126 SER A O   1 ? 
ATOM   291  C  CB  . SER A 1 126 ? -5.880  -0.815  4.536   1.000 62.739  0 126 SER A CB  1 ? 
ATOM   292  O  OG  . SER A 1 126 ? -5.292  -0.455  3.295   1.000 59.297  0 126 SER A OG  1 ? 
ATOM   293  N  N   . ASN A 1 127 ? -7.655  -2.895  2.389   1.000 64.529  0 127 ASN A N   1 ? 
ATOM   294  C  CA  . ASN A 1 127 ? -8.621  -2.763  1.304   1.000 66.188  0 127 ASN A CA  1 ? 
ATOM   295  C  C   . ASN A 1 127 ? -8.585  -1.333  0.752   1.000 64.339  0 127 ASN A C   1 ? 
ATOM   296  O  O   . ASN A 1 127 ? -9.607  -0.788  0.337   1.000 63.643  0 127 ASN A O   1 ? 
ATOM   297  C  CB  . ASN A 1 127 ? -10.022 -3.214  1.735   1.000 65.275  0 127 ASN A CB  1 ? 
ATOM   298  C  CG  . ASN A 1 127 ? -10.933 -3.522  0.564   1.000 66.690  0 127 ASN A CG  1 ? 
ATOM   299  O  OD1 . ASN A 1 127 ? -12.021 -2.967  0.464   1.000 72.497  0 127 ASN A OD1 1 ? 
ATOM   300  N  ND2 . ASN A 1 127 ? -10.515 -4.407  -0.326  1.000 67.423  0 127 ASN A ND2 1 ? 
ATOM   301  N  N   . ILE A 1 128 ? -7.371  -0.760  0.733   1.000 63.215  0 128 ILE A N   1 ? 
ATOM   302  C  CA  . ILE A 1 128 ? -7.069  0.565   0.205   1.000 62.327  0 128 ILE A CA  1 ? 
ATOM   303  C  C   . ILE A 1 128 ? -7.924  1.621   0.907   1.000 61.760  0 128 ILE A C   1 ? 
ATOM   304  O  O   . ILE A 1 128 ? -8.672  2.360   0.270   1.000 66.438  0 128 ILE A O   1 ? 
ATOM   305  C  CB  . ILE A 1 128 ? -7.196  0.625   -1.334  1.000 60.278  0 128 ILE A CB  1 ? 
ATOM   306  C  CG1 . ILE A 1 128 ? -6.762  -0.676  -2.018  1.000 63.430  0 128 ILE A CG1 1 ? 
ATOM   307  C  CG2 . ILE A 1 128 ? -6.422  1.816   -1.878  1.000 60.323  0 128 ILE A CG2 1 ? 
ATOM   308  C  CD1 . ILE A 1 128 ? -6.759  -0.617  -3.532  1.000 63.261  0 128 ILE A CD1 1 ? 
ATOM   309  N  N   . LEU A 1 129 ? -7.771  1.699   2.233   1.000 64.082  0 129 LEU A N   1 ? 
ATOM   310  C  CA  . LEU A 1 129 ? -8.374  2.752   3.036   1.000 63.791  0 129 LEU A CA  1 ? 
ATOM   311  C  C   . LEU A 1 129 ? -7.349  3.222   4.064   1.000 59.218  0 129 LEU A C   1 ? 
ATOM   312  O  O   . LEU A 1 129 ? -6.479  2.453   4.463   1.000 58.471  0 129 LEU A O   1 ? 
ATOM   313  C  CB  . LEU A 1 129 ? -9.638  2.212   3.715   1.000 62.426  0 129 LEU A CB  1 ? 
ATOM   314  C  CG  . LEU A 1 129 ? -10.904 2.223   2.863   1.000 58.777  0 129 LEU A CG  1 ? 
ATOM   315  C  CD1 . LEU A 1 129 ? -11.773 1.030   3.221   1.000 60.410  0 129 LEU A CD1 1 ? 
ATOM   316  N  N   . ILE A 1 130 ? -7.459  4.488   4.478   1.000 58.173  0 130 ILE A N   1 ? 
ATOM   317  C  CA  . ILE A 1 130 ? -6.551  5.053   5.464   1.000 59.073  0 130 ILE A CA  1 ? 
ATOM   318  C  C   . ILE A 1 130 ? -7.080  4.711   6.856   1.000 63.739  0 130 ILE A C   1 ? 
ATOM   319  O  O   . ILE A 1 130 ? -8.108  5.247   7.275   1.000 66.603  0 130 ILE A O   1 ? 
ATOM   320  C  CB  . ILE A 1 130 ? -6.396  6.575   5.265   1.000 56.107  0 130 ILE A CB  1 ? 
ATOM   321  C  CG1 . ILE A 1 130 ? -6.014  6.930   3.826   1.000 56.136  0 130 ILE A CG1 1 ? 
ATOM   322  C  CG2 . ILE A 1 130 ? -5.408  7.155   6.264   1.000 58.606  0 130 ILE A CG2 1 ? 
ATOM   323  C  CD1 . ILE A 1 130 ? -5.932  8.420   3.549   1.000 55.629  0 130 ILE A CD1 1 ? 
ATOM   324  N  N   . TYR A 1 131 ? -6.377  3.807   7.558   1.000 66.112  0 131 TYR A N   1 ? 
ATOM   325  C  CA  . TYR A 1 131 ? -6.710  3.459   8.932   1.000 66.681  0 131 TYR A CA  1 ? 
ATOM   326  C  C   . TYR A 1 131 ? -5.909  4.308   9.914   1.000 64.696  0 131 TYR A C   1 ? 
ATOM   327  O  O   . TYR A 1 131 ? -4.721  4.548   9.710   1.000 59.274  0 131 TYR A O   1 ? 
ATOM   328  C  CB  . TYR A 1 131 ? -6.432  1.986   9.237   1.000 67.852  0 131 TYR A CB  1 ? 
ATOM   329  C  CG  . TYR A 1 131 ? -7.514  1.033   8.805   1.000 67.479  0 131 TYR A CG  1 ? 
ATOM   330  C  CD1 . TYR A 1 131 ? -7.838  0.879   7.468   1.000 65.851  0 131 TYR A CD1 1 ? 
ATOM   331  C  CD2 . TYR A 1 131 ? -8.208  0.278   9.739   1.000 69.739  0 131 TYR A CD2 1 ? 
ATOM   332  C  CE1 . TYR A 1 131 ? -8.822  -0.006  7.064   1.000 68.041  0 131 TYR A CE1 1 ? 
ATOM   333  C  CE2 . TYR A 1 131 ? -9.197  -0.610  9.353   1.000 71.079  0 131 TYR A CE2 1 ? 
ATOM   334  C  CZ  . TYR A 1 131 ? -9.502  -0.751  8.012   1.000 70.753  0 131 TYR A CZ  1 ? 
ATOM   335  O  OH  . TYR A 1 131 ? -10.477 -1.623  7.616   1.000 69.909  0 131 TYR A OH  1 ? 
ATOM   336  N  N   . ALA A 1 132 ? -6.594  4.762   10.971  1.000 66.768  0 132 ALA A N   1 ? 
ATOM   337  C  CA  . ALA A 1 132 ? -5.945  5.255   12.173  1.000 69.537  0 132 ALA A CA  1 ? 
ATOM   338  C  C   . ALA A 1 132 ? -5.974  4.157   13.237  1.000 68.283  0 132 ALA A C   1 ? 
ATOM   339  O  O   . ALA A 1 132 ? -6.575  3.100   13.031  1.000 66.072  0 132 ALA A O   1 ? 
ATOM   340  C  CB  . ALA A 1 132 ? -6.624  6.515   12.641  1.000 70.430  0 132 ALA A CB  1 ? 
ATOM   341  N  N   . ASN A 1 133 ? -5.308  4.422   14.367  1.000 68.502  0 133 ASN A N   1 ? 
ATOM   342  C  CA  . ASN A 1 133 ? -5.152  3.437   15.426  1.000 75.875  0 133 ASN A CA  1 ? 
ATOM   343  C  C   . ASN A 1 133 ? -5.216  4.156   16.770  1.000 76.270  0 133 ASN A C   1 ? 
ATOM   344  O  O   . ASN A 1 133 ? -4.458  5.106   16.985  1.000 68.814  0 133 ASN A O   1 ? 
ATOM   345  C  CB  . ASN A 1 133 ? -3.842  2.659   15.246  1.000 79.464  0 133 ASN A CB  1 ? 
ATOM   346  C  CG  . ASN A 1 133 ? -3.754  1.383   16.061  1.000 81.199  0 133 ASN A CG  1 ? 
ATOM   347  O  OD1 . ASN A 1 133 ? -4.579  1.135   16.942  1.000 85.612  0 133 ASN A OD1 1 ? 
ATOM   348  N  ND2 . ASN A 1 133 ? -2.748  0.570   15.769  1.000 73.008  0 133 ASN A ND2 1 ? 
ATOM   349  N  N   . LYS A 1 134 ? -6.120  3.697   17.660  1.000 79.864  0 134 LYS A N   1 ? 
ATOM   350  C  CA  . LYS A 1 134 ? -6.238  4.248   19.009  1.000 81.222  0 134 LYS A CA  1 ? 
ATOM   351  C  C   . LYS A 1 134 ? -4.860  4.200   19.672  1.000 82.781  0 134 LYS A C   1 ? 
ATOM   352  O  O   . LYS A 1 134 ? -4.479  5.129   20.382  1.000 79.307  0 134 LYS A O   1 ? 
ATOM   353  C  CB  . LYS A 1 134 ? -7.290  3.497   19.843  1.000 81.134  0 134 LYS A CB  1 ? 
ATOM   354  C  CG  . LYS A 1 134 ? -8.691  4.105   19.879  1.000 73.842  0 134 LYS A CG  1 ? 
ATOM   355  N  N   . ALA A 1 135 ? -4.106  3.131   19.370  1.000 86.163  0 135 ALA A N   1 ? 
ATOM   356  C  CA  . ALA A 1 135 ? -2.778  2.885   19.914  1.000 84.266  0 135 ALA A CA  1 ? 
ATOM   357  C  C   . ALA A 1 135 ? -1.754  3.947   19.499  1.000 80.023  0 135 ALA A C   1 ? 
ATOM   358  O  O   . ALA A 1 135 ? -0.706  4.038   20.125  1.000 74.475  0 135 ALA A O   1 ? 
ATOM   359  C  CB  . ALA A 1 135 ? -2.324  1.509   19.490  1.000 86.106  0 135 ALA A CB  1 ? 
ATOM   360  N  N   . VAL A 1 136 ? -2.025  4.717   18.435  1.000 87.260  0 136 VAL A N   1 ? 
ATOM   361  C  CA  . VAL A 1 136 ? -1.159  5.815   18.019  1.000 84.809  0 136 VAL A CA  1 ? 
ATOM   362  C  C   . VAL A 1 136 ? -1.978  7.103   18.053  1.000 85.939  0 136 VAL A C   1 ? 
ATOM   363  O  O   . VAL A 1 136 ? -2.636  7.442   17.070  1.000 76.497  0 136 VAL A O   1 ? 
ATOM   364  C  CB  . VAL A 1 136 ? -0.554  5.590   16.617  1.000 84.062  0 136 VAL A CB  1 ? 
ATOM   365  C  CG1 . VAL A 1 136 ? 0.510   6.631   16.291  1.000 80.913  0 136 VAL A CG1 1 ? 
ATOM   366  C  CG2 . VAL A 1 136 ? 0.001   4.184   16.446  1.000 81.907  0 136 VAL A CG2 1 ? 
ATOM   367  N  N   . PRO A 1 137 ? -1.979  7.845   19.184  1.000 90.646  0 137 PRO A N   1 ? 
ATOM   368  C  CA  . PRO A 1 137 ? -2.821  9.035   19.336  1.000 88.194  0 137 PRO A CA  1 ? 
ATOM   369  C  C   . PRO A 1 137 ? -2.771  10.038  18.183  1.000 78.778  0 137 PRO A C   1 ? 
ATOM   370  O  O   . PRO A 1 137 ? -3.798  10.608  17.823  1.000 78.367  0 137 PRO A O   1 ? 
ATOM   371  C  CB  . PRO A 1 137 ? -2.272  9.675   20.621  1.000 89.750  0 137 PRO A CB  1 ? 
ATOM   372  C  CG  . PRO A 1 137 ? -1.810  8.487   21.434  1.000 90.072  0 137 PRO A CG  1 ? 
ATOM   373  C  CD  . PRO A 1 137 ? -1.211  7.549   20.405  1.000 91.359  0 137 PRO A CD  1 ? 
ATOM   374  N  N   . ALA A 1 138 ? -1.581  10.240  17.608  1.000 71.715  0 138 ALA A N   1 ? 
ATOM   375  C  CA  . ALA A 1 138 ? -1.389  11.249  16.578  1.000 72.213  0 138 ALA A CA  1 ? 
ATOM   376  C  C   . ALA A 1 138 ? -2.151  10.905  15.292  1.000 73.719  0 138 ALA A C   1 ? 
ATOM   377  O  O   . ALA A 1 138 ? -2.460  11.800  14.505  1.000 68.524  0 138 ALA A O   1 ? 
ATOM   378  C  CB  . ALA A 1 138 ? 0.088   11.426  16.314  1.000 69.433  0 138 ALA A CB  1 ? 
ATOM   379  N  N   . SER A 1 139 ? -2.460  9.616   15.073  1.000 73.180  0 139 SER A N   1 ? 
ATOM   380  C  CA  . SER A 1 139 ? -3.054  9.163   13.823  1.000 68.325  0 139 SER A CA  1 ? 
ATOM   381  C  C   . SER A 1 139 ? -4.533  9.545   13.730  1.000 69.478  0 139 SER A C   1 ? 
ATOM   382  O  O   . SER A 1 139 ? -5.093  9.588   12.638  1.000 70.224  0 139 SER A O   1 ? 
ATOM   383  C  CB  . SER A 1 139 ? -2.863  7.673   13.630  1.000 63.741  0 139 SER A CB  1 ? 
ATOM   384  O  OG  . SER A 1 139 ? -3.664  6.913   14.524  1.000 61.607  0 139 SER A OG  1 ? 
ATOM   385  N  N   . LEU A 1 140 ? -5.168  9.807   14.877  1.000 71.474  0 140 LEU A N   1 ? 
ATOM   386  C  CA  . LEU A 1 140 ? -6.579  10.165  14.911  1.000 72.458  0 140 LEU A CA  1 ? 
ATOM   387  C  C   . LEU A 1 140 ? -6.775  11.619  14.482  1.000 69.612  0 140 LEU A C   1 ? 
ATOM   388  O  O   . LEU A 1 140 ? -7.907  12.044  14.245  1.000 69.221  0 140 LEU A O   1 ? 
ATOM   389  C  CB  . LEU A 1 140 ? -7.096  9.935   16.333  1.000 73.596  0 140 LEU A CB  1 ? 
ATOM   390  C  CG  . LEU A 1 140 ? -7.145  8.474   16.777  1.000 78.722  0 140 LEU A CG  1 ? 
ATOM   391  C  CD1 . LEU A 1 140 ? -7.383  8.367   18.280  1.000 81.528  0 140 LEU A CD1 1 ? 
ATOM   392  C  CD2 . LEU A 1 140 ? -8.218  7.716   16.012  1.000 74.178  0 140 LEU A CD2 1 ? 
ATOM   393  N  N   . LYS A 1 141 ? -5.663  12.362  14.381  1.000 67.754  0 141 LYS A N   1 ? 
ATOM   394  C  CA  . LYS A 1 141 ? -5.673  13.773  14.032  1.000 69.014  0 141 LYS A CA  1 ? 
ATOM   395  C  C   . LYS A 1 141 ? -5.419  13.966  12.536  1.000 65.983  0 141 LYS A C   1 ? 
ATOM   396  O  O   . LYS A 1 141 ? -5.247  15.099  12.089  1.000 63.921  0 141 LYS A O   1 ? 
ATOM   397  C  CB  . LYS A 1 141 ? -4.658  14.508  14.915  1.000 70.192  0 141 LYS A CB  1 ? 
ATOM   398  C  CG  . LYS A 1 141 ? -5.083  14.571  16.376  1.000 76.702  0 141 LYS A CG  1 ? 
ATOM   399  C  CD  . LYS A 1 141 ? -3.975  14.754  17.382  1.000 83.585  0 141 LYS A CD  1 ? 
ATOM   400  C  CE  . LYS A 1 141 ? -4.461  14.478  18.791  1.000 89.119  0 141 LYS A CE  1 ? 
ATOM   401  N  NZ  . LYS A 1 141 ? -3.356  14.523  19.774  1.000 97.215  0 141 LYS A NZ  1 ? 
ATOM   402  N  N   . TYR A 1 142 ? -5.425  12.861  11.771  1.000 63.078  0 142 TYR A N   1 ? 
ATOM   403  C  CA  . TYR A 1 142 ? -5.295  12.899  10.324  1.000 58.775  0 142 TYR A CA  1 ? 
ATOM   404  C  C   . TYR A 1 142 ? -6.547  12.295  9.700   1.000 57.931  0 142 TYR A C   1 ? 
ATOM   405  O  O   . TYR A 1 142 ? -7.143  11.383  10.276  1.000 57.558  0 142 TYR A O   1 ? 
ATOM   406  C  CB  . TYR A 1 142 ? -4.032  12.157  9.878   1.000 60.067  0 142 TYR A CB  1 ? 
ATOM   407  C  CG  . TYR A 1 142 ? -2.764  12.873  10.260  1.000 61.069  0 142 TYR A CG  1 ? 
ATOM   408  C  CD1 . TYR A 1 142 ? -2.286  13.927  9.496   1.000 61.356  0 142 TYR A CD1 1 ? 
ATOM   409  C  CD2 . TYR A 1 142 ? -2.092  12.557  11.430  1.000 60.540  0 142 TYR A CD2 1 ? 
ATOM   410  C  CE1 . TYR A 1 142 ? -1.145  14.619  9.861   1.000 59.936  0 142 TYR A CE1 1 ? 
ATOM   411  C  CE2 . TYR A 1 142 ? -0.951  13.242  11.811  1.000 59.043  0 142 TYR A CE2 1 ? 
ATOM   412  C  CZ  . TYR A 1 142 ? -0.479  14.276  11.024  1.000 59.970  0 142 TYR A CZ  1 ? 
ATOM   413  O  OH  . TYR A 1 142 ? 0.652   14.957  11.385  1.000 63.302  0 142 TYR A OH  1 ? 
ATOM   414  N  N   . PRO A 1 143 ? -7.000  12.795  8.525   1.000 56.140  0 143 PRO A N   1 ? 
ATOM   415  C  CA  . PRO A 1 143 ? -8.151  12.200  7.844   1.000 55.915  0 143 PRO A CA  1 ? 
ATOM   416  C  C   . PRO A 1 143 ? -7.970  10.692  7.707   1.000 56.721  0 143 PRO A C   1 ? 
ATOM   417  O  O   . PRO A 1 143 ? -6.882  10.211  7.390   1.000 59.119  0 143 PRO A O   1 ? 
ATOM   418  C  CB  . PRO A 1 143 ? -8.199  12.923  6.489   1.000 56.783  0 143 PRO A CB  1 ? 
ATOM   419  C  CG  . PRO A 1 143 ? -7.540  14.270  6.766   1.000 57.325  0 143 PRO A CG  1 ? 
ATOM   420  C  CD  . PRO A 1 143 ? -6.489  13.987  7.824   1.000 55.579  0 143 PRO A CD  1 ? 
ATOM   421  N  N   . HIS A 1 144 ? -9.043  9.950   7.979   1.000 56.366  0 144 HIS A N   1 ? 
ATOM   422  C  CA  . HIS A 1 144 ? -8.994  8.505   7.882   1.000 60.247  0 144 HIS A CA  1 ? 
ATOM   423  C  C   . HIS A 1 144 ? -10.373 7.973   7.528   1.000 60.079  0 144 HIS A C   1 ? 
ATOM   424  O  O   . HIS A 1 144 ? -11.385 8.609   7.813   1.000 60.793  0 144 HIS A O   1 ? 
ATOM   425  C  CB  . HIS A 1 144 ? -8.464  7.875   9.176   1.000 64.169  0 144 HIS A CB  1 ? 
ATOM   426  C  CG  . HIS A 1 144 ? -9.120  8.351   10.430  1.000 60.726  0 144 HIS A CG  1 ? 
ATOM   427  N  ND1 . HIS A 1 144 ? -8.710  9.490   11.094  1.000 56.963  0 144 HIS A ND1 1 ? 
ATOM   428  C  CD2 . HIS A 1 144 ? -10.110 7.818   11.164  1.000 56.862  0 144 HIS A CD2 1 ? 
ATOM   429  C  CE1 . HIS A 1 144 ? -9.456  9.647   12.180  1.000 58.572  0 144 HIS A CE1 1 ? 
ATOM   430  N  NE2 . HIS A 1 144 ? -10.316 8.645   12.240  1.000 59.518  0 144 HIS A NE2 1 ? 
ATOM   431  N  N   . ASP A 1 145 ? -10.380 6.797   6.899   1.000 61.753  0 145 ASP A N   1 ? 
ATOM   432  C  CA  . ASP A 1 145 ? -11.608 6.203   6.409   1.000 64.067  0 145 ASP A CA  1 ? 
ATOM   433  C  C   . ASP A 1 145 ? -12.102 5.201   7.448   1.000 63.956  0 145 ASP A C   1 ? 
ATOM   434  O  O   . ASP A 1 145 ? -13.247 4.770   7.370   1.000 69.569  0 145 ASP A O   1 ? 
ATOM   435  C  CB  . ASP A 1 145 ? -11.425 5.600   5.005   1.000 67.062  0 145 ASP A CB  1 ? 
ATOM   436  C  CG  . ASP A 1 145 ? -10.701 6.476   3.979   1.000 69.192  0 145 ASP A CG  1 ? 
ATOM   437  O  OD1 . ASP A 1 145 ? -11.077 7.663   3.808   1.000 63.280  0 145 ASP A OD1 1 ? 
ATOM   438  O  OD2 . ASP A 1 145 ? -9.767  5.955   3.327   1.000 67.776  0 145 ASP A OD2 1 ? 
ATOM   439  N  N   . ALA A 1 146 ? -11.251 4.840   8.425   1.000 63.526  0 146 ALA A N   1 ? 
ATOM   440  C  CA  . ALA A 1 146 ? -11.640 3.908   9.478   1.000 61.815  0 146 ALA A CA  1 ? 
ATOM   441  C  C   . ALA A 1 146 ? -10.559 3.840   10.554  1.000 62.417  0 146 ALA A C   1 ? 
ATOM   442  O  O   . ALA A 1 146 ? -9.510  4.459   10.416  1.000 62.027  0 146 ALA A O   1 ? 
ATOM   443  C  CB  . ALA A 1 146 ? -11.917 2.543   8.893   1.000 62.432  0 146 ALA A CB  1 ? 
ATOM   444  N  N   . VAL A 1 147 ? -10.848 3.089   11.628  1.000 69.520  0 147 VAL A N   1 ? 
ATOM   445  C  CA  . VAL A 1 147 ? -9.925  2.895   12.739  1.000 71.603  0 147 VAL A CA  1 ? 
ATOM   446  C  C   . VAL A 1 147 ? -9.705  1.400   12.957  1.000 72.670  0 147 VAL A C   1 ? 
ATOM   447  O  O   . VAL A 1 147 ? -10.656 0.619   12.940  1.000 70.068  0 147 VAL A O   1 ? 
ATOM   448  C  CB  . VAL A 1 147 ? -10.434 3.563   14.032  1.000 70.609  0 147 VAL A CB  1 ? 
ATOM   449  C  CG1 . VAL A 1 147 ? -9.524  3.267   15.218  1.000 71.269  0 147 VAL A CG1 1 ? 
ATOM   450  C  CG2 . VAL A 1 147 ? -10.618 5.063   13.854  1.000 67.126  0 147 VAL A CG2 1 ? 
ATOM   451  N  N   . GLY A 1 148 ? -8.438  1.025   13.169  1.000 73.782  0 148 GLY A N   1 ? 
ATOM   452  C  CA  . GLY A 1 148 ? -8.059  -0.349  13.447  1.000 75.854  0 148 GLY A CA  1 ? 
ATOM   453  C  C   . GLY A 1 148 ? -7.156  -0.413  14.671  1.000 76.926  0 148 GLY A C   1 ? 
ATOM   454  O  O   . GLY A 1 148 ? -6.771  0.629   15.197  1.000 69.402  0 148 GLY A O   1 ? 
ATOM   455  N  N   . SER A 1 149 ? -6.815  -1.637  15.098  1.000 82.665  0 149 SER A N   1 ? 
ATOM   456  C  CA  . SER A 1 149 ? -6.079  -1.845  16.338  1.000 83.929  0 149 SER A CA  1 ? 
ATOM   457  C  C   . SER A 1 149 ? -5.037  -2.951  16.178  1.000 83.824  0 149 SER A C   1 ? 
ATOM   458  O  O   . SER A 1 149 ? -4.822  -3.732  17.100  1.000 85.554  0 149 SER A O   1 ? 
ATOM   459  C  CB  . SER A 1 149 ? -7.032  -2.150  17.470  1.000 77.677  0 149 SER A CB  1 ? 
ATOM   460  O  OG  . SER A 1 149 ? -7.863  -3.247  17.124  1.000 72.111  0 149 SER A OG  1 ? 
ATOM   461  N  N   . ASP A 1 150 ? -4.387  -2.997  15.011  1.000 81.461  0 150 ASP A N   1 ? 
ATOM   462  C  CA  . ASP A 1 150 ? -3.295  -3.925  14.761  1.000 75.764  0 150 ASP A CA  1 ? 
ATOM   463  C  C   . ASP A 1 150 ? -1.996  -3.244  15.188  1.000 72.912  0 150 ASP A C   1 ? 
ATOM   464  O  O   . ASP A 1 150 ? -1.575  -2.284  14.552  1.000 77.306  0 150 ASP A O   1 ? 
ATOM   465  C  CB  . ASP A 1 150 ? -3.276  -4.321  13.282  1.000 76.934  0 150 ASP A CB  1 ? 
ATOM   466  C  CG  . ASP A 1 150 ? -2.380  -5.497  12.926  1.000 78.440  0 150 ASP A CG  1 ? 
ATOM   467  O  OD1 . ASP A 1 150 ? -1.218  -5.528  13.379  1.000 80.261  0 150 ASP A OD1 1 ? 
ATOM   468  O  OD2 . ASP A 1 150 ? -2.839  -6.351  12.153  1.000 80.758  0 150 ASP A OD2 1 ? 
ATOM   469  N  N   . HIS A 1 151 ? -1.368  -3.728  16.269  1.000 72.308  0 151 HIS A N   1 ? 
ATOM   470  C  CA  . HIS A 1 151 ? -0.092  -3.189  16.724  1.000 71.415  0 151 HIS A CA  1 ? 
ATOM   471  C  C   . HIS A 1 151 ? -0.175  -1.664  16.783  1.000 67.040  0 151 HIS A C   1 ? 
ATOM   472  O  O   . HIS A 1 151 ? -1.150  -1.108  17.276  1.000 67.994  0 151 HIS A O   1 ? 
ATOM   473  C  CB  . HIS A 1 151 ? 1.056   -3.596  15.789  1.000 79.667  0 151 HIS A CB  1 ? 
ATOM   474  C  CG  . HIS A 1 151 ? 1.422   -5.036  15.759  1.000 85.054  0 151 HIS A CG  1 ? 
ATOM   475  N  ND1 . HIS A 1 151 ? 1.455   -5.770  14.592  1.000 88.642  0 151 HIS A ND1 1 ? 
ATOM   476  C  CD2 . HIS A 1 151 ? 1.846   -5.846  16.735  1.000 80.697  0 151 HIS A CD2 1 ? 
ATOM   477  C  CE1 . HIS A 1 151 ? 1.846   -7.004  14.878  1.000 92.573  0 151 HIS A CE1 1 ? 
ATOM   478  N  NE2 . HIS A 1 151 ? 2.089   -7.070  16.176  1.000 83.197  0 151 HIS A NE2 1 ? 
ATOM   479  N  N   . ASP A 1 152 ? 0.869   -1.000  16.269  1.000 65.794  0 152 ASP A N   1 ? 
ATOM   480  C  CA  . ASP A 1 152 ? 0.869   0.432   16.021  1.000 65.852  0 152 ASP A CA  1 ? 
ATOM   481  C  C   . ASP A 1 152 ? 0.815   0.690   14.511  1.000 62.790  0 152 ASP A C   1 ? 
ATOM   482  O  O   . ASP A 1 152 ? 1.424   1.641   14.020  1.000 55.838  0 152 ASP A O   1 ? 
ATOM   483  C  CB  . ASP A 1 152 ? 2.093   1.089   16.673  1.000 66.026  0 152 ASP A CB  1 ? 
ATOM   484  C  CG  . ASP A 1 152 ? 3.431   0.490   16.268  1.000 66.392  0 152 ASP A CG  1 ? 
ATOM   485  O  OD1 . ASP A 1 152 ? 3.435   -0.616  15.693  1.000 64.082  0 152 ASP A OD1 1 ? 
ATOM   486  O  OD2 . ASP A 1 152 ? 4.462   1.142   16.524  1.000 67.917  0 152 ASP A OD2 1 ? 
ATOM   487  N  N   . SER A 1 153 ? 0.068   -0.159  13.788  1.000 61.453  0 153 SER A N   1 ? 
ATOM   488  C  CA  . SER A 1 153 ? -0.048  -0.066  12.342  1.000 63.693  0 153 SER A CA  1 ? 
ATOM   489  C  C   . SER A 1 153 ? -0.980  1.082   11.963  1.000 65.432  0 153 SER A C   1 ? 
ATOM   490  O  O   . SER A 1 153 ? -2.077  1.191   12.511  1.000 67.424  0 153 SER A O   1 ? 
ATOM   491  C  CB  . SER A 1 153 ? -0.538  -1.360  11.753  1.000 64.050  0 153 SER A CB  1 ? 
ATOM   492  O  OG  . SER A 1 153 ? 0.448   -2.373  11.869  1.000 67.772  0 153 SER A OG  1 ? 
ATOM   493  N  N   . VAL A 1 154 ? -0.537  1.913   11.008  1.000 65.095  0 154 VAL A N   1 ? 
ATOM   494  C  CA  . VAL A 1 154 ? -1.353  3.008   10.502  1.000 65.181  0 154 VAL A CA  1 ? 
ATOM   495  C  C   . VAL A 1 154 ? -1.234  3.130   8.984   1.000 65.875  0 154 VAL A C   1 ? 
ATOM   496  O  O   . VAL A 1 154 ? -0.221  2.772   8.380   1.000 64.941  0 154 VAL A O   1 ? 
ATOM   497  C  CB  . VAL A 1 154 ? -1.004  4.345   11.179  1.000 64.188  0 154 VAL A CB  1 ? 
ATOM   498  C  CG1 . VAL A 1 154 ? -1.471  4.353   12.623  1.000 68.461  0 154 VAL A CG1 1 ? 
ATOM   499  C  CG2 . VAL A 1 154 ? 0.476   4.682   11.083  1.000 66.212  0 154 VAL A CG2 1 ? 
ATOM   500  N  N   . GLY A 1 155 ? -2.306  3.670   8.390   1.000 64.977  0 155 GLY A N   1 ? 
ATOM   501  C  CA  . GLY A 1 155 ? -2.338  3.989   6.975   1.000 62.303  0 155 GLY A CA  1 ? 
ATOM   502  C  C   . GLY A 1 155 ? -2.798  2.799   6.146   1.000 61.798  0 155 GLY A C   1 ? 
ATOM   503  O  O   . GLY A 1 155 ? -3.215  1.779   6.696   1.000 56.973  0 155 GLY A O   1 ? 
ATOM   504  N  N   . ILE A 1 156 ? -2.691  2.969   4.820   1.000 61.358  0 156 ILE A N   1 ? 
ATOM   505  C  CA  . ILE A 1 156 ? -3.115  1.988   3.831   1.000 61.213  0 156 ILE A CA  1 ? 
ATOM   506  C  C   . ILE A 1 156 ? -2.216  0.754   3.888   1.000 60.450  0 156 ILE A C   1 ? 
ATOM   507  O  O   . ILE A 1 156 ? -2.671  -0.357  3.614   1.000 56.841  0 156 ILE A O   1 ? 
ATOM   508  C  CB  . ILE A 1 156 ? -3.097  2.628   2.427   1.000 63.422  0 156 ILE A CB  1 ? 
ATOM   509  C  CG1 . ILE A 1 156 ? -4.137  3.745   2.300   1.000 62.838  0 156 ILE A CG1 1 ? 
ATOM   510  C  CG2 . ILE A 1 156 ? -3.262  1.574   1.340   1.000 63.623  0 156 ILE A CG2 1 ? 
ATOM   511  C  CD1 . ILE A 1 156 ? -3.993  4.583   1.054   1.000 61.927  0 156 ILE A CD1 1 ? 
ATOM   512  N  N   . PHE A 1 157 ? -0.933  0.979   4.218   1.000 62.445  0 157 PHE A N   1 ? 
ATOM   513  C  CA  . PHE A 1 157 ? 0.088   -0.058  4.194   1.000 59.516  0 157 PHE A CA  1 ? 
ATOM   514  C  C   . PHE A 1 157 ? 0.311   -0.634  5.593   1.000 58.299  0 157 PHE A C   1 ? 
ATOM   515  O  O   . PHE A 1 157 ? 1.097   -1.565  5.755   1.000 60.314  0 157 PHE A O   1 ? 
ATOM   516  C  CB  . PHE A 1 157 ? 1.360   0.513   3.563   1.000 56.730  0 157 PHE A CB  1 ? 
ATOM   517  C  CG  . PHE A 1 157 ? 1.165   0.907   2.120   1.000 57.587  0 157 PHE A CG  1 ? 
ATOM   518  C  CD1 . PHE A 1 157 ? 1.074   -0.061  1.128   1.000 57.593  0 157 PHE A CD1 1 ? 
ATOM   519  C  CD2 . PHE A 1 157 ? 0.985   2.234   1.759   1.000 59.929  0 157 PHE A CD2 1 ? 
ATOM   520  C  CE1 . PHE A 1 157 ? 0.856   0.291   -0.195  1.000 55.816  0 157 PHE A CE1 1 ? 
ATOM   521  C  CE2 . PHE A 1 157 ? 0.776   2.585   0.431   1.000 61.343  0 157 PHE A CE2 1 ? 
ATOM   522  C  CZ  . PHE A 1 157 ? 0.712   1.612   -0.542  1.000 58.636  0 157 PHE A CZ  1 ? 
ATOM   523  N  N   . GLN A 1 158 ? -0.411  -0.099  6.589   1.000 57.365  0 158 GLN A N   1 ? 
ATOM   524  C  CA  . GLN A 1 158 ? -0.318  -0.575  7.959   1.000 56.845  0 158 GLN A CA  1 ? 
ATOM   525  C  C   . GLN A 1 158 ? 1.149   -0.542  8.375   1.000 56.744  0 158 GLN A C   1 ? 
ATOM   526  O  O   . GLN A 1 158 ? 1.665   -1.493  8.958   1.000 63.466  0 158 GLN A O   1 ? 
ATOM   527  C  CB  . GLN A 1 158 ? -0.983  -1.951  8.088   1.000 57.247  0 158 GLN A CB  1 ? 
ATOM   528  C  CG  . GLN A 1 158 ? -2.501  -1.911  7.927   1.000 58.603  0 158 GLN A CG  1 ? 
ATOM   529  C  CD  . GLN A 1 158 ? -3.214  -1.427  9.167   1.000 59.737  0 158 GLN A CD  1 ? 
ATOM   530  O  OE1 . GLN A 1 158 ? -3.466  -2.193  10.097  1.000 68.441  0 158 GLN A OE1 1 ? 
ATOM   531  N  NE2 . GLN A 1 158 ? -3.570  -0.151  9.179   1.000 54.846  0 158 GLN A NE2 1 ? 
ATOM   532  N  N   . GLN A 1 159 ? 1.809   0.569   8.037   1.000 54.753  0 159 GLN A N   1 ? 
ATOM   533  C  CA  . GLN A 1 159 ? 3.182   0.813   8.432   1.000 57.009  0 159 GLN A CA  1 ? 
ATOM   534  C  C   . GLN A 1 159 ? 3.201   1.092   9.930   1.000 58.461  0 159 GLN A C   1 ? 
ATOM   535  O  O   . GLN A 1 159 ? 2.411   1.891   10.421  1.000 59.397  0 159 GLN A O   1 ? 
ATOM   536  C  CB  . GLN A 1 159 ? 3.758   1.966   7.610   1.000 55.924  0 159 GLN A CB  1 ? 
ATOM   537  C  CG  . GLN A 1 159 ? 3.988   1.579   6.153   1.000 59.082  0 159 GLN A CG  1 ? 
ATOM   538  C  CD  . GLN A 1 159 ? 3.894   2.722   5.173   1.000 59.439  0 159 GLN A CD  1 ? 
ATOM   539  O  OE1 . GLN A 1 159 ? 3.529   3.842   5.519   1.000 57.801  0 159 GLN A OE1 1 ? 
ATOM   540  N  NE2 . GLN A 1 159 ? 4.225   2.440   3.922   1.000 56.736  0 159 GLN A NE2 1 ? 
ATOM   541  N  N   . ARG A 1 160 ? 4.099   0.407   10.642  1.000 62.537  0 160 ARG A N   1 ? 
ATOM   542  C  CA  . ARG A 1 160 ? 4.172   0.485   12.089  1.000 59.831  0 160 ARG A CA  1 ? 
ATOM   543  C  C   . ARG A 1 160 ? 4.862   1.791   12.465  1.000 60.040  0 160 ARG A C   1 ? 
ATOM   544  O  O   . ARG A 1 160 ? 5.898   2.130   11.904  1.000 65.783  0 160 ARG A O   1 ? 
ATOM   545  C  CB  . ARG A 1 160 ? 4.875   -0.766  12.633  1.000 65.929  0 160 ARG A CB  1 ? 
ATOM   546  C  CG  . ARG A 1 160 ? 4.031   -2.032  12.508  1.000 69.869  0 160 ARG A CG  1 ? 
ATOM   547  C  CD  . ARG A 1 160 ? 4.608   -3.270  13.169  1.000 72.944  0 160 ARG A CD  1 ? 
ATOM   548  N  NE  . ARG A 1 160 ? 4.874   -3.057  14.586  1.000 77.274  0 160 ARG A NE  1 ? 
ATOM   549  C  CZ  . ARG A 1 160 ? 5.456   -3.942  15.386  1.000 81.306  0 160 ARG A CZ  1 ? 
ATOM   550  N  NH1 . ARG A 1 160 ? 5.763   -5.145  14.929  1.000 79.827  0 160 ARG A NH1 1 ? 
ATOM   551  N  NH2 . ARG A 1 160 ? 5.714   -3.624  16.644  1.000 83.559  0 160 ARG A NH2 1 ? 
ATOM   552  N  N   . ALA A 1 161 ? 4.261   2.527   13.404  1.000 65.915  0 161 ALA A N   1 ? 
ATOM   553  C  CA  . ALA A 1 161 ? 4.751   3.836   13.821  1.000 69.280  0 161 ALA A CA  1 ? 
ATOM   554  C  C   . ALA A 1 161 ? 6.134   3.733   14.468  1.000 70.724  0 161 ALA A C   1 ? 
ATOM   555  O  O   . ALA A 1 161 ? 6.945   4.657   14.375  1.000 70.408  0 161 ALA A O   1 ? 
ATOM   556  C  CB  . ALA A 1 161 ? 3.751   4.450   14.770  1.000 70.761  0 161 ALA A CB  1 ? 
ATOM   557  N  N   . LYS A 1 162 ? 6.364   2.612   15.162  1.000 76.841  0 162 LYS A N   1 ? 
ATOM   558  C  CA  . LYS A 1 162 ? 7.664   2.240   15.700  1.000 76.667  0 162 LYS A CA  1 ? 
ATOM   559  C  C   . LYS A 1 162 ? 8.740   2.480   14.640  1.000 72.906  0 162 LYS A C   1 ? 
ATOM   560  O  O   . LYS A 1 162 ? 9.692   3.219   14.869  1.000 69.917  0 162 LYS A O   1 ? 
ATOM   561  C  CB  . LYS A 1 162 ? 7.607   0.769   16.133  1.000 80.527  0 162 LYS A CB  1 ? 
ATOM   562  C  CG  . LYS A 1 162 ? 8.674   0.317   17.119  1.000 84.007  0 162 LYS A CG  1 ? 
ATOM   563  C  CD  . LYS A 1 162 ? 8.540   -1.146  17.480  1.000 87.142  0 162 LYS A CD  1 ? 
ATOM   564  C  CE  . LYS A 1 162 ? 9.524   -1.588  18.539  1.000 90.843  0 162 LYS A CE  1 ? 
ATOM   565  N  NZ  . LYS A 1 162 ? 9.514   -3.060  18.693  1.000 94.536  0 162 LYS A NZ  1 ? 
ATOM   566  N  N   . TYR A 1 163 ? 8.544   1.876   13.462  1.000 70.902  0 163 TYR A N   1 ? 
ATOM   567  C  CA  . TYR A 1 163 ? 9.538   1.872   12.397  1.000 71.769  0 163 TYR A CA  1 ? 
ATOM   568  C  C   . TYR A 1 163 ? 9.372   3.085   11.476  1.000 70.547  0 163 TYR A C   1 ? 
ATOM   569  O  O   . TYR A 1 163 ? 10.344  3.538   10.876  1.000 65.586  0 163 TYR A O   1 ? 
ATOM   570  C  CB  . TYR A 1 163 ? 9.443   0.556   11.616  1.000 71.222  0 163 TYR A CB  1 ? 
ATOM   571  C  CG  . TYR A 1 163 ? 9.663   -0.706  12.424  1.000 68.041  0 163 TYR A CG  1 ? 
ATOM   572  C  CD1 . TYR A 1 163 ? 10.762  -0.847  13.261  1.000 67.558  0 163 TYR A CD1 1 ? 
ATOM   573  C  CD2 . TYR A 1 163 ? 8.796   -1.782  12.322  1.000 66.145  0 163 TYR A CD2 1 ? 
ATOM   574  C  CE1 . TYR A 1 163 ? 10.978  -2.007  13.992  1.000 69.628  0 163 TYR A CE1 1 ? 
ATOM   575  C  CE2 . TYR A 1 163 ? 9.001   -2.952  13.038  1.000 69.906  0 163 TYR A CE2 1 ? 
ATOM   576  C  CZ  . TYR A 1 163 ? 10.097  -3.069  13.880  1.000 70.652  0 163 TYR A CZ  1 ? 
ATOM   577  O  OH  . TYR A 1 163 ? 10.305  -4.231  14.591  1.000 66.740  0 163 TYR A OH  1 ? 
ATOM   578  N  N   . TYR A 1 164 ? 8.135   3.591   11.360  1.000 73.522  0 164 TYR A N   1 ? 
ATOM   579  C  CA  . TYR A 1 164 ? 7.803   4.711   10.491  1.000 71.917  0 164 TYR A CA  1 ? 
ATOM   580  C  C   . TYR A 1 164 ? 7.224   5.831   11.349  1.000 74.355  0 164 TYR A C   1 ? 
ATOM   581  O  O   . TYR A 1 164 ? 6.009   5.962   11.477  1.000 75.174  0 164 TYR A O   1 ? 
ATOM   582  C  CB  . TYR A 1 164 ? 6.842   4.249   9.391   1.000 67.180  0 164 TYR A CB  1 ? 
ATOM   583  C  CG  . TYR A 1 164 ? 7.494   3.311   8.408   1.000 65.454  0 164 TYR A CG  1 ? 
ATOM   584  C  CD1 . TYR A 1 164 ? 8.245   3.803   7.354   1.000 65.211  0 164 TYR A CD1 1 ? 
ATOM   585  C  CD2 . TYR A 1 164 ? 7.434   1.936   8.577   1.000 63.515  0 164 TYR A CD2 1 ? 
ATOM   586  C  CE1 . TYR A 1 164 ? 8.886   2.954   6.468   1.000 65.527  0 164 TYR A CE1 1 ? 
ATOM   587  C  CE2 . TYR A 1 164 ? 8.071   1.073   7.700   1.000 62.232  0 164 TYR A CE2 1 ? 
ATOM   588  C  CZ  . TYR A 1 164 ? 8.805   1.584   6.645   1.000 63.849  0 164 TYR A CZ  1 ? 
ATOM   589  O  OH  . TYR A 1 164 ? 9.452   0.756   5.761   1.000 66.961  0 164 TYR A OH  1 ? 
ATOM   590  N  N   . PRO A 1 165 ? 8.077   6.671   11.973  1.000 76.084  0 165 PRO A N   1 ? 
ATOM   591  C  CA  . PRO A 1 165 ? 7.617   7.592   13.012  1.000 76.666  0 165 PRO A CA  1 ? 
ATOM   592  C  C   . PRO A 1 165 ? 6.845   8.802   12.477  1.000 78.301  0 165 PRO A C   1 ? 
ATOM   593  O  O   . PRO A 1 165 ? 6.070   9.406   13.216  1.000 78.213  0 165 PRO A O   1 ? 
ATOM   594  C  CB  . PRO A 1 165 ? 8.931   8.000   13.698  1.000 74.408  0 165 PRO A CB  1 ? 
ATOM   595  C  CG  . PRO A 1 165 ? 9.972   7.927   12.597  1.000 75.280  0 165 PRO A CG  1 ? 
ATOM   596  C  CD  . PRO A 1 165 ? 9.514   6.804   11.686  1.000 76.121  0 165 PRO A CD  1 ? 
ATOM   597  N  N   . ASN A 1 166 ? 7.047   9.147   11.194  1.000 76.733  0 166 ASN A N   1 ? 
ATOM   598  C  CA  . ASN A 1 166 ? 6.349   10.266  10.577  1.000 71.476  0 166 ASN A CA  1 ? 
ATOM   599  C  C   . ASN A 1 166 ? 4.927   9.849   10.200  1.000 71.413  0 166 ASN A C   1 ? 
ATOM   600  O  O   . ASN A 1 166 ? 4.718   9.192   9.179   1.000 68.983  0 166 ASN A O   1 ? 
ATOM   601  C  CB  . ASN A 1 166 ? 7.093   10.802  9.354   1.000 68.996  0 166 ASN A CB  1 ? 
ATOM   602  C  CG  . ASN A 1 166 ? 6.442   12.047  8.791   1.000 70.088  0 166 ASN A CG  1 ? 
ATOM   603  O  OD1 . ASN A 1 166 ? 5.299   12.358  9.112   1.000 74.948  0 166 ASN A OD1 1 ? 
ATOM   604  N  ND2 . ASN A 1 166 ? 7.161   12.768  7.951   1.000 67.774  0 166 ASN A ND2 1 ? 
ATOM   605  N  N   . ILE A 1 167 ? 3.956   10.277  11.021  1.000 69.057  0 167 ILE A N   1 ? 
ATOM   606  C  CA  . ILE A 1 167 ? 2.580   9.808   10.934  1.000 70.159  0 167 ILE A CA  1 ? 
ATOM   607  C  C   . ILE A 1 167 ? 1.864   10.517  9.782   1.000 71.269  0 167 ILE A C   1 ? 
ATOM   608  O  O   . ILE A 1 167 ? 0.992   9.931   9.141   1.000 67.733  0 167 ILE A O   1 ? 
ATOM   609  C  CB  . ILE A 1 167 ? 1.834   10.007  12.272  1.000 70.381  0 167 ILE A CB  1 ? 
ATOM   610  C  CG1 . ILE A 1 167 ? 2.594   9.409   13.461  1.000 73.318  0 167 ILE A CG1 1 ? 
ATOM   611  C  CG2 . ILE A 1 167 ? 0.413   9.467   12.187  1.000 69.814  0 167 ILE A CG2 1 ? 
ATOM   612  C  CD1 . ILE A 1 167 ? 2.871   7.929   13.349  1.000 74.090  0 167 ILE A CD1 1 ? 
ATOM   613  N  N   . ALA A 1 168 ? 2.229   11.782  9.536   1.000 64.650  0 168 ALA A N   1 ? 
ATOM   614  C  CA  . ALA A 1 168 ? 1.698   12.532  8.411   1.000 65.282  0 168 ALA A CA  1 ? 
ATOM   615  C  C   . ALA A 1 168 ? 1.899   11.737  7.122   1.000 65.683  0 168 ALA A C   1 ? 
ATOM   616  O  O   . ALA A 1 168 ? 0.972   11.589  6.327   1.000 65.573  0 168 ALA A O   1 ? 
ATOM   617  C  CB  . ALA A 1 168 ? 2.364   13.886  8.345   1.000 67.246  0 168 ALA A CB  1 ? 
ATOM   618  N  N   . ALA A 1 169 ? 3.125   11.225  6.943   1.000 68.051  0 169 ALA A N   1 ? 
ATOM   619  C  CA  . ALA A 1 169 ? 3.506   10.463  5.766   1.000 65.573  0 169 ALA A CA  1 ? 
ATOM   620  C  C   . ALA A 1 169 ? 2.742   9.143   5.715   1.000 61.233  0 169 ALA A C   1 ? 
ATOM   621  O  O   . ALA A 1 169 ? 2.261   8.750   4.655   1.000 64.230  0 169 ALA A O   1 ? 
ATOM   622  C  CB  . ALA A 1 169 ? 4.997   10.230  5.767   1.000 66.676  0 169 ALA A CB  1 ? 
ATOM   623  N  N   . ASP A 1 170 ? 2.628   8.479   6.870   1.000 58.081  0 170 ASP A N   1 ? 
ATOM   624  C  CA  . ASP A 1 170 ? 1.989   7.175   6.953   1.000 58.577  0 170 ASP A CA  1 ? 
ATOM   625  C  C   . ASP A 1 170 ? 0.503   7.291   6.600   1.000 61.468  0 170 ASP A C   1 ? 
ATOM   626  O  O   . ASP A 1 170 ? -0.096  6.339   6.099   1.000 61.051  0 170 ASP A O   1 ? 
ATOM   627  C  CB  . ASP A 1 170 ? 2.143   6.564   8.350   1.000 59.234  0 170 ASP A CB  1 ? 
ATOM   628  C  CG  . ASP A 1 170 ? 3.563   6.397   8.874   1.000 57.741  0 170 ASP A CG  1 ? 
ATOM   629  O  OD1 . ASP A 1 170 ? 4.524   6.573   8.096   1.000 58.920  0 170 ASP A OD1 1 ? 
ATOM   630  O  OD2 . ASP A 1 170 ? 3.690   6.088   10.074  1.000 56.772  0 170 ASP A OD2 1 ? 
ATOM   631  N  N   . MET A 1 171 ? -0.094  8.459   6.878   1.000 63.352  0 171 MET A N   1 ? 
ATOM   632  C  CA  . MET A 1 171 ? -1.527  8.664   6.725   1.000 63.663  0 171 MET A CA  1 ? 
ATOM   633  C  C   . MET A 1 171 ? -1.850  9.318   5.377   1.000 66.445  0 171 MET A C   1 ? 
ATOM   634  O  O   . MET A 1 171 ? -3.026  9.433   5.031   1.000 65.539  0 171 MET A O   1 ? 
ATOM   635  C  CB  . MET A 1 171 ? -2.064  9.544   7.863   1.000 65.076  0 171 MET A CB  1 ? 
ATOM   636  C  CG  . MET A 1 171 ? -1.946  8.907   9.247   1.000 61.845  0 171 MET A CG  1 ? 
ATOM   637  S  SD  . MET A 1 171 ? -3.016  7.468   9.497   1.000 64.406  0 171 MET A SD  1 ? 
ATOM   638  C  CE  . MET A 1 171 ? -4.627  8.252   9.479   1.000 65.945  0 171 MET A CE  1 ? 
ATOM   639  N  N   . ASP A 1 172 ? -0.810  9.735   4.629   1.000 68.077  0 172 ASP A N   1 ? 
ATOM   640  C  CA  . ASP A 1 172 ? -0.962  10.235  3.268   1.000 65.873  0 172 ASP A CA  1 ? 
ATOM   641  C  C   . ASP A 1 172 ? -0.722  9.106   2.265   1.000 63.507  0 172 ASP A C   1 ? 
ATOM   642  O  O   . ASP A 1 172 ? 0.332   8.475   2.290   1.000 63.840  0 172 ASP A O   1 ? 
ATOM   643  C  CB  . ASP A 1 172 ? 0.001   11.390  2.973   1.000 67.785  0 172 ASP A CB  1 ? 
ATOM   644  C  CG  . ASP A 1 172 ? -0.135  11.939  1.561   1.000 67.528  0 172 ASP A CG  1 ? 
ATOM   645  O  OD1 . ASP A 1 172 ? -1.262  12.306  1.187   1.000 66.980  0 172 ASP A OD1 1 ? 
ATOM   646  O  OD2 . ASP A 1 172 ? 0.880   11.981  0.840   1.000 72.563  0 172 ASP A OD2 1 ? 
ATOM   647  N  N   . PRO A 1 173 ? -1.673  8.830   1.339   1.000 60.579  0 173 PRO A N   1 ? 
ATOM   648  C  CA  . PRO A 1 173 ? -1.510  7.753   0.353   1.000 60.038  0 173 PRO A CA  1 ? 
ATOM   649  C  C   . PRO A 1 173 ? -0.249  7.811   -0.518  1.000 61.058  0 173 PRO A C   1 ? 
ATOM   650  O  O   . PRO A 1 173 ? 0.422   6.799   -0.714  1.000 58.077  0 173 PRO A O   1 ? 
ATOM   651  C  CB  . PRO A 1 173 ? -2.767  7.892   -0.526  1.000 60.730  0 173 PRO A CB  1 ? 
ATOM   652  C  CG  . PRO A 1 173 ? -3.798  8.539   0.377   1.000 59.606  0 173 PRO A CG  1 ? 
ATOM   653  C  CD  . PRO A 1 173 ? -2.991  9.484   1.242   1.000 60.364  0 173 PRO A CD  1 ? 
ATOM   654  N  N   . ALA A 1 174 ? 0.052   8.995   -1.063  1.000 61.850  0 174 ALA A N   1 ? 
ATOM   655  C  CA  . ALA A 1 174 ? 1.192   9.172   -1.947  1.000 59.052  0 174 ALA A CA  1 ? 
ATOM   656  C  C   . ALA A 1 174 ? 2.494   8.960   -1.178  1.000 60.116  0 174 ALA A C   1 ? 
ATOM   657  O  O   . ALA A 1 174 ? 3.365   8.228   -1.636  1.000 58.663  0 174 ALA A O   1 ? 
ATOM   658  C  CB  . ALA A 1 174 ? 1.140   10.542  -2.571  1.000 57.720  0 174 ALA A CB  1 ? 
ATOM   659  N  N   . ARG A 1 175 ? 2.610   9.608   -0.011  1.000 60.758  0 175 ARG A N   1 ? 
ATOM   660  C  CA  . ARG A 1 175 ? 3.819   9.553   0.794   1.000 60.651  0 175 ARG A CA  1 ? 
ATOM   661  C  C   . ARG A 1 175 ? 4.004   8.163   1.397   1.000 58.131  0 175 ARG A C   1 ? 
ATOM   662  O  O   . ARG A 1 175 ? 5.120   7.663   1.458   1.000 61.075  0 175 ARG A O   1 ? 
ATOM   663  C  CB  . ARG A 1 175 ? 3.775   10.634  1.878   1.000 64.027  0 175 ARG A CB  1 ? 
ATOM   664  C  CG  . ARG A 1 175 ? 3.990   12.042  1.337   1.000 69.616  0 175 ARG A CG  1 ? 
ATOM   665  C  CD  . ARG A 1 175 ? 3.687   13.139  2.344   1.000 72.754  0 175 ARG A CD  1 ? 
ATOM   666  N  NE  . ARG A 1 175 ? 4.739   13.327  3.337   1.000 75.829  0 175 ARG A NE  1 ? 
ATOM   667  C  CZ  . ARG A 1 175 ? 4.581   13.983  4.484   1.000 76.384  0 175 ARG A CZ  1 ? 
ATOM   668  N  NH1 . ARG A 1 175 ? 3.393   14.465  4.808   1.000 78.091  0 175 ARG A NH1 1 ? 
ATOM   669  N  NH2 . ARG A 1 175 ? 5.600   14.129  5.314   1.000 71.513  0 175 ARG A NH2 1 ? 
ATOM   670  N  N   . SER A 1 176 ? 2.911   7.541   1.845   1.000 57.756  0 176 SER A N   1 ? 
ATOM   671  C  CA  . SER A 1 176 ? 2.973   6.192   2.385   1.000 58.552  0 176 SER A CA  1 ? 
ATOM   672  C  C   . SER A 1 176 ? 3.405   5.199   1.305   1.000 58.621  0 176 SER A C   1 ? 
ATOM   673  O  O   . SER A 1 176 ? 4.181   4.289   1.584   1.000 62.435  0 176 SER A O   1 ? 
ATOM   674  C  CB  . SER A 1 176 ? 1.663   5.787   3.028   1.000 59.546  0 176 SER A CB  1 ? 
ATOM   675  O  OG  . SER A 1 176 ? 0.585   5.791   2.097   1.000 58.743  0 176 SER A OG  1 ? 
ATOM   676  N  N   . ALA A 1 177 ? 2.912   5.389   0.074   1.000 61.288  0 177 ALA A N   1 ? 
ATOM   677  C  CA  . ALA A 1 177 ? 3.324   4.590   -1.075  1.000 61.165  0 177 ALA A CA  1 ? 
ATOM   678  C  C   . ALA A 1 177 ? 4.822   4.760   -1.339  1.000 58.309  0 177 ALA A C   1 ? 
ATOM   679  O  O   . ALA A 1 177 ? 5.528   3.776   -1.546  1.000 62.049  0 177 ALA A O   1 ? 
ATOM   680  C  CB  . ALA A 1 177 ? 2.511   4.966   -2.293  1.000 59.659  0 177 ALA A CB  1 ? 
ATOM   681  N  N   . ALA A 1 178 ? 5.302   6.009   -1.322  1.000 54.752  0 178 ALA A N   1 ? 
ATOM   682  C  CA  . ALA A 1 178 ? 6.717   6.299   -1.503  1.000 54.958  0 178 ALA A CA  1 ? 
ATOM   683  C  C   . ALA A 1 178 ? 7.564   5.516   -0.501  1.000 54.722  0 178 ALA A C   1 ? 
ATOM   684  O  O   . ALA A 1 178 ? 8.655   5.070   -0.844  1.000 60.523  0 178 ALA A O   1 ? 
ATOM   685  C  CB  . ALA A 1 178 ? 6.963   7.778   -1.369  1.000 54.263  0 178 ALA A CB  1 ? 
ATOM   686  N  N   . GLN A 1 179 ? 7.056   5.370   0.730   1.000 56.400  0 179 GLN A N   1 ? 
ATOM   687  C  CA  . GLN A 1 179 ? 7.739   4.650   1.797   1.000 58.465  0 179 GLN A CA  1 ? 
ATOM   688  C  C   . GLN A 1 179 ? 7.765   3.148   1.504   1.000 58.691  0 179 GLN A C   1 ? 
ATOM   689  O  O   . GLN A 1 179 ? 8.757   2.482   1.801   1.000 60.158  0 179 GLN A O   1 ? 
ATOM   690  C  CB  . GLN A 1 179 ? 7.077   4.939   3.150   1.000 58.904  0 179 GLN A CB  1 ? 
ATOM   691  C  CG  . GLN A 1 179 ? 7.433   6.304   3.736   1.000 56.855  0 179 GLN A CG  1 ? 
ATOM   692  C  CD  . GLN A 1 179 ? 6.765   6.594   5.061   1.000 58.636  0 179 GLN A CD  1 ? 
ATOM   693  O  OE1 . GLN A 1 179 ? 7.107   7.556   5.745   1.000 59.839  0 179 GLN A OE1 1 ? 
ATOM   694  N  NE2 . GLN A 1 179 ? 5.810   5.760   5.448   1.000 57.718  0 179 GLN A NE2 1 ? 
ATOM   695  N  N   . PHE A 1 180 ? 6.670   2.622   0.932   1.000 55.662  0 180 PHE A N   1 ? 
ATOM   696  C  CA  . PHE A 1 180 ? 6.609   1.232   0.504   1.000 53.082  0 180 PHE A CA  1 ? 
ATOM   697  C  C   . PHE A 1 180 ? 7.587   0.986   -0.641  1.000 52.287  0 180 PHE A C   1 ? 
ATOM   698  O  O   . PHE A 1 180 ? 8.390   0.060   -0.569  1.000 57.102  0 180 PHE A O   1 ? 
ATOM   699  C  CB  . PHE A 1 180 ? 5.182   0.856   0.095   1.000 56.977  0 180 PHE A CB  1 ? 
ATOM   700  C  CG  . PHE A 1 180 ? 5.024   -0.507  -0.539  1.000 58.365  0 180 PHE A CG  1 ? 
ATOM   701  C  CD1 . PHE A 1 180 ? 5.286   -0.702  -1.886  1.000 58.737  0 180 PHE A CD1 1 ? 
ATOM   702  C  CD2 . PHE A 1 180 ? 4.613   -1.599  0.212   1.000 59.750  0 180 PHE A CD2 1 ? 
ATOM   703  C  CE1 . PHE A 1 180 ? 5.132   -1.953  -2.468  1.000 60.147  0 180 PHE A CE1 1 ? 
ATOM   704  C  CE2 . PHE A 1 180 ? 4.466   -2.849  -0.372  1.000 60.279  0 180 PHE A CE2 1 ? 
ATOM   705  C  CZ  . PHE A 1 180 ? 4.726   -3.026  -1.711  1.000 57.771  0 180 PHE A CZ  1 ? 
ATOM   706  N  N   . PHE A 1 181 ? 7.511   1.814   -1.689  1.000 53.586  0 181 PHE A N   1 ? 
ATOM   707  C  CA  . PHE A 1 181 ? 8.325   1.636   -2.885  1.000 55.663  0 181 PHE A CA  1 ? 
ATOM   708  C  C   . PHE A 1 181 ? 9.815   1.791   -2.576  1.000 54.162  0 181 PHE A C   1 ? 
ATOM   709  O  O   . PHE A 1 181 ? 10.642  1.127   -3.195  1.000 56.396  0 181 PHE A O   1 ? 
ATOM   710  C  CB  . PHE A 1 181 ? 7.888   2.611   -3.983  1.000 55.768  0 181 PHE A CB  1 ? 
ATOM   711  C  CG  . PHE A 1 181 ? 6.535   2.312   -4.581  1.000 56.408  0 181 PHE A CG  1 ? 
ATOM   712  C  CD1 . PHE A 1 181 ? 6.208   1.026   -4.990  1.000 57.561  0 181 PHE A CD1 1 ? 
ATOM   713  C  CD2 . PHE A 1 181 ? 5.593   3.315   -4.749  1.000 56.794  0 181 PHE A CD2 1 ? 
ATOM   714  C  CE1 . PHE A 1 181 ? 4.967   0.750   -5.547  1.000 57.724  0 181 PHE A CE1 1 ? 
ATOM   715  C  CE2 . PHE A 1 181 ? 4.353   3.038   -5.304  1.000 57.391  0 181 PHE A CE2 1 ? 
ATOM   716  C  CZ  . PHE A 1 181 ? 4.041   1.757   -5.704  1.000 57.135  0 181 PHE A CZ  1 ? 
ATOM   717  N  N   . ALA A 1 182 ? 10.149  2.673   -1.629  1.000 53.408  0 182 ALA A N   1 ? 
ATOM   718  C  CA  . ALA A 1 182 ? 11.526  2.874   -1.214  1.000 54.664  0 182 ALA A CA  1 ? 
ATOM   719  C  C   . ALA A 1 182 ? 12.097  1.582   -0.632  1.000 57.908  0 182 ALA A C   1 ? 
ATOM   720  O  O   . ALA A 1 182 ? 13.223  1.200   -0.951  1.000 60.239  0 182 ALA A O   1 ? 
ATOM   721  C  CB  . ALA A 1 182 ? 11.599  4.013   -0.225  1.000 54.181  0 182 ALA A CB  1 ? 
ATOM   722  N  N   . LYS A 1 183 ? 11.314  0.897   0.210   1.000 59.488  0 183 LYS A N   1 ? 
ATOM   723  C  CA  . LYS A 1 183 ? 11.790  -0.329  0.830   1.000 61.293  0 183 LYS A CA  1 ? 
ATOM   724  C  C   . LYS A 1 183 ? 11.840  -1.454  -0.200  1.000 61.439  0 183 LYS A C   1 ? 
ATOM   725  O  O   . LYS A 1 183 ? 12.767  -2.265  -0.178  1.000 65.743  0 183 LYS A O   1 ? 
ATOM   726  C  CB  . LYS A 1 183 ? 10.915  -0.758  2.011   1.000 63.100  0 183 LYS A CB  1 ? 
ATOM   727  C  CG  . LYS A 1 183 ? 11.632  -1.699  2.969   1.000 68.487  0 183 LYS A CG  1 ? 
ATOM   728  C  CD  . LYS A 1 183 ? 10.729  -2.624  3.745   1.000 74.014  0 183 LYS A CD  1 ? 
ATOM   729  C  CE  . LYS A 1 183 ? 11.505  -3.701  4.476   1.000 77.622  0 183 LYS A CE  1 ? 
ATOM   730  N  NZ  . LYS A 1 183 ? 10.656  -4.451  5.435   1.000 80.146  0 183 LYS A NZ  1 ? 
ATOM   731  N  N   . MET A 1 184 ? 10.828  -1.501  -1.078  1.000 59.292  0 184 MET A N   1 ? 
ATOM   732  C  CA  . MET A 1 184 ? 10.720  -2.514  -2.119  1.000 58.398  0 184 MET A CA  1 ? 
ATOM   733  C  C   . MET A 1 184 ? 11.945  -2.469  -3.037  1.000 59.543  0 184 MET A C   1 ? 
ATOM   734  O  O   . MET A 1 184 ? 12.435  -3.512  -3.458  1.000 59.382  0 184 MET A O   1 ? 
ATOM   735  C  CB  . MET A 1 184 ? 9.440   -2.293  -2.936  1.000 59.788  0 184 MET A CB  1 ? 
ATOM   736  C  CG  . MET A 1 184 ? 9.306   -3.187  -4.165  1.000 62.931  0 184 MET A CG  1 ? 
ATOM   737  S  SD  . MET A 1 184 ? 7.946   -2.700  -5.267  1.000 61.125  0 184 MET A SD  1 ? 
ATOM   738  C  CE  . MET A 1 184 ? 8.780   -1.423  -6.205  1.000 65.301  0 184 MET A CE  1 ? 
ATOM   739  N  N   . LYS A 1 185 ? 12.441  -1.259  -3.341  1.000 62.679  0 185 LYS A N   1 ? 
ATOM   740  C  CA  . LYS A 1 185 ? 13.563  -1.086  -4.254  1.000 65.370  0 185 LYS A CA  1 ? 
ATOM   741  C  C   . LYS A 1 185 ? 14.871  -1.578  -3.640  1.000 62.233  0 185 LYS A C   1 ? 
ATOM   742  O  O   . LYS A 1 185 ? 15.780  -1.948  -4.374  1.000 63.758  0 185 LYS A O   1 ? 
ATOM   743  C  CB  . LYS A 1 185 ? 13.750  0.386   -4.632  1.000 67.060  0 185 LYS A CB  1 ? 
ATOM   744  C  CG  . LYS A 1 185 ? 12.767  0.949   -5.647  1.000 67.949  0 185 LYS A CG  1 ? 
ATOM   745  C  CD  . LYS A 1 185 ? 13.039  2.403   -5.916  1.000 73.046  0 185 LYS A CD  1 ? 
ATOM   746  C  CE  . LYS A 1 185 ? 12.069  3.038   -6.884  1.000 78.133  0 185 LYS A CE  1 ? 
ATOM   747  N  NZ  . LYS A 1 185 ? 12.355  4.485   -7.036  1.000 83.447  0 185 LYS A NZ  1 ? 
ATOM   748  N  N   . GLY A 1 186 ? 14.975  -1.535  -2.305  1.000 65.477  0 186 GLY A N   1 ? 
ATOM   749  C  CA  . GLY A 1 186 ? 16.168  -1.971  -1.595  1.000 63.956  0 186 GLY A CA  1 ? 
ATOM   750  C  C   . GLY A 1 186 ? 16.271  -3.491  -1.489  1.000 64.197  0 186 GLY A C   1 ? 
ATOM   751  O  O   . GLY A 1 186 ? 17.271  -4.005  -1.002  1.000 72.271  0 186 GLY A O   1 ? 
ATOM   752  N  N   . ILE A 1 187 ? 15.230  -4.200  -1.940  1.000 65.086  0 187 ILE A N   1 ? 
ATOM   753  C  CA  . ILE A 1 187 ? 15.213  -5.654  -1.975  1.000 67.117  0 187 ILE A CA  1 ? 
ATOM   754  C  C   . ILE A 1 187 ? 15.829  -6.146  -3.281  1.000 68.762  0 187 ILE A C   1 ? 
ATOM   755  O  O   . ILE A 1 187 ? 15.173  -6.137  -4.320  1.000 68.478  0 187 ILE A O   1 ? 
ATOM   756  C  CB  . ILE A 1 187 ? 13.771  -6.173  -1.809  1.000 68.139  0 187 ILE A CB  1 ? 
ATOM   757  C  CG1 . ILE A 1 187 ? 13.246  -5.867  -0.404  1.000 71.541  0 187 ILE A CG1 1 ? 
ATOM   758  C  CG2 . ILE A 1 187 ? 13.665  -7.656  -2.145  1.000 66.194  0 187 ILE A CG2 1 ? 
ATOM   759  C  CD1 . ILE A 1 187 ? 11.771  -6.125  -0.235  1.000 73.994  0 187 ILE A CD1 1 ? 
ATOM   760  N  N   . LYS A 1 188 ? 17.076  -6.626  -3.196  1.000 73.714  0 188 LYS A N   1 ? 
ATOM   761  C  CA  . LYS A 1 188 ? 17.774  -7.197  -4.336  1.000 75.798  0 188 LYS A CA  1 ? 
ATOM   762  C  C   . LYS A 1 188 ? 16.881  -8.256  -4.996  1.000 72.855  0 188 LYS A C   1 ? 
ATOM   763  O  O   . LYS A 1 188 ? 16.394  -9.166  -4.330  1.000 70.862  0 188 LYS A O   1 ? 
ATOM   764  C  CB  . LYS A 1 188 ? 19.140  -7.743  -3.891  1.000 78.451  0 188 LYS A CB  1 ? 
ATOM   765  C  CG  . LYS A 1 188 ? 20.045  -6.743  -3.174  1.000 76.047  0 188 LYS A CG  1 ? 
ATOM   766  N  N   . GLY A 1 189 ? 16.631  -8.088  -6.304  1.000 71.139  0 189 GLY A N   1 ? 
ATOM   767  C  CA  . GLY A 1 189 ? 15.940  -9.080  -7.120  1.000 67.070  0 189 GLY A CA  1 ? 
ATOM   768  C  C   . GLY A 1 189 ? 14.438  -8.823  -7.272  1.000 66.015  0 189 GLY A C   1 ? 
ATOM   769  O  O   . GLY A 1 189 ? 13.715  -9.661  -7.815  1.000 61.713  0 189 GLY A O   1 ? 
ATOM   770  N  N   . TRP A 1 190 ? 13.966  -7.651  -6.822  1.000 64.332  0 190 TRP A N   1 ? 
ATOM   771  C  CA  . TRP A 1 190 ? 12.534  -7.402  -6.720  1.000 61.960  0 190 TRP A CA  1 ? 
ATOM   772  C  C   . TRP A 1 190 ? 11.861  -7.396  -8.095  1.000 63.331  0 190 TRP A C   1 ? 
ATOM   773  O  O   . TRP A 1 190 ? 10.701  -7.794  -8.202  1.000 61.000  0 190 TRP A O   1 ? 
ATOM   774  C  CB  . TRP A 1 190 ? 12.263  -6.110  -5.942  1.000 57.699  0 190 TRP A CB  1 ? 
ATOM   775  C  CG  . TRP A 1 190 ? 12.617  -4.836  -6.644  1.000 56.165  0 190 TRP A CG  1 ? 
ATOM   776  C  CD1 . TRP A 1 190 ? 13.734  -4.075  -6.457  1.000 58.592  0 190 TRP A CD1 1 ? 
ATOM   777  C  CD2 . TRP A 1 190 ? 11.792  -4.108  -7.570  1.000 56.014  0 190 TRP A CD2 1 ? 
ATOM   778  N  NE1 . TRP A 1 190 ? 13.682  -2.951  -7.235  1.000 56.822  0 190 TRP A NE1 1 ? 
ATOM   779  C  CE2 . TRP A 1 190 ? 12.501  -2.941  -7.926  1.000 55.639  0 190 TRP A CE2 1 ? 
ATOM   780  C  CE3 . TRP A 1 190 ? 10.533  -4.337  -8.143  1.000 55.862  0 190 TRP A CE3 1 ? 
ATOM   781  C  CZ2 . TRP A 1 190 ? 11.997  -2.012  -8.834  1.000 55.876  0 190 TRP A CZ2 1 ? 
ATOM   782  C  CZ3 . TRP A 1 190 ? 10.036  -3.421  -9.042  1.000 55.858  0 190 TRP A CZ3 1 ? 
ATOM   783  C  CH2 . TRP A 1 190 ? 10.761  -2.275  -9.379  1.000 57.333  0 190 TRP A CH2 1 ? 
ATOM   784  N  N   . GLN A 1 191 ? 12.605  -6.979  -9.133  1.000 64.575  0 191 GLN A N   1 ? 
ATOM   785  C  CA  . GLN A 1 191 ? 12.058  -6.715  -10.457 1.000 62.475  0 191 GLN A CA  1 ? 
ATOM   786  C  C   . GLN A 1 191 ? 11.531  -7.992  -11.115 1.000 65.088  0 191 GLN A C   1 ? 
ATOM   787  O  O   . GLN A 1 191 ? 10.598  -7.928  -11.911 1.000 69.457  0 191 GLN A O   1 ? 
ATOM   788  C  CB  . GLN A 1 191 ? 13.110  -6.068  -11.362 1.000 60.602  0 191 GLN A CB  1 ? 
ATOM   789  C  CG  . GLN A 1 191 ? 13.531  -4.657  -10.955 1.000 60.658  0 191 GLN A CG  1 ? 
ATOM   790  C  CD  . GLN A 1 191 ? 14.750  -4.593  -10.064 1.000 59.312  0 191 GLN A CD  1 ? 
ATOM   791  O  OE1 . GLN A 1 191 ? 15.175  -5.584  -9.475  1.000 61.756  0 191 GLN A OE1 1 ? 
ATOM   792  N  NE2 . GLN A 1 191 ? 15.325  -3.404  -9.949  1.000 55.572  0 191 GLN A NE2 1 ? 
ATOM   793  N  N   . SER A 1 192 ? 12.133  -9.144  -10.792 1.000 68.899  0 192 SER A N   1 ? 
ATOM   794  C  CA  . SER A 1 192 ? 11.721  -10.421 -11.357 1.000 72.880  0 192 SER A CA  1 ? 
ATOM   795  C  C   . SER A 1 192 ? 11.226  -11.378 -10.271 1.000 71.227  0 192 SER A C   1 ? 
ATOM   796  O  O   . SER A 1 192 ? 11.014  -12.557 -10.542 1.000 71.029  0 192 SER A O   1 ? 
ATOM   797  C  CB  . SER A 1 192 ? 12.849  -11.027 -12.147 1.000 73.164  0 192 SER A CB  1 ? 
ATOM   798  O  OG  . SER A 1 192 ? 14.021  -11.079 -11.353 1.000 70.660  0 192 SER A OG  1 ? 
ATOM   799  N  N   . MET A 1 193 ? 11.012  -10.855 -9.056  1.000 70.477  0 193 MET A N   1 ? 
ATOM   800  C  CA  . MET A 1 193 ? 10.508  -11.636 -7.937  1.000 68.056  0 193 MET A CA  1 ? 
ATOM   801  C  C   . MET A 1 193 ? 8.983   -11.722 -8.032  1.000 67.630  0 193 MET A C   1 ? 
ATOM   802  O  O   . MET A 1 193 ? 8.327   -10.772 -8.455  1.000 68.451  0 193 MET A O   1 ? 
ATOM   803  C  CB  . MET A 1 193 ? 10.932  -10.969 -6.624  1.000 68.954  0 193 MET A CB  1 ? 
ATOM   804  C  CG  . MET A 1 193 ? 10.466  -11.675 -5.359  1.000 65.888  0 193 MET A CG  1 ? 
ATOM   805  S  SD  . MET A 1 193 ? 11.213  -10.977 -3.843  1.000 68.240  0 193 MET A SD  1 ? 
ATOM   806  C  CE  . MET A 1 193 ? 12.963  -10.945 -4.236  1.000 64.863  0 193 MET A CE  1 ? 
ATOM   807  N  N   . ALA A 1 194 ? 8.421   -12.876 -7.655  1.000 67.270  0 194 ALA A N   1 ? 
ATOM   808  C  CA  . ALA A 1 194 ? 6.973   -13.037 -7.603  1.000 68.643  0 194 ALA A CA  1 ? 
ATOM   809  C  C   . ALA A 1 194 ? 6.387   -11.980 -6.665  1.000 69.914  0 194 ALA A C   1 ? 
ATOM   810  O  O   . ALA A 1 194 ? 7.007   -11.626 -5.664  1.000 69.967  0 194 ALA A O   1 ? 
ATOM   811  C  CB  . ALA A 1 194 ? 6.618   -14.441 -7.166  1.000 63.999  0 194 ALA A CB  1 ? 
ATOM   812  N  N   . VAL A 1 195 ? 5.193   -11.477 -7.000  1.000 70.946  0 195 VAL A N   1 ? 
ATOM   813  C  CA  . VAL A 1 195 ? 4.618   -10.316 -6.333  1.000 71.443  0 195 VAL A CA  1 ? 
ATOM   814  C  C   . VAL A 1 195 ? 4.298   -10.656 -4.877  1.000 72.293  0 195 VAL A C   1 ? 
ATOM   815  O  O   . VAL A 1 195 ? 4.582   -9.865  -3.972  1.000 66.146  0 195 VAL A O   1 ? 
ATOM   816  C  CB  . VAL A 1 195 ? 3.364   -9.808  -7.075  1.000 73.566  0 195 VAL A CB  1 ? 
ATOM   817  C  CG1 . VAL A 1 195 ? 2.668   -8.687  -6.315  1.000 76.554  0 195 VAL A CG1 1 ? 
ATOM   818  C  CG2 . VAL A 1 195 ? 3.687   -9.370  -8.495  1.000 74.118  0 195 VAL A CG2 1 ? 
ATOM   819  N  N   . GLY A 1 196 ? 3.695   -11.835 -4.667  1.000 70.433  0 196 GLY A N   1 ? 
ATOM   820  C  CA  . GLY A 1 196 ? 3.324   -12.291 -3.339  1.000 66.568  0 196 GLY A CA  1 ? 
ATOM   821  C  C   . GLY A 1 196 ? 4.515   -12.257 -2.390  1.000 64.655  0 196 GLY A C   1 ? 
ATOM   822  O  O   . GLY A 1 196 ? 4.416   -11.717 -1.291  1.000 66.746  0 196 GLY A O   1 ? 
ATOM   823  N  N   . THR A 1 197 ? 5.639   -12.822 -2.845  1.000 66.911  0 197 THR A N   1 ? 
ATOM   824  C  CA  . THR A 1 197 ? 6.855   -12.903 -2.047  1.000 67.825  0 197 THR A CA  1 ? 
ATOM   825  C  C   . THR A 1 197 ? 7.420   -11.506 -1.804  1.000 64.955  0 197 THR A C   1 ? 
ATOM   826  O  O   . THR A 1 197 ? 7.924   -11.234 -0.719  1.000 69.671  0 197 THR A O   1 ? 
ATOM   827  C  CB  . THR A 1 197 ? 7.912   -13.796 -2.715  1.000 69.002  0 197 THR A CB  1 ? 
ATOM   828  O  OG1 . THR A 1 197 ? 7.314   -15.061 -2.999  1.000 70.776  0 197 THR A OG1 1 ? 
ATOM   829  C  CG2 . THR A 1 197 ? 9.147   -13.998 -1.862  1.000 69.648  0 197 THR A CG2 1 ? 
ATOM   830  N  N   . LEU A 1 198 ? 7.334   -10.635 -2.819  1.000 62.994  0 198 LEU A N   1 ? 
ATOM   831  C  CA  . LEU A 1 198 ? 7.887   -9.291  -2.739  1.000 61.090  0 198 LEU A CA  1 ? 
ATOM   832  C  C   . LEU A 1 198 ? 7.163   -8.490  -1.655  1.000 59.960  0 198 LEU A C   1 ? 
ATOM   833  O  O   . LEU A 1 198 ? 7.805   -7.846  -0.830  1.000 59.839  0 198 LEU A O   1 ? 
ATOM   834  C  CB  . LEU A 1 198 ? 7.768   -8.626  -4.116  1.000 61.188  0 198 LEU A CB  1 ? 
ATOM   835  C  CG  . LEU A 1 198 ? 8.284   -7.192  -4.215  1.000 60.441  0 198 LEU A CG  1 ? 
ATOM   836  C  CD1 . LEU A 1 198 ? 9.694   -7.074  -3.652  1.000 59.916  0 198 LEU A CD1 1 ? 
ATOM   837  C  CD2 . LEU A 1 198 ? 8.242   -6.712  -5.657  1.000 61.458  0 198 LEU A CD2 1 ? 
ATOM   838  N  N   . CYS A 1 199 ? 5.826   -8.554  -1.656  1.000 60.337  0 199 CYS A N   1 ? 
ATOM   839  C  CA  . CYS A 1 199 ? 5.014   -7.904  -0.636  1.000 61.234  0 199 CYS A CA  1 ? 
ATOM   840  C  C   . CYS A 1 199 ? 5.369   -8.431  0.756   1.000 59.882  0 199 CYS A C   1 ? 
ATOM   841  O  O   . CYS A 1 199 ? 5.566   -7.654  1.689   1.000 54.849  0 199 CYS A O   1 ? 
ATOM   842  C  CB  . CYS A 1 199 ? 3.531   -8.119  -0.905  1.000 59.383  0 199 CYS A CB  1 ? 
ATOM   843  S  SG  . CYS A 1 199 ? 2.988   -7.458  -2.500  1.000 60.261  0 199 CYS A SG  1 ? 
ATOM   844  N  N   . GLN A 1 200 ? 5.453   -9.759  0.882   1.000 60.971  0 200 GLN A N   1 ? 
ATOM   845  C  CA  . GLN A 1 200 ? 5.813   -10.393 2.138   1.000 64.450  0 200 GLN A CA  1 ? 
ATOM   846  C  C   . GLN A 1 200 ? 7.114   -9.808  2.686   1.000 62.797  0 200 GLN A C   1 ? 
ATOM   847  O  O   . GLN A 1 200 ? 7.207   -9.518  3.874   1.000 60.829  0 200 GLN A O   1 ? 
ATOM   848  C  CB  . GLN A 1 200 ? 5.941   -11.903 1.944   1.000 70.582  0 200 GLN A CB  1 ? 
ATOM   849  C  CG  . GLN A 1 200 ? 6.625   -12.610 3.108   1.000 76.037  0 200 GLN A CG  1 ? 
ATOM   850  C  CD  . GLN A 1 200 ? 6.658   -14.102 2.907   1.000 80.460  0 200 GLN A CD  1 ? 
ATOM   851  O  OE1 . GLN A 1 200 ? 6.529   -14.605 1.790   1.000 77.418  0 200 GLN A OE1 1 ? 
ATOM   852  N  NE2 . GLN A 1 200 ? 6.835   -14.820 4.003   1.000 81.117  0 200 GLN A NE2 1 ? 
ATOM   853  N  N   . LYS A 1 201 ? 8.126   -9.656  1.828   1.000 63.334  0 201 LYS A N   1 ? 
ATOM   854  C  CA  . LYS A 1 201 ? 9.433   -9.208  2.283   1.000 66.451  0 201 LYS A CA  1 ? 
ATOM   855  C  C   . LYS A 1 201 ? 9.368   -7.743  2.703   1.000 65.252  0 201 LYS A C   1 ? 
ATOM   856  O  O   . LYS A 1 201 ? 9.997   -7.356  3.686   1.000 66.165  0 201 LYS A O   1 ? 
ATOM   857  C  CB  . LYS A 1 201 ? 10.495  -9.404  1.195   1.000 70.201  0 201 LYS A CB  1 ? 
ATOM   858  C  CG  . LYS A 1 201 ? 10.638  -10.832 0.689   1.000 72.356  0 201 LYS A CG  1 ? 
ATOM   859  C  CD  . LYS A 1 201 ? 12.039  -11.206 0.261   1.000 76.254  0 201 LYS A CD  1 ? 
ATOM   860  C  CE  . LYS A 1 201 ? 12.133  -12.664 -0.137  1.000 78.485  0 201 LYS A CE  1 ? 
ATOM   861  N  NZ  . LYS A 1 201 ? 13.515  -13.171 -0.005  1.000 81.794  0 201 LYS A NZ  1 ? 
ATOM   862  N  N   . VAL A 1 202 ? 8.605   -6.943  1.944   1.000 66.112  0 202 VAL A N   1 ? 
ATOM   863  C  CA  . VAL A 1 202 ? 8.490   -5.515  2.194   1.000 63.164  0 202 VAL A CA  1 ? 
ATOM   864  C  C   . VAL A 1 202 ? 7.730   -5.281  3.496   1.000 60.750  0 202 VAL A C   1 ? 
ATOM   865  O  O   . VAL A 1 202 ? 8.095   -4.395  4.260   1.000 61.900  0 202 VAL A O   1 ? 
ATOM   866  C  CB  . VAL A 1 202 ? 7.807   -4.779  1.023   1.000 62.959  0 202 VAL A CB  1 ? 
ATOM   867  C  CG1 . VAL A 1 202 ? 7.468   -3.336  1.375   1.000 62.325  0 202 VAL A CG1 1 ? 
ATOM   868  C  CG2 . VAL A 1 202 ? 8.652   -4.832  -0.236  1.000 62.097  0 202 VAL A CG2 1 ? 
ATOM   869  N  N   . GLN A 1 203 ? 6.671   -6.068  3.723   1.000 59.071  0 203 GLN A N   1 ? 
ATOM   870  C  CA  . GLN A 1 203 ? 5.795   -5.872  4.865   1.000 58.735  0 203 GLN A CA  1 ? 
ATOM   871  C  C   . GLN A 1 203 ? 6.342   -6.567  6.108   1.000 57.782  0 203 GLN A C   1 ? 
ATOM   872  O  O   . GLN A 1 203 ? 5.931   -6.230  7.210   1.000 64.209  0 203 GLN A O   1 ? 
ATOM   873  C  CB  . GLN A 1 203 ? 4.391   -6.390  4.552   1.000 56.753  0 203 GLN A CB  1 ? 
ATOM   874  C  CG  . GLN A 1 203 ? 3.689   -5.616  3.444   1.000 58.899  0 203 GLN A CG  1 ? 
ATOM   875  C  CD  . GLN A 1 203 ? 3.467   -4.160  3.780   1.000 58.644  0 203 GLN A CD  1 ? 
ATOM   876  O  OE1 . GLN A 1 203 ? 4.147   -3.281  3.258   1.000 58.980  0 203 GLN A OE1 1 ? 
ATOM   877  N  NE2 . GLN A 1 203 ? 2.500   -3.888  4.644   1.000 57.099  0 203 GLN A NE2 1 ? 
ATOM   878  N  N   . GLY A 1 204 ? 7.252   -7.533  5.937   1.000 61.775  0 204 GLY A N   1 ? 
ATOM   879  C  CA  . GLY A 1 204 ? 7.659   -8.412  7.025   1.000 62.783  0 204 GLY A CA  1 ? 
ATOM   880  C  C   . GLY A 1 204 ? 6.548   -9.386  7.422   1.000 61.758  0 204 GLY A C   1 ? 
ATOM   881  O  O   . GLY A 1 204 ? 6.496   -9.841  8.555   1.000 59.415  0 204 GLY A O   1 ? 
ATOM   882  N  N   . SER A 1 205 ? 5.650   -9.696  6.479   1.000 68.169  0 205 SER A N   1 ? 
ATOM   883  C  CA  . SER A 1 205 ? 4.548   -10.613 6.715   1.000 68.142  0 205 SER A CA  1 ? 
ATOM   884  C  C   . SER A 1 205 ? 5.080   -12.042 6.794   1.000 70.246  0 205 SER A C   1 ? 
ATOM   885  O  O   . SER A 1 205 ? 6.222   -12.308 6.422   1.000 73.667  0 205 SER A O   1 ? 
ATOM   886  C  CB  . SER A 1 205 ? 3.505   -10.469 5.639   1.000 70.418  0 205 SER A CB  1 ? 
ATOM   887  O  OG  . SER A 1 205 ? 2.656   -11.608 5.582   1.000 81.170  0 205 SER A OG  1 ? 
ATOM   888  N  N   . ALA A 1 206 ? 4.232   -12.956 7.276   1.000 70.957  0 206 ALA A N   1 ? 
ATOM   889  C  CA  . ALA A 1 206 ? 4.629   -14.337 7.492   1.000 72.972  0 206 ALA A CA  1 ? 
ATOM   890  C  C   . ALA A 1 206 ? 4.197   -15.229 6.323   1.000 73.872  0 206 ALA A C   1 ? 
ATOM   891  O  O   . ALA A 1 206 ? 4.733   -16.322 6.163   1.000 74.011  0 206 ALA A O   1 ? 
ATOM   892  C  CB  . ALA A 1 206 ? 4.066   -14.821 8.807   1.000 75.557  0 206 ALA A CB  1 ? 
ATOM   893  N  N   . TYR A 1 207 ? 3.241   -14.773 5.502   1.000 72.274  0 207 TYR A N   1 ? 
ATOM   894  C  CA  . TYR A 1 207 ? 2.740   -15.582 4.400   1.000 74.062  0 207 TYR A CA  1 ? 
ATOM   895  C  C   . TYR A 1 207 ? 2.559   -14.724 3.153   1.000 80.090  0 207 TYR A C   1 ? 
ATOM   896  O  O   . TYR A 1 207 ? 1.929   -13.668 3.215   1.000 91.806  0 207 TYR A O   1 ? 
ATOM   897  C  CB  . TYR A 1 207 ? 1.389   -16.215 4.737   1.000 75.914  0 207 TYR A CB  1 ? 
ATOM   898  C  CG  . TYR A 1 207 ? 1.383   -17.152 5.918   1.000 79.908  0 207 TYR A CG  1 ? 
ATOM   899  C  CD1 . TYR A 1 207 ? 1.825   -18.463 5.813   1.000 83.489  0 207 TYR A CD1 1 ? 
ATOM   900  C  CD2 . TYR A 1 207 ? 0.929   -16.724 7.153   1.000 78.581  0 207 TYR A CD2 1 ? 
ATOM   901  C  CE1 . TYR A 1 207 ? 1.807   -19.322 6.901   1.000 80.704  0 207 TYR A CE1 1 ? 
ATOM   902  C  CE2 . TYR A 1 207 ? 0.912   -17.566 8.254   1.000 80.565  0 207 TYR A CE2 1 ? 
ATOM   903  C  CZ  . TYR A 1 207 ? 1.351   -18.871 8.128   1.000 78.011  0 207 TYR A CZ  1 ? 
ATOM   904  O  OH  . TYR A 1 207 ? 1.317   -19.681 9.233   1.000 70.965  0 207 TYR A OH  1 ? 
ATOM   905  N  N   . PRO A 1 208 ? 3.079   -15.168 1.986   1.000 79.689  0 208 PRO A N   1 ? 
ATOM   906  C  CA  . PRO A 1 208 ? 2.823   -14.484 0.716   1.000 80.073  0 208 PRO A CA  1 ? 
ATOM   907  C  C   . PRO A 1 208 ? 1.480   -14.786 0.051   1.000 83.715  0 208 PRO A C   1 ? 
ATOM   908  O  O   . PRO A 1 208 ? 1.064   -14.058 -0.844  1.000 84.408  0 208 PRO A O   1 ? 
ATOM   909  C  CB  . PRO A 1 208 ? 3.969   -14.978 -0.178  1.000 81.125  0 208 PRO A CB  1 ? 
ATOM   910  C  CG  . PRO A 1 208 ? 4.339   -16.345 0.372   1.000 81.979  0 208 PRO A CG  1 ? 
ATOM   911  C  CD  . PRO A 1 208 ? 3.970   -16.329 1.840   1.000 78.979  0 208 PRO A CD  1 ? 
ATOM   912  N  N   . ASP A 1 209 ? 0.791   -15.838 0.513   1.000 91.810  0 209 ASP A N   1 ? 
ATOM   913  C  CA  . ASP A 1 209 ? -0.385  -16.375 -0.163  1.000 94.085  0 209 ASP A CA  1 ? 
ATOM   914  C  C   . ASP A 1 209 ? -1.496  -15.328 -0.228  1.000 87.496  0 209 ASP A C   1 ? 
ATOM   915  O  O   . ASP A 1 209 ? -2.317  -15.348 -1.144  1.000 85.035  0 209 ASP A O   1 ? 
ATOM   916  C  CB  . ASP A 1 209 ? -0.953  -17.608 0.555   1.000 99.507  0 209 ASP A CB  1 ? 
ATOM   917  C  CG  . ASP A 1 209 ? 0.064   -18.458 1.302   1.000 101.455 0 209 ASP A CG  1 ? 
ATOM   918  O  OD1 . ASP A 1 209 ? 1.268   -18.329 1.018   1.000 108.270 0 209 ASP A OD1 1 ? 
ATOM   919  O  OD2 . ASP A 1 209 ? -0.355  -19.213 2.199   1.000 105.938 0 209 ASP A OD2 1 ? 
ATOM   920  N  N   . ARG A 1 210 ? -1.526  -14.441 0.777   1.000 84.590  0 210 ARG A N   1 ? 
ATOM   921  C  CA  . ARG A 1 210 ? -2.604  -13.480 0.959   1.000 80.722  0 210 ARG A CA  1 ? 
ATOM   922  C  C   . ARG A 1 210 ? -2.506  -12.421 -0.133  1.000 78.124  0 210 ARG A C   1 ? 
ATOM   923  O  O   . ARG A 1 210 ? -3.509  -12.037 -0.731  1.000 75.867  0 210 ARG A O   1 ? 
ATOM   924  C  CB  . ARG A 1 210 ? -2.507  -12.776 2.318   1.000 81.232  0 210 ARG A CB  1 ? 
ATOM   925  C  CG  . ARG A 1 210 ? -2.022  -13.635 3.480   1.000 82.679  0 210 ARG A CG  1 ? 
ATOM   926  C  CD  . ARG A 1 210 ? -1.368  -12.763 4.533   1.000 85.343  0 210 ARG A CD  1 ? 
ATOM   927  N  NE  . ARG A 1 210 ? -2.296  -11.748 5.027   1.000 86.414  0 210 ARG A NE  1 ? 
ATOM   928  C  CZ  . ARG A 1 210 ? -1.941  -10.645 5.680   1.000 86.066  0 210 ARG A CZ  1 ? 
ATOM   929  N  NH1 . ARG A 1 210 ? -0.663  -10.381 5.899   1.000 78.276  0 210 ARG A NH1 1 ? 
ATOM   930  N  NH2 . ARG A 1 210 ? -2.871  -9.808  6.111   1.000 86.932  0 210 ARG A NH2 1 ? 
ATOM   931  N  N   . TYR A 1 211 ? -1.265  -11.967 -0.358  1.000 76.649  0 211 TYR A N   1 ? 
ATOM   932  C  CA  . TYR A 1 211 ? -0.936  -10.950 -1.344  1.000 72.594  0 211 TYR A CA  1 ? 
ATOM   933  C  C   . TYR A 1 211 ? -1.068  -11.509 -2.759  1.000 75.208  0 211 TYR A C   1 ? 
ATOM   934  O  O   . TYR A 1 211 ? -1.551  -10.815 -3.651  1.000 74.317  0 211 TYR A O   1 ? 
ATOM   935  C  CB  . TYR A 1 211 ? 0.489   -10.446 -1.114  1.000 71.079  0 211 TYR A CB  1 ? 
ATOM   936  C  CG  . TYR A 1 211 ? 0.766   -9.889  0.260   1.000 68.914  0 211 TYR A CG  1 ? 
ATOM   937  C  CD1 . TYR A 1 211 ? 0.209   -8.689  0.668   1.000 65.676  0 211 TYR A CD1 1 ? 
ATOM   938  C  CD2 . TYR A 1 211 ? 1.595   -10.551 1.154   1.000 67.319  0 211 TYR A CD2 1 ? 
ATOM   939  C  CE1 . TYR A 1 211 ? 0.465   -8.157  1.920   1.000 63.990  0 211 TYR A CE1 1 ? 
ATOM   940  C  CE2 . TYR A 1 211 ? 1.860   -10.034 2.413   1.000 67.231  0 211 TYR A CE2 1 ? 
ATOM   941  C  CZ  . TYR A 1 211 ? 1.295   -8.829  2.796   1.000 64.454  0 211 TYR A CZ  1 ? 
ATOM   942  O  OH  . TYR A 1 211 ? 1.536   -8.282  4.031   1.000 62.844  0 211 TYR A OH  1 ? 
ATOM   943  N  N   . ALA A 1 212 ? -0.617  -12.758 -2.958  1.000 75.954  0 212 ALA A N   1 ? 
ATOM   944  C  CA  . ALA A 1 212 ? -0.685  -13.424 -4.250  1.000 73.525  0 212 ALA A CA  1 ? 
ATOM   945  C  C   . ALA A 1 212 ? -2.139  -13.567 -4.702  1.000 75.417  0 212 ALA A C   1 ? 
ATOM   946  O  O   . ALA A 1 212 ? -2.434  -13.420 -5.887  1.000 72.069  0 212 ALA A O   1 ? 
ATOM   947  C  CB  . ALA A 1 212 ? 0.010   -14.765 -4.181  1.000 72.218  0 212 ALA A CB  1 ? 
ATOM   948  N  N   . LYS A 1 213 ? -3.050  -13.810 -3.748  1.000 76.546  0 213 LYS A N   1 ? 
ATOM   949  C  CA  . LYS A 1 213 ? -4.453  -14.039 -4.070  1.000 76.870  0 213 LYS A CA  1 ? 
ATOM   950  C  C   . LYS A 1 213 ? -5.089  -12.750 -4.598  1.000 77.259  0 213 LYS A C   1 ? 
ATOM   951  O  O   . LYS A 1 213 ? -6.217  -12.789 -5.076  1.000 81.851  0 213 LYS A O   1 ? 
ATOM   952  C  CB  . LYS A 1 213 ? -5.204  -14.612 -2.855  1.000 77.734  0 213 LYS A CB  1 ? 
ATOM   953  C  CG  . LYS A 1 213 ? -5.170  -16.137 -2.709  1.000 78.798  0 213 LYS A CG  1 ? 
ATOM   954  C  CD  . LYS A 1 213 ? -5.214  -16.669 -1.275  1.000 73.552  0 213 LYS A CD  1 ? 
ATOM   955  N  N   . ARG A 1 214 ? -4.363  -11.618 -4.554  1.000 76.933  0 214 ARG A N   1 ? 
ATOM   956  C  CA  . ARG A 1 214 ? -4.926  -10.315 -4.891  1.000 73.636  0 214 ARG A CA  1 ? 
ATOM   957  C  C   . ARG A 1 214 ? -4.267  -9.675  -6.118  1.000 72.459  0 214 ARG A C   1 ? 
ATOM   958  O  O   . ARG A 1 214 ? -4.591  -8.537  -6.459  1.000 67.898  0 214 ARG A O   1 ? 
ATOM   959  C  CB  . ARG A 1 214 ? -4.771  -9.360  -3.700  1.000 73.446  0 214 ARG A CB  1 ? 
ATOM   960  C  CG  . ARG A 1 214 ? -5.578  -9.742  -2.467  1.000 69.927  0 214 ARG A CG  1 ? 
ATOM   961  C  CD  . ARG A 1 214 ? -7.060  -9.866  -2.766  1.000 68.052  0 214 ARG A CD  1 ? 
ATOM   962  N  NE  . ARG A 1 214 ? -7.843  -9.103  -1.811  1.000 68.245  0 214 ARG A NE  1 ? 
ATOM   963  C  CZ  . ARG A 1 214 ? -8.702  -8.151  -2.141  1.000 69.224  0 214 ARG A CZ  1 ? 
ATOM   964  N  NH1 . ARG A 1 214 ? -9.047  -7.975  -3.404  1.000 65.811  0 214 ARG A NH1 1 ? 
ATOM   965  N  NH2 . ARG A 1 214 ? -9.237  -7.393  -1.202  1.000 74.947  0 214 ARG A NH2 1 ? 
ATOM   966  N  N   . VAL A 1 215 ? -3.370  -10.405 -6.796  1.000 74.380  0 215 VAL A N   1 ? 
ATOM   967  C  CA  . VAL A 1 215 ? -2.552  -9.830  -7.856  1.000 74.994  0 215 VAL A CA  1 ? 
ATOM   968  C  C   . VAL A 1 215 ? -3.394  -9.587  -9.108  1.000 77.025  0 215 VAL A C   1 ? 
ATOM   969  O  O   . VAL A 1 215 ? -3.232  -8.563  -9.765  1.000 76.446  0 215 VAL A O   1 ? 
ATOM   970  C  CB  . VAL A 1 215 ? -1.336  -10.721 -8.169  1.000 76.312  0 215 VAL A CB  1 ? 
ATOM   971  C  CG1 . VAL A 1 215 ? -0.571  -10.233 -9.392  1.000 77.494  0 215 VAL A CG1 1 ? 
ATOM   972  C  CG2 . VAL A 1 215 ? -0.408  -10.837 -6.972  1.000 75.320  0 215 VAL A CG2 1 ? 
ATOM   973  N  N   . SER A 1 216 ? -4.270  -10.543 -9.442  1.000 82.130  0 216 SER A N   1 ? 
ATOM   974  C  CA  . SER A 1 216 ? -5.135  -10.429 -10.605 1.000 85.023  0 216 SER A CA  1 ? 
ATOM   975  C  C   . SER A 1 216 ? -5.869  -9.090  -10.582 1.000 83.378  0 216 SER A C   1 ? 
ATOM   976  O  O   . SER A 1 216 ? -5.945  -8.409  -11.601 1.000 85.352  0 216 SER A O   1 ? 
ATOM   977  C  CB  . SER A 1 216 ? -6.096  -11.595 -10.684 1.000 88.665  0 216 SER A CB  1 ? 
ATOM   978  O  OG  . SER A 1 216 ? -7.051  -11.409 -11.722 1.000 96.332  0 216 SER A OG  1 ? 
ATOM   979  N  N   . GLU A 1 217 ? -6.386  -8.709  -9.407  1.000 82.202  0 217 GLU A N   1 ? 
ATOM   980  C  CA  . GLU A 1 217 ? -7.115  -7.458  -9.262  1.000 81.311  0 217 GLU A CA  1 ? 
ATOM   981  C  C   . GLU A 1 217 ? -6.153  -6.278  -9.333  1.000 78.785  0 217 GLU A C   1 ? 
ATOM   982  O  O   . GLU A 1 217 ? -6.489  -5.245  -9.906  1.000 85.782  0 217 GLU A O   1 ? 
ATOM   983  C  CB  . GLU A 1 217 ? -7.859  -7.414  -7.930  1.000 83.881  0 217 GLU A CB  1 ? 
ATOM   984  C  CG  . GLU A 1 217 ? -8.857  -8.538  -7.755  1.000 84.436  0 217 GLU A CG  1 ? 
ATOM   985  C  CD  . GLU A 1 217 ? -9.271  -8.730  -6.309  1.000 83.608  0 217 GLU A CD  1 ? 
ATOM   986  O  OE1 . GLU A 1 217 ? -8.784  -9.694  -5.677  1.000 78.020  0 217 GLU A OE1 1 ? 
ATOM   987  O  OE2 . GLU A 1 217 ? -10.071 -7.904  -5.819  1.000 80.352  0 217 GLU A OE2 1 ? 
ATOM   988  N  N   . ALA A 1 218 ? -4.967  -6.436  -8.734  1.000 75.516  0 218 ALA A N   1 ? 
ATOM   989  C  CA  . ALA A 1 218 ? -3.963  -5.382  -8.703  1.000 71.892  0 218 ALA A CA  1 ? 
ATOM   990  C  C   . ALA A 1 218 ? -3.516  -5.025  -10.121 1.000 70.163  0 218 ALA A C   1 ? 
ATOM   991  O  O   . ALA A 1 218 ? -3.260  -3.861  -10.416 1.000 69.992  0 218 ALA A O   1 ? 
ATOM   992  C  CB  . ALA A 1 218 ? -2.798  -5.812  -7.846  1.000 67.907  0 218 ALA A CB  1 ? 
ATOM   993  N  N   . THR A 1 219 ? -3.409  -6.039  -10.987 1.000 71.820  0 219 THR A N   1 ? 
ATOM   994  C  CA  . THR A 1 219 ? -3.024  -5.828  -12.374 1.000 75.424  0 219 THR A CA  1 ? 
ATOM   995  C  C   . THR A 1 219 ? -4.112  -5.015  -13.074 1.000 74.992  0 219 THR A C   1 ? 
ATOM   996  O  O   . THR A 1 219 ? -3.816  -3.992  -13.695 1.000 71.294  0 219 THR A O   1 ? 
ATOM   997  C  CB  . THR A 1 219 ? -2.765  -7.162  -13.092 1.000 76.673  0 219 THR A CB  1 ? 
ATOM   998  O  OG1 . THR A 1 219 ? -2.066  -8.048  -12.218 1.000 79.947  0 219 THR A OG1 1 ? 
ATOM   999  C  CG2 . THR A 1 219 ? -1.966  -6.999  -14.365 1.000 75.188  0 219 THR A CG2 1 ? 
ATOM   1000 N  N   . LYS A 1 220 ? -5.365  -5.485  -12.948 1.000 75.600  0 220 LYS A N   1 ? 
ATOM   1001 C  CA  . LYS A 1 220 ? -6.521  -4.846  -13.561 1.000 75.507  0 220 LYS A CA  1 ? 
ATOM   1002 C  C   . LYS A 1 220 ? -6.534  -3.375  -13.155 1.000 72.468  0 220 LYS A C   1 ? 
ATOM   1003 O  O   . LYS A 1 220 ? -6.783  -2.503  -13.986 1.000 78.133  0 220 LYS A O   1 ? 
ATOM   1004 C  CB  . LYS A 1 220 ? -7.828  -5.554  -13.163 1.000 79.528  0 220 LYS A CB  1 ? 
ATOM   1005 C  CG  . LYS A 1 220 ? -8.100  -6.903  -13.833 1.000 83.992  0 220 LYS A CG  1 ? 
ATOM   1006 C  CD  . LYS A 1 220 ? -9.365  -7.615  -13.340 1.000 87.011  0 220 LYS A CD  1 ? 
ATOM   1007 C  CE  . LYS A 1 220 ? -9.500  -9.049  -13.817 1.000 80.738  0 220 LYS A CE  1 ? 
ATOM   1008 N  N   . ILE A 1 221 ? -6.228  -3.113  -11.876 1.000 68.108  0 221 ILE A N   1 ? 
ATOM   1009 C  CA  . ILE A 1 221 ? -6.327  -1.779  -11.300 1.000 66.996  0 221 ILE A CA  1 ? 
ATOM   1010 C  C   . ILE A 1 221 ? -5.154  -0.925  -11.775 1.000 66.421  0 221 ILE A C   1 ? 
ATOM   1011 O  O   . ILE A 1 221 ? -5.334  0.254   -12.069 1.000 68.847  0 221 ILE A O   1 ? 
ATOM   1012 C  CB  . ILE A 1 221 ? -6.401  -1.849  -9.759  1.000 68.378  0 221 ILE A CB  1 ? 
ATOM   1013 C  CG1 . ILE A 1 221 ? -7.717  -2.479  -9.286  1.000 68.618  0 221 ILE A CG1 1 ? 
ATOM   1014 C  CG2 . ILE A 1 221 ? -6.191  -0.474  -9.138  1.000 68.487  0 221 ILE A CG2 1 ? 
ATOM   1015 C  CD1 . ILE A 1 221 ? -7.666  -3.061  -7.893  1.000 65.319  0 221 ILE A CD1 1 ? 
ATOM   1016 N  N   . CYS A 1 222 ? -3.955  -1.519  -11.817 1.000 66.950  0 222 CYS A N   1 ? 
ATOM   1017 C  CA  . CYS A 1 222 ? -2.774  -0.812  -12.287 1.000 69.766  0 222 CYS A CA  1 ? 
ATOM   1018 C  C   . CYS A 1 222 ? -2.943  -0.438  -13.756 1.000 67.567  0 222 CYS A C   1 ? 
ATOM   1019 O  O   . CYS A 1 222 ? -2.688  0.705   -14.122 1.000 66.121  0 222 CYS A O   1 ? 
ATOM   1020 C  CB  . CYS A 1 222 ? -1.502  -1.628  -12.089 1.000 75.070  0 222 CYS A CB  1 ? 
ATOM   1021 S  SG  . CYS A 1 222 ? -0.939  -1.682  -10.366 1.000 81.461  0 222 CYS A SG  1 ? 
ATOM   1022 N  N   . GLN A 1 223 ? -3.401  -1.395  -14.575 1.000 68.097  0 223 GLN A N   1 ? 
ATOM   1023 C  CA  . GLN A 1 223 ? -3.621  -1.151  -15.994 1.000 72.619  0 223 GLN A CA  1 ? 
ATOM   1024 C  C   . GLN A 1 223 ? -4.597  0.008   -16.198 1.000 71.245  0 223 GLN A C   1 ? 
ATOM   1025 O  O   . GLN A 1 223 ? -4.316  0.926   -16.966 1.000 68.831  0 223 GLN A O   1 ? 
ATOM   1026 C  CB  . GLN A 1 223 ? -4.162  -2.391  -16.705 1.000 80.113  0 223 GLN A CB  1 ? 
ATOM   1027 C  CG  . GLN A 1 223 ? -4.600  -2.082  -18.132 1.000 87.127  0 223 GLN A CG  1 ? 
ATOM   1028 C  CD  . GLN A 1 223 ? -4.734  -3.304  -19.005 1.000 93.242  0 223 GLN A CD  1 ? 
ATOM   1029 O  OE1 . GLN A 1 223 ? -4.560  -4.438  -18.560 1.000 95.870  0 223 GLN A OE1 1 ? 
ATOM   1030 N  NE2 . GLN A 1 223 ? -5.043  -3.070  -20.270 1.000 96.458  0 223 GLN A NE2 1 ? 
ATOM   1031 N  N   . ALA A 1 224 ? -5.743  -0.054  -15.512 1.000 70.538  0 224 ALA A N   1 ? 
ATOM   1032 C  CA  . ALA A 1 224 ? -6.771  0.968   -15.614 1.000 66.321  0 224 ALA A CA  1 ? 
ATOM   1033 C  C   . ALA A 1 224 ? -6.234  2.340   -15.193 1.000 68.121  0 224 ALA A C   1 ? 
ATOM   1034 O  O   . ALA A 1 224 ? -6.726  3.363   -15.657 1.000 68.687  0 224 ALA A O   1 ? 
ATOM   1035 C  CB  . ALA A 1 224 ? -7.972  0.562   -14.794 1.000 64.582  0 224 ALA A CB  1 ? 
ATOM   1036 N  N   . GLY A 1 225 ? -5.226  2.372   -14.315 1.000 72.814  0 225 GLY A N   1 ? 
ATOM   1037 C  CA  . GLY A 1 225 ? -4.660  3.631   -13.850 1.000 72.175  0 225 GLY A CA  1 ? 
ATOM   1038 C  C   . GLY A 1 225 ? -3.557  4.172   -14.760 1.000 71.440  0 225 GLY A C   1 ? 
ATOM   1039 O  O   . GLY A 1 225 ? -3.058  5.269   -14.528 1.000 67.206  0 225 GLY A O   1 ? 
ATOM   1040 N  N   . GLY A 1 226 ? -3.158  3.389   -15.770 1.000 76.183  0 226 GLY A N   1 ? 
ATOM   1041 C  CA  . GLY A 1 226 ? -2.187  3.835   -16.757 1.000 76.746  0 226 GLY A CA  1 ? 
ATOM   1042 C  C   . GLY A 1 226 ? -0.833  3.133   -16.643 1.000 78.817  0 226 GLY A C   1 ? 
ATOM   1043 O  O   . GLY A 1 226 ? 0.100   3.521   -17.344 1.000 82.101  0 226 GLY A O   1 ? 
ATOM   1044 N  N   . LEU A 1 227 ? -0.721  2.125   -15.759 1.000 76.940  0 227 LEU A N   1 ? 
ATOM   1045 C  CA  . LEU A 1 227 ? 0.455   1.262   -15.689 1.000 79.095  0 227 LEU A CA  1 ? 
ATOM   1046 C  C   . LEU A 1 227 ? 0.059   -0.168  -16.077 1.000 79.868  0 227 LEU A C   1 ? 
ATOM   1047 O  O   . LEU A 1 227 ? 0.108   -1.036  -15.180 1.000 83.283  0 227 LEU A O   1 ? 
ATOM   1048 C  CB  . LEU A 1 227 ? 1.066   1.283   -14.280 1.000 80.361  0 227 LEU A CB  1 ? 
ATOM   1049 C  CG  . LEU A 1 227 ? 2.075   2.392   -13.971 1.000 83.964  0 227 LEU A CG  1 ? 
ATOM   1050 C  CD1 . LEU A 1 227 ? 2.680   2.188   -12.587 1.000 82.896  0 227 LEU A CD1 1 ? 
ATOM   1051 C  CD2 . LEU A 1 227 ? 3.180   2.461   -15.020 1.000 86.284  0 227 LEU A CD2 1 ? 
ATOM   1052 O  OXT . LEU A 1 227 ? -0.271  -0.369  -17.265 1.000 85.046  0 227 LEU A OXT 1 ? 
HETATM 1053 C  C1  . EDO B 2 .   ? 5.557   -1.593  5.358   1.000 78.186  0 301 EDO A C1  1 ? 
HETATM 1054 O  O1  . EDO B 2 .   ? 6.724   -1.400  6.126   1.000 75.091  0 301 EDO A O1  1 ? 
HETATM 1055 C  C2  . EDO B 2 .   ? 5.671   -1.058  3.974   1.000 74.149  0 301 EDO A C2  1 ? 
HETATM 1056 O  O2  . EDO B 2 .   ? 6.628   -0.032  3.859   1.000 78.912  0 301 EDO A O2  1 ? 
HETATM 1057 ZN ZN  . ZN  C 3 .   ? 4.325   -8.431  -12.326 1.000 83.230  0 302 ZN  A ZN  1 ? 
HETATM 1058 ZN ZN  . ZN  D 3 .   ? 3.268   -8.350  17.185  0.330 97.549  0 303 ZN  A ZN  1 ? 
HETATM 1059 O  O   . HOH E 4 .   ? -13.450 7.808   -9.104  1.000 70.189  0 401 HOH A O   1 ? 
HETATM 1060 O  O   . HOH E 4 .   ? -4.630  -12.632 -8.137  1.000 65.157  0 402 HOH A O   1 ? 
HETATM 1061 O  O   . HOH E 4 .   ? -7.790  -2.780  -16.307 1.000 74.484  0 403 HOH A O   1 ? 
HETATM 1062 O  O   . HOH E 4 .   ? -5.533  16.553  9.946   1.000 55.430  0 404 HOH A O   1 ? 
HETATM 1063 O  O   . HOH E 4 .   ? -3.407  -1.682  18.452  1.000 71.627  0 405 HOH A O   1 ? 
HETATM 1064 O  O   . HOH E 4 .   ? 0.575   -8.160  6.936   1.000 66.514  0 406 HOH A O   1 ? 
HETATM 1065 O  O   . HOH E 4 .   ? 5.341   11.509  -2.857  1.000 58.797  0 407 HOH A O   1 ? 
HETATM 1066 O  O   . HOH E 4 .   ? -9.744  9.416   -8.058  1.000 65.150  0 408 HOH A O   1 ? 
HETATM 1067 O  O   . HOH E 4 .   ? -4.596  0.940   11.705  1.000 55.208  0 409 HOH A O   1 ? 
HETATM 1068 O  O   . HOH E 4 .   ? -2.347  1.097   -18.749 1.000 72.355  0 410 HOH A O   1 ? 
HETATM 1069 O  O   . HOH E 4 .   ? -1.689  11.281  -1.293  1.000 61.474  0 411 HOH A O   1 ? 
HETATM 1070 O  O   . HOH E 4 .   ? -1.689  5.651   3.999   1.000 55.341  0 412 HOH A O   1 ? 
HETATM 1071 O  O   . HOH E 4 .   ? 0.787   3.002   5.845   1.000 55.942  0 413 HOH A O   1 ? 
HETATM 1072 O  O   . HOH E 4 .   ? 1.092   10.294  -6.090  1.000 62.831  0 414 HOH A O   1 ? 
HETATM 1073 O  O   . HOH E 4 .   ? -10.310 -5.411  -9.940  1.000 68.966  0 415 HOH A O   1 ? 
HETATM 1074 O  O   . HOH E 4 .   ? 12.659  1.308   -10.510 1.000 53.124  0 416 HOH A O   1 ? 
HETATM 1075 O  O   . HOH E 4 .   ? -6.644  9.825   -1.838  1.000 52.815  0 417 HOH A O   1 ? 
HETATM 1076 O  O   . HOH E 4 .   ? -6.916  -11.053 -7.309  1.000 67.822  0 418 HOH A O   1 ? 
HETATM 1077 O  O   . HOH E 4 .   ? -9.759  10.169  4.007   1.000 50.131  0 419 HOH A O   1 ? 
HETATM 1078 O  O   . HOH E 4 .   ? 1.735   14.125  -0.864  1.000 62.495  0 420 HOH A O   1 ? 
HETATM 1079 O  O   . HOH E 4 .   ? -6.746  6.870   -13.448 1.000 68.979  0 421 HOH A O   1 ? 
HETATM 1080 O  O   . HOH E 4 .   ? -8.091  1.070   17.713  1.000 71.889  0 422 HOH A O   1 ? 
HETATM 1081 O  O   . HOH E 4 .   ? 5.692   -1.524  9.173   1.000 67.140  0 423 HOH A O   1 ? 
HETATM 1082 O  O   . HOH E 4 .   ? 4.548   -7.191  -13.919 1.000 69.758  0 424 HOH A O   1 ? 
HETATM 1083 O  O   . HOH E 4 .   ? 6.576   3.397   -13.288 1.000 64.388  0 425 HOH A O   1 ? 
HETATM 1084 O  O   . HOH E 4 .   ? 3.841   -3.291  7.959   1.000 63.745  0 426 HOH A O   1 ? 
HETATM 1085 O  O   . HOH E 4 .   ? 7.768   7.621   8.706   1.000 65.507  0 427 HOH A O   1 ? 
HETATM 1086 O  O   . HOH E 4 .   ? 10.685  -6.785  7.463   1.000 68.177  0 428 HOH A O   1 ? 
HETATM 1087 O  O   . HOH E 4 .   ? 3.800   -10.387 -12.132 1.000 64.636  0 429 HOH A O   1 ? 
HETATM 1088 O  O   . HOH E 4 .   ? -2.297  8.360   -11.468 1.000 64.056  0 430 HOH A O   1 ? 
HETATM 1089 O  O   . HOH E 4 .   ? 13.922  3.281   -9.661  1.000 68.326  0 431 HOH A O   1 ? 
HETATM 1090 O  O   . HOH E 4 .   ? 7.407   11.268  3.234   1.000 66.630  0 432 HOH A O   1 ? 
HETATM 1091 O  O   . HOH E 4 .   ? -7.111  -3.307  9.147   1.000 60.977  0 433 HOH A O   1 ? 
HETATM 1092 O  O   . HOH E 4 .   ? -13.454 7.139   11.518  1.000 56.033  0 434 HOH A O   1 ? 
HETATM 1093 O  O   . HOH E 4 .   ? 12.690  2.208   8.459   1.000 54.454  0 435 HOH A O   1 ? 
HETATM 1094 O  O   . HOH E 4 .   ? 18.703  -2.019  -9.509  1.000 51.896  0 436 HOH A O   1 ? 
HETATM 1095 O  O   . HOH E 4 .   ? -17.722 7.249   -11.399 1.000 73.095  0 437 HOH A O   1 ? 
HETATM 1096 O  O   . HOH E 4 .   ? 5.145   -9.445  15.732  0.330 53.640  0 438 HOH A O   1 ? 
HETATM 1097 O  O   . HOH E 4 .   ? 10.547  -13.971 3.041   1.000 62.062  0 439 HOH A O   1 ? 
HETATM 1098 O  O   . HOH E 4 .   ? 6.957   -10.502 14.329  0.330 75.638  0 440 HOH A O   1 ? 
# 
